data_5JQZ
# 
_entry.id   5JQZ 
# 
_audit_conform.dict_name       mmcif_pdbx.dic 
_audit_conform.dict_version    5.387 
_audit_conform.dict_location   http://mmcif.pdb.org/dictionaries/ascii/mmcif_pdbx.dic 
# 
loop_
_database_2.database_id 
_database_2.database_code 
_database_2.pdbx_database_accession 
_database_2.pdbx_DOI 
PDB   5JQZ         pdb_00005jqz 10.2210/pdb5jqz/pdb 
WWPDB D_1000221086 ?            ?                   
# 
loop_
_pdbx_audit_revision_history.ordinal 
_pdbx_audit_revision_history.data_content_type 
_pdbx_audit_revision_history.major_revision 
_pdbx_audit_revision_history.minor_revision 
_pdbx_audit_revision_history.revision_date 
1 'Structure model' 1 0 2016-06-29 
2 'Structure model' 1 1 2024-03-06 
# 
_pdbx_audit_revision_details.ordinal             1 
_pdbx_audit_revision_details.revision_ordinal    1 
_pdbx_audit_revision_details.data_content_type   'Structure model' 
_pdbx_audit_revision_details.provider            repository 
_pdbx_audit_revision_details.type                'Initial release' 
_pdbx_audit_revision_details.description         ? 
_pdbx_audit_revision_details.details             ? 
# 
loop_
_pdbx_audit_revision_group.ordinal 
_pdbx_audit_revision_group.revision_ordinal 
_pdbx_audit_revision_group.data_content_type 
_pdbx_audit_revision_group.group 
1 2 'Structure model' 'Data collection'      
2 2 'Structure model' 'Database references'  
3 2 'Structure model' 'Derived calculations' 
# 
loop_
_pdbx_audit_revision_category.ordinal 
_pdbx_audit_revision_category.revision_ordinal 
_pdbx_audit_revision_category.data_content_type 
_pdbx_audit_revision_category.category 
1 2 'Structure model' chem_comp_atom        
2 2 'Structure model' chem_comp_bond        
3 2 'Structure model' citation              
4 2 'Structure model' database_2            
5 2 'Structure model' pdbx_struct_oper_list 
# 
loop_
_pdbx_audit_revision_item.ordinal 
_pdbx_audit_revision_item.revision_ordinal 
_pdbx_audit_revision_item.data_content_type 
_pdbx_audit_revision_item.item 
1 2 'Structure model' '_citation.journal_id_CSD'                  
2 2 'Structure model' '_database_2.pdbx_DOI'                      
3 2 'Structure model' '_database_2.pdbx_database_accession'       
4 2 'Structure model' '_pdbx_struct_oper_list.symmetry_operation' 
# 
_pdbx_database_status.status_code                     REL 
_pdbx_database_status.status_code_sf                  REL 
_pdbx_database_status.status_code_mr                  ? 
_pdbx_database_status.entry_id                        5JQZ 
_pdbx_database_status.recvd_initial_deposition_date   2016-05-05 
_pdbx_database_status.SG_entry                        N 
_pdbx_database_status.deposit_site                    RCSB 
_pdbx_database_status.process_site                    RCSB 
_pdbx_database_status.status_code_cs                  ? 
_pdbx_database_status.methods_development_category    ? 
_pdbx_database_status.pdb_format_compatible           Y 
_pdbx_database_status.status_code_nmr_data            ? 
# 
loop_
_audit_author.name 
_audit_author.pdbx_ordinal 
'Sankaran, B.'   1 
'Zwart, P.H.'    2 
'Pereira, J.H.'  3 
'Baker, D.'      4 
'Oberdorfer, G.' 5 
'Boyken, S.E.'   6 
'Chen, Z.'       7 
# 
_citation.abstract                  ? 
_citation.abstract_id_CAS           ? 
_citation.book_id_ISBN              ? 
_citation.book_publisher            ? 
_citation.book_publisher_city       ? 
_citation.book_title                ? 
_citation.coordinate_linkage        ? 
_citation.country                   US 
_citation.database_id_Medline       ? 
_citation.details                   ? 
_citation.id                        primary 
_citation.journal_abbrev            Science 
_citation.journal_id_ASTM           SCIEAS 
_citation.journal_id_CSD            0038 
_citation.journal_id_ISSN           1095-9203 
_citation.journal_full              ? 
_citation.journal_issue             ? 
_citation.journal_volume            352 
_citation.language                  ? 
_citation.page_first                680 
_citation.page_last                 687 
_citation.title                     
'De novo design of protein homo-oligomers with modular hydrogen-bond network-mediated specificity.' 
_citation.year                      2016 
_citation.database_id_CSD           ? 
_citation.pdbx_database_id_DOI      10.1126/science.aad8865 
_citation.pdbx_database_id_PubMed   27151862 
_citation.unpublished_flag          ? 
# 
loop_
_citation_author.citation_id 
_citation_author.name 
_citation_author.ordinal 
_citation_author.identifier_ORCID 
primary 'Boyken, S.E.'   1  ? 
primary 'Chen, Z.'       2  ? 
primary 'Groves, B.'     3  ? 
primary 'Langan, R.A.'   4  ? 
primary 'Oberdorfer, G.' 5  ? 
primary 'Ford, A.'       6  ? 
primary 'Gilmore, J.M.'  7  ? 
primary 'Xu, C.'         8  ? 
primary 'DiMaio, F.'     9  ? 
primary 'Pereira, J.H.'  10 ? 
primary 'Sankaran, B.'   11 ? 
primary 'Seelig, G.'     12 ? 
primary 'Zwart, P.H.'    13 ? 
primary 'Baker, D.'      14 ? 
# 
_entity.id                         1 
_entity.type                       polymer 
_entity.src_method                 man 
_entity.pdbx_description           'De novo designed homotetramer' 
_entity.formula_weight             9210.558 
_entity.pdbx_number_of_molecules   2 
_entity.pdbx_ec                    ? 
_entity.pdbx_mutation              ? 
_entity.pdbx_fragment              ? 
_entity.details                    ? 
# 
_entity_poly.entity_id                      1 
_entity_poly.type                           'polypeptide(L)' 
_entity_poly.nstd_linkage                   no 
_entity_poly.nstd_monomer                   no 
_entity_poly.pdbx_seq_one_letter_code       GSHMGTAIEANSRMLKALIEIAKAIWKALWANSLLLEATSRGDTERMRQWAEEARKIYKEAEKIIDRADEIVEEAKKRHD 
_entity_poly.pdbx_seq_one_letter_code_can   GSHMGTAIEANSRMLKALIEIAKAIWKALWANSLLLEATSRGDTERMRQWAEEARKIYKEAEKIIDRADEIVEEAKKRHD 
_entity_poly.pdbx_strand_id                 A,B 
_entity_poly.pdbx_target_identifier         ? 
# 
loop_
_entity_poly_seq.entity_id 
_entity_poly_seq.num 
_entity_poly_seq.mon_id 
_entity_poly_seq.hetero 
1 1  GLY n 
1 2  SER n 
1 3  HIS n 
1 4  MET n 
1 5  GLY n 
1 6  THR n 
1 7  ALA n 
1 8  ILE n 
1 9  GLU n 
1 10 ALA n 
1 11 ASN n 
1 12 SER n 
1 13 ARG n 
1 14 MET n 
1 15 LEU n 
1 16 LYS n 
1 17 ALA n 
1 18 LEU n 
1 19 ILE n 
1 20 GLU n 
1 21 ILE n 
1 22 ALA n 
1 23 LYS n 
1 24 ALA n 
1 25 ILE n 
1 26 TRP n 
1 27 LYS n 
1 28 ALA n 
1 29 LEU n 
1 30 TRP n 
1 31 ALA n 
1 32 ASN n 
1 33 SER n 
1 34 LEU n 
1 35 LEU n 
1 36 LEU n 
1 37 GLU n 
1 38 ALA n 
1 39 THR n 
1 40 SER n 
1 41 ARG n 
1 42 GLY n 
1 43 ASP n 
1 44 THR n 
1 45 GLU n 
1 46 ARG n 
1 47 MET n 
1 48 ARG n 
1 49 GLN n 
1 50 TRP n 
1 51 ALA n 
1 52 GLU n 
1 53 GLU n 
1 54 ALA n 
1 55 ARG n 
1 56 LYS n 
1 57 ILE n 
1 58 TYR n 
1 59 LYS n 
1 60 GLU n 
1 61 ALA n 
1 62 GLU n 
1 63 LYS n 
1 64 ILE n 
1 65 ILE n 
1 66 ASP n 
1 67 ARG n 
1 68 ALA n 
1 69 ASP n 
1 70 GLU n 
1 71 ILE n 
1 72 VAL n 
1 73 GLU n 
1 74 GLU n 
1 75 ALA n 
1 76 LYS n 
1 77 LYS n 
1 78 ARG n 
1 79 HIS n 
1 80 ASP n 
# 
_entity_src_gen.entity_id                          1 
_entity_src_gen.pdbx_src_id                        1 
_entity_src_gen.pdbx_alt_source_flag               sample 
_entity_src_gen.pdbx_seq_type                      'Biological sequence' 
_entity_src_gen.pdbx_beg_seq_num                   1 
_entity_src_gen.pdbx_end_seq_num                   80 
_entity_src_gen.gene_src_common_name               ? 
_entity_src_gen.gene_src_genus                     ? 
_entity_src_gen.pdbx_gene_src_gene                 ? 
_entity_src_gen.gene_src_species                   ? 
_entity_src_gen.gene_src_strain                    ? 
_entity_src_gen.gene_src_tissue                    ? 
_entity_src_gen.gene_src_tissue_fraction           ? 
_entity_src_gen.gene_src_details                   ? 
_entity_src_gen.pdbx_gene_src_fragment             ? 
_entity_src_gen.pdbx_gene_src_scientific_name      'synthetic construct' 
_entity_src_gen.pdbx_gene_src_ncbi_taxonomy_id     32630 
_entity_src_gen.pdbx_gene_src_variant              ? 
_entity_src_gen.pdbx_gene_src_cell_line            ? 
_entity_src_gen.pdbx_gene_src_atcc                 ? 
_entity_src_gen.pdbx_gene_src_organ                ? 
_entity_src_gen.pdbx_gene_src_organelle            ? 
_entity_src_gen.pdbx_gene_src_cell                 ? 
_entity_src_gen.pdbx_gene_src_cellular_location    ? 
_entity_src_gen.host_org_common_name               ? 
_entity_src_gen.pdbx_host_org_scientific_name      'Escherichia coli BL21(DE3)' 
_entity_src_gen.pdbx_host_org_ncbi_taxonomy_id     469008 
_entity_src_gen.host_org_genus                     ? 
_entity_src_gen.pdbx_host_org_gene                 ? 
_entity_src_gen.pdbx_host_org_organ                ? 
_entity_src_gen.host_org_species                   ? 
_entity_src_gen.pdbx_host_org_tissue               ? 
_entity_src_gen.pdbx_host_org_tissue_fraction      ? 
_entity_src_gen.pdbx_host_org_strain               ? 
_entity_src_gen.pdbx_host_org_variant              ? 
_entity_src_gen.pdbx_host_org_cell_line            ? 
_entity_src_gen.pdbx_host_org_atcc                 ? 
_entity_src_gen.pdbx_host_org_culture_collection   ? 
_entity_src_gen.pdbx_host_org_cell                 ? 
_entity_src_gen.pdbx_host_org_organelle            ? 
_entity_src_gen.pdbx_host_org_cellular_location    ? 
_entity_src_gen.pdbx_host_org_vector_type          ? 
_entity_src_gen.pdbx_host_org_vector               ? 
_entity_src_gen.host_org_details                   ? 
_entity_src_gen.expression_system_id               ? 
_entity_src_gen.plasmid_name                       ? 
_entity_src_gen.plasmid_details                    ? 
_entity_src_gen.pdbx_description                   ? 
# 
loop_
_chem_comp.id 
_chem_comp.type 
_chem_comp.mon_nstd_flag 
_chem_comp.name 
_chem_comp.pdbx_synonyms 
_chem_comp.formula 
_chem_comp.formula_weight 
ALA 'L-peptide linking' y ALANINE         ? 'C3 H7 N O2'     89.093  
ARG 'L-peptide linking' y ARGININE        ? 'C6 H15 N4 O2 1' 175.209 
ASN 'L-peptide linking' y ASPARAGINE      ? 'C4 H8 N2 O3'    132.118 
ASP 'L-peptide linking' y 'ASPARTIC ACID' ? 'C4 H7 N O4'     133.103 
GLN 'L-peptide linking' y GLUTAMINE       ? 'C5 H10 N2 O3'   146.144 
GLU 'L-peptide linking' y 'GLUTAMIC ACID' ? 'C5 H9 N O4'     147.129 
GLY 'peptide linking'   y GLYCINE         ? 'C2 H5 N O2'     75.067  
HIS 'L-peptide linking' y HISTIDINE       ? 'C6 H10 N3 O2 1' 156.162 
ILE 'L-peptide linking' y ISOLEUCINE      ? 'C6 H13 N O2'    131.173 
LEU 'L-peptide linking' y LEUCINE         ? 'C6 H13 N O2'    131.173 
LYS 'L-peptide linking' y LYSINE          ? 'C6 H15 N2 O2 1' 147.195 
MET 'L-peptide linking' y METHIONINE      ? 'C5 H11 N O2 S'  149.211 
SER 'L-peptide linking' y SERINE          ? 'C3 H7 N O3'     105.093 
THR 'L-peptide linking' y THREONINE       ? 'C4 H9 N O3'     119.119 
TRP 'L-peptide linking' y TRYPTOPHAN      ? 'C11 H12 N2 O2'  204.225 
TYR 'L-peptide linking' y TYROSINE        ? 'C9 H11 N O3'    181.189 
VAL 'L-peptide linking' y VALINE          ? 'C5 H11 N O2'    117.146 
# 
loop_
_pdbx_poly_seq_scheme.asym_id 
_pdbx_poly_seq_scheme.entity_id 
_pdbx_poly_seq_scheme.seq_id 
_pdbx_poly_seq_scheme.mon_id 
_pdbx_poly_seq_scheme.ndb_seq_num 
_pdbx_poly_seq_scheme.pdb_seq_num 
_pdbx_poly_seq_scheme.auth_seq_num 
_pdbx_poly_seq_scheme.pdb_mon_id 
_pdbx_poly_seq_scheme.auth_mon_id 
_pdbx_poly_seq_scheme.pdb_strand_id 
_pdbx_poly_seq_scheme.pdb_ins_code 
_pdbx_poly_seq_scheme.hetero 
A 1 1  GLY 1  -4 ?  ?   ?   A . n 
A 1 2  SER 2  -3 ?  ?   ?   A . n 
A 1 3  HIS 3  -2 ?  ?   ?   A . n 
A 1 4  MET 4  -1 ?  ?   ?   A . n 
A 1 5  GLY 5  0  ?  ?   ?   A . n 
A 1 6  THR 6  1  1  THR THR A . n 
A 1 7  ALA 7  2  2  ALA ALA A . n 
A 1 8  ILE 8  3  3  ILE ILE A . n 
A 1 9  GLU 9  4  4  GLU GLU A . n 
A 1 10 ALA 10 5  5  ALA ALA A . n 
A 1 11 ASN 11 6  6  ASN ASN A . n 
A 1 12 SER 12 7  7  SER SER A . n 
A 1 13 ARG 13 8  8  ARG ARG A . n 
A 1 14 MET 14 9  9  MET MET A . n 
A 1 15 LEU 15 10 10 LEU LEU A . n 
A 1 16 LYS 16 11 11 LYS LYS A . n 
A 1 17 ALA 17 12 12 ALA ALA A . n 
A 1 18 LEU 18 13 13 LEU LEU A . n 
A 1 19 ILE 19 14 14 ILE ILE A . n 
A 1 20 GLU 20 15 15 GLU GLU A . n 
A 1 21 ILE 21 16 16 ILE ILE A . n 
A 1 22 ALA 22 17 17 ALA ALA A . n 
A 1 23 LYS 23 18 18 LYS LYS A . n 
A 1 24 ALA 24 19 19 ALA ALA A . n 
A 1 25 ILE 25 20 20 ILE ILE A . n 
A 1 26 TRP 26 21 21 TRP TRP A . n 
A 1 27 LYS 27 22 22 LYS LYS A . n 
A 1 28 ALA 28 23 23 ALA ALA A . n 
A 1 29 LEU 29 24 24 LEU LEU A . n 
A 1 30 TRP 30 25 25 TRP TRP A . n 
A 1 31 ALA 31 26 26 ALA ALA A . n 
A 1 32 ASN 32 27 27 ASN ASN A . n 
A 1 33 SER 33 28 28 SER SER A . n 
A 1 34 LEU 34 29 29 LEU LEU A . n 
A 1 35 LEU 35 30 30 LEU LEU A . n 
A 1 36 LEU 36 31 31 LEU LEU A . n 
A 1 37 GLU 37 32 32 GLU GLU A . n 
A 1 38 ALA 38 33 33 ALA ALA A . n 
A 1 39 THR 39 34 34 THR THR A . n 
A 1 40 SER 40 35 35 SER SER A . n 
A 1 41 ARG 41 36 36 ARG ARG A . n 
A 1 42 GLY 42 37 37 GLY GLY A . n 
A 1 43 ASP 43 38 38 ASP ASP A . n 
A 1 44 THR 44 39 39 THR THR A . n 
A 1 45 GLU 45 40 40 GLU GLU A . n 
A 1 46 ARG 46 41 41 ARG ARG A . n 
A 1 47 MET 47 42 42 MET MET A . n 
A 1 48 ARG 48 43 43 ARG ARG A . n 
A 1 49 GLN 49 44 44 GLN GLN A . n 
A 1 50 TRP 50 45 45 TRP TRP A . n 
A 1 51 ALA 51 46 46 ALA ALA A . n 
A 1 52 GLU 52 47 47 GLU GLU A . n 
A 1 53 GLU 53 48 48 GLU GLU A . n 
A 1 54 ALA 54 49 49 ALA ALA A . n 
A 1 55 ARG 55 50 50 ARG ARG A . n 
A 1 56 LYS 56 51 51 LYS LYS A . n 
A 1 57 ILE 57 52 52 ILE ILE A . n 
A 1 58 TYR 58 53 53 TYR TYR A . n 
A 1 59 LYS 59 54 54 LYS LYS A . n 
A 1 60 GLU 60 55 55 GLU GLU A . n 
A 1 61 ALA 61 56 56 ALA ALA A . n 
A 1 62 GLU 62 57 57 GLU GLU A . n 
A 1 63 LYS 63 58 58 LYS LYS A . n 
A 1 64 ILE 64 59 59 ILE ILE A . n 
A 1 65 ILE 65 60 60 ILE ILE A . n 
A 1 66 ASP 66 61 61 ASP ASP A . n 
A 1 67 ARG 67 62 62 ARG ARG A . n 
A 1 68 ALA 68 63 63 ALA ALA A . n 
A 1 69 ASP 69 64 64 ASP ASP A . n 
A 1 70 GLU 70 65 65 GLU GLU A . n 
A 1 71 ILE 71 66 66 ILE ILE A . n 
A 1 72 VAL 72 67 67 VAL VAL A . n 
A 1 73 GLU 73 68 68 GLU GLU A . n 
A 1 74 GLU 74 69 69 GLU GLU A . n 
A 1 75 ALA 75 70 70 ALA ALA A . n 
A 1 76 LYS 76 71 71 LYS LYS A . n 
A 1 77 LYS 77 72 72 LYS LYS A . n 
A 1 78 ARG 78 73 73 ARG ARG A . n 
A 1 79 HIS 79 74 74 HIS HIS A . n 
A 1 80 ASP 80 75 75 ASP ASP A . n 
B 1 1  GLY 1  -4 ?  ?   ?   B . n 
B 1 2  SER 2  -3 ?  ?   ?   B . n 
B 1 3  HIS 3  -2 ?  ?   ?   B . n 
B 1 4  MET 4  -1 ?  ?   ?   B . n 
B 1 5  GLY 5  0  ?  ?   ?   B . n 
B 1 6  THR 6  1  1  THR THR B . n 
B 1 7  ALA 7  2  2  ALA ALA B . n 
B 1 8  ILE 8  3  3  ILE ILE B . n 
B 1 9  GLU 9  4  4  GLU GLU B . n 
B 1 10 ALA 10 5  5  ALA ALA B . n 
B 1 11 ASN 11 6  6  ASN ASN B . n 
B 1 12 SER 12 7  7  SER SER B . n 
B 1 13 ARG 13 8  8  ARG ARG B . n 
B 1 14 MET 14 9  9  MET MET B . n 
B 1 15 LEU 15 10 10 LEU LEU B . n 
B 1 16 LYS 16 11 11 LYS LYS B . n 
B 1 17 ALA 17 12 12 ALA ALA B . n 
B 1 18 LEU 18 13 13 LEU LEU B . n 
B 1 19 ILE 19 14 14 ILE ILE B . n 
B 1 20 GLU 20 15 15 GLU GLU B . n 
B 1 21 ILE 21 16 16 ILE ILE B . n 
B 1 22 ALA 22 17 17 ALA ALA B . n 
B 1 23 LYS 23 18 18 LYS LYS B . n 
B 1 24 ALA 24 19 19 ALA ALA B . n 
B 1 25 ILE 25 20 20 ILE ILE B . n 
B 1 26 TRP 26 21 21 TRP TRP B . n 
B 1 27 LYS 27 22 22 LYS LYS B . n 
B 1 28 ALA 28 23 23 ALA ALA B . n 
B 1 29 LEU 29 24 24 LEU LEU B . n 
B 1 30 TRP 30 25 25 TRP TRP B . n 
B 1 31 ALA 31 26 26 ALA ALA B . n 
B 1 32 ASN 32 27 27 ASN ASN B . n 
B 1 33 SER 33 28 28 SER SER B . n 
B 1 34 LEU 34 29 29 LEU LEU B . n 
B 1 35 LEU 35 30 30 LEU LEU B . n 
B 1 36 LEU 36 31 31 LEU LEU B . n 
B 1 37 GLU 37 32 32 GLU GLU B . n 
B 1 38 ALA 38 33 33 ALA ALA B . n 
B 1 39 THR 39 34 34 THR THR B . n 
B 1 40 SER 40 35 35 SER SER B . n 
B 1 41 ARG 41 36 36 ARG ARG B . n 
B 1 42 GLY 42 37 37 GLY GLY B . n 
B 1 43 ASP 43 38 38 ASP ASP B . n 
B 1 44 THR 44 39 39 THR THR B . n 
B 1 45 GLU 45 40 40 GLU GLU B . n 
B 1 46 ARG 46 41 41 ARG ARG B . n 
B 1 47 MET 47 42 42 MET MET B . n 
B 1 48 ARG 48 43 43 ARG ARG B . n 
B 1 49 GLN 49 44 44 GLN GLN B . n 
B 1 50 TRP 50 45 45 TRP TRP B . n 
B 1 51 ALA 51 46 46 ALA ALA B . n 
B 1 52 GLU 52 47 47 GLU GLU B . n 
B 1 53 GLU 53 48 48 GLU GLU B . n 
B 1 54 ALA 54 49 49 ALA ALA B . n 
B 1 55 ARG 55 50 50 ARG ARG B . n 
B 1 56 LYS 56 51 51 LYS LYS B . n 
B 1 57 ILE 57 52 52 ILE ILE B . n 
B 1 58 TYR 58 53 53 TYR TYR B . n 
B 1 59 LYS 59 54 54 LYS LYS B . n 
B 1 60 GLU 60 55 55 GLU GLU B . n 
B 1 61 ALA 61 56 56 ALA ALA B . n 
B 1 62 GLU 62 57 57 GLU GLU B . n 
B 1 63 LYS 63 58 58 LYS LYS B . n 
B 1 64 ILE 64 59 59 ILE ILE B . n 
B 1 65 ILE 65 60 60 ILE ILE B . n 
B 1 66 ASP 66 61 61 ASP ASP B . n 
B 1 67 ARG 67 62 62 ARG ARG B . n 
B 1 68 ALA 68 63 63 ALA ALA B . n 
B 1 69 ASP 69 64 64 ASP ASP B . n 
B 1 70 GLU 70 65 65 GLU GLU B . n 
B 1 71 ILE 71 66 66 ILE ILE B . n 
B 1 72 VAL 72 67 67 VAL VAL B . n 
B 1 73 GLU 73 68 68 GLU GLU B . n 
B 1 74 GLU 74 69 69 GLU GLU B . n 
B 1 75 ALA 75 70 70 ALA ALA B . n 
B 1 76 LYS 76 71 71 LYS LYS B . n 
B 1 77 LYS 77 72 72 LYS LYS B . n 
B 1 78 ARG 78 73 73 ARG ARG B . n 
B 1 79 HIS 79 74 74 HIS HIS B . n 
B 1 80 ASP 80 75 75 ASP ASP B . n 
# 
loop_
_pdbx_unobs_or_zero_occ_atoms.id 
_pdbx_unobs_or_zero_occ_atoms.PDB_model_num 
_pdbx_unobs_or_zero_occ_atoms.polymer_flag 
_pdbx_unobs_or_zero_occ_atoms.occupancy_flag 
_pdbx_unobs_or_zero_occ_atoms.auth_asym_id 
_pdbx_unobs_or_zero_occ_atoms.auth_comp_id 
_pdbx_unobs_or_zero_occ_atoms.auth_seq_id 
_pdbx_unobs_or_zero_occ_atoms.PDB_ins_code 
_pdbx_unobs_or_zero_occ_atoms.auth_atom_id 
_pdbx_unobs_or_zero_occ_atoms.label_alt_id 
_pdbx_unobs_or_zero_occ_atoms.label_asym_id 
_pdbx_unobs_or_zero_occ_atoms.label_comp_id 
_pdbx_unobs_or_zero_occ_atoms.label_seq_id 
_pdbx_unobs_or_zero_occ_atoms.label_atom_id 
1   1 Y 1 A THR 1  ? OG1 ? A THR 6  OG1 
2   1 Y 1 A THR 1  ? CG2 ? A THR 6  CG2 
3   1 Y 1 A ILE 3  ? CG1 ? A ILE 8  CG1 
4   1 Y 1 A ILE 3  ? CG2 ? A ILE 8  CG2 
5   1 Y 1 A ILE 3  ? CD1 ? A ILE 8  CD1 
6   1 Y 1 A GLU 4  ? CG  ? A GLU 9  CG  
7   1 Y 1 A GLU 4  ? CD  ? A GLU 9  CD  
8   1 Y 1 A GLU 4  ? OE1 ? A GLU 9  OE1 
9   1 Y 1 A GLU 4  ? OE2 ? A GLU 9  OE2 
10  1 Y 1 A ASN 6  ? CG  ? A ASN 11 CG  
11  1 Y 1 A ASN 6  ? OD1 ? A ASN 11 OD1 
12  1 Y 1 A ASN 6  ? ND2 ? A ASN 11 ND2 
13  1 Y 1 A SER 7  ? OG  ? A SER 12 OG  
14  1 Y 1 A ARG 8  ? CG  ? A ARG 13 CG  
15  1 Y 1 A ARG 8  ? CD  ? A ARG 13 CD  
16  1 Y 1 A ARG 8  ? NE  ? A ARG 13 NE  
17  1 Y 1 A ARG 8  ? CZ  ? A ARG 13 CZ  
18  1 Y 1 A ARG 8  ? NH1 ? A ARG 13 NH1 
19  1 Y 1 A ARG 8  ? NH2 ? A ARG 13 NH2 
20  1 Y 1 A MET 9  ? CG  ? A MET 14 CG  
21  1 Y 1 A MET 9  ? SD  ? A MET 14 SD  
22  1 Y 1 A MET 9  ? CE  ? A MET 14 CE  
23  1 Y 1 A LEU 10 ? CG  ? A LEU 15 CG  
24  1 Y 1 A LEU 10 ? CD1 ? A LEU 15 CD1 
25  1 Y 1 A LEU 10 ? CD2 ? A LEU 15 CD2 
26  1 Y 1 A LYS 11 ? CG  ? A LYS 16 CG  
27  1 Y 1 A LYS 11 ? CD  ? A LYS 16 CD  
28  1 Y 1 A LYS 11 ? CE  ? A LYS 16 CE  
29  1 Y 1 A LYS 11 ? NZ  ? A LYS 16 NZ  
30  1 Y 1 A LEU 13 ? CG  ? A LEU 18 CG  
31  1 Y 1 A LEU 13 ? CD1 ? A LEU 18 CD1 
32  1 Y 1 A LEU 13 ? CD2 ? A LEU 18 CD2 
33  1 Y 1 A ILE 14 ? CG1 ? A ILE 19 CG1 
34  1 Y 1 A ILE 14 ? CG2 ? A ILE 19 CG2 
35  1 Y 1 A ILE 14 ? CD1 ? A ILE 19 CD1 
36  1 Y 1 A GLU 15 ? CG  ? A GLU 20 CG  
37  1 Y 1 A GLU 15 ? CD  ? A GLU 20 CD  
38  1 Y 1 A GLU 15 ? OE1 ? A GLU 20 OE1 
39  1 Y 1 A GLU 15 ? OE2 ? A GLU 20 OE2 
40  1 Y 1 A ILE 16 ? CG1 ? A ILE 21 CG1 
41  1 Y 1 A ILE 16 ? CG2 ? A ILE 21 CG2 
42  1 Y 1 A ILE 16 ? CD1 ? A ILE 21 CD1 
43  1 Y 1 A LYS 18 ? CG  ? A LYS 23 CG  
44  1 Y 1 A LYS 18 ? CD  ? A LYS 23 CD  
45  1 Y 1 A LYS 18 ? CE  ? A LYS 23 CE  
46  1 Y 1 A LYS 18 ? NZ  ? A LYS 23 NZ  
47  1 Y 1 A ILE 20 ? CG1 ? A ILE 25 CG1 
48  1 Y 1 A ILE 20 ? CG2 ? A ILE 25 CG2 
49  1 Y 1 A ILE 20 ? CD1 ? A ILE 25 CD1 
50  1 Y 1 A TRP 21 ? CG  ? A TRP 26 CG  
51  1 Y 1 A TRP 21 ? CD1 ? A TRP 26 CD1 
52  1 Y 1 A TRP 21 ? CD2 ? A TRP 26 CD2 
53  1 Y 1 A TRP 21 ? NE1 ? A TRP 26 NE1 
54  1 Y 1 A TRP 21 ? CE2 ? A TRP 26 CE2 
55  1 Y 1 A TRP 21 ? CE3 ? A TRP 26 CE3 
56  1 Y 1 A TRP 21 ? CZ2 ? A TRP 26 CZ2 
57  1 Y 1 A TRP 21 ? CZ3 ? A TRP 26 CZ3 
58  1 Y 1 A TRP 21 ? CH2 ? A TRP 26 CH2 
59  1 Y 1 A LYS 22 ? CG  ? A LYS 27 CG  
60  1 Y 1 A LYS 22 ? CD  ? A LYS 27 CD  
61  1 Y 1 A LYS 22 ? CE  ? A LYS 27 CE  
62  1 Y 1 A LYS 22 ? NZ  ? A LYS 27 NZ  
63  1 Y 1 A LEU 24 ? CG  ? A LEU 29 CG  
64  1 Y 1 A LEU 24 ? CD1 ? A LEU 29 CD1 
65  1 Y 1 A LEU 24 ? CD2 ? A LEU 29 CD2 
66  1 Y 1 A TRP 25 ? CG  ? A TRP 30 CG  
67  1 Y 1 A TRP 25 ? CD1 ? A TRP 30 CD1 
68  1 Y 1 A TRP 25 ? CD2 ? A TRP 30 CD2 
69  1 Y 1 A TRP 25 ? NE1 ? A TRP 30 NE1 
70  1 Y 1 A TRP 25 ? CE2 ? A TRP 30 CE2 
71  1 Y 1 A TRP 25 ? CE3 ? A TRP 30 CE3 
72  1 Y 1 A TRP 25 ? CZ2 ? A TRP 30 CZ2 
73  1 Y 1 A TRP 25 ? CZ3 ? A TRP 30 CZ3 
74  1 Y 1 A TRP 25 ? CH2 ? A TRP 30 CH2 
75  1 Y 1 A ASN 27 ? CG  ? A ASN 32 CG  
76  1 Y 1 A ASN 27 ? OD1 ? A ASN 32 OD1 
77  1 Y 1 A ASN 27 ? ND2 ? A ASN 32 ND2 
78  1 Y 1 A SER 28 ? OG  ? A SER 33 OG  
79  1 Y 1 A LEU 29 ? CG  ? A LEU 34 CG  
80  1 Y 1 A LEU 29 ? CD1 ? A LEU 34 CD1 
81  1 Y 1 A LEU 29 ? CD2 ? A LEU 34 CD2 
82  1 Y 1 A LEU 30 ? CG  ? A LEU 35 CG  
83  1 Y 1 A LEU 30 ? CD1 ? A LEU 35 CD1 
84  1 Y 1 A LEU 30 ? CD2 ? A LEU 35 CD2 
85  1 Y 1 A LEU 31 ? CG  ? A LEU 36 CG  
86  1 Y 1 A LEU 31 ? CD1 ? A LEU 36 CD1 
87  1 Y 1 A LEU 31 ? CD2 ? A LEU 36 CD2 
88  1 Y 1 A GLU 32 ? CG  ? A GLU 37 CG  
89  1 Y 1 A GLU 32 ? CD  ? A GLU 37 CD  
90  1 Y 1 A GLU 32 ? OE1 ? A GLU 37 OE1 
91  1 Y 1 A GLU 32 ? OE2 ? A GLU 37 OE2 
92  1 Y 1 A THR 34 ? OG1 ? A THR 39 OG1 
93  1 Y 1 A THR 34 ? CG2 ? A THR 39 CG2 
94  1 Y 1 A SER 35 ? OG  ? A SER 40 OG  
95  1 Y 1 A ARG 36 ? CG  ? A ARG 41 CG  
96  1 Y 1 A ARG 36 ? CD  ? A ARG 41 CD  
97  1 Y 1 A ARG 36 ? NE  ? A ARG 41 NE  
98  1 Y 1 A ARG 36 ? CZ  ? A ARG 41 CZ  
99  1 Y 1 A ARG 36 ? NH1 ? A ARG 41 NH1 
100 1 Y 1 A ARG 36 ? NH2 ? A ARG 41 NH2 
101 1 Y 1 A ASP 38 ? CG  ? A ASP 43 CG  
102 1 Y 1 A ASP 38 ? OD1 ? A ASP 43 OD1 
103 1 Y 1 A ASP 38 ? OD2 ? A ASP 43 OD2 
104 1 Y 1 A THR 39 ? OG1 ? A THR 44 OG1 
105 1 Y 1 A THR 39 ? CG2 ? A THR 44 CG2 
106 1 Y 1 A GLU 40 ? CG  ? A GLU 45 CG  
107 1 Y 1 A GLU 40 ? CD  ? A GLU 45 CD  
108 1 Y 1 A GLU 40 ? OE1 ? A GLU 45 OE1 
109 1 Y 1 A GLU 40 ? OE2 ? A GLU 45 OE2 
110 1 Y 1 A ARG 41 ? CG  ? A ARG 46 CG  
111 1 Y 1 A ARG 41 ? CD  ? A ARG 46 CD  
112 1 Y 1 A ARG 41 ? NE  ? A ARG 46 NE  
113 1 Y 1 A ARG 41 ? CZ  ? A ARG 46 CZ  
114 1 Y 1 A ARG 41 ? NH1 ? A ARG 46 NH1 
115 1 Y 1 A ARG 41 ? NH2 ? A ARG 46 NH2 
116 1 Y 1 A MET 42 ? CG  ? A MET 47 CG  
117 1 Y 1 A MET 42 ? SD  ? A MET 47 SD  
118 1 Y 1 A MET 42 ? CE  ? A MET 47 CE  
119 1 Y 1 A ARG 43 ? CG  ? A ARG 48 CG  
120 1 Y 1 A ARG 43 ? CD  ? A ARG 48 CD  
121 1 Y 1 A ARG 43 ? NE  ? A ARG 48 NE  
122 1 Y 1 A ARG 43 ? CZ  ? A ARG 48 CZ  
123 1 Y 1 A ARG 43 ? NH1 ? A ARG 48 NH1 
124 1 Y 1 A ARG 43 ? NH2 ? A ARG 48 NH2 
125 1 Y 1 A GLN 44 ? CG  ? A GLN 49 CG  
126 1 Y 1 A GLN 44 ? CD  ? A GLN 49 CD  
127 1 Y 1 A GLN 44 ? OE1 ? A GLN 49 OE1 
128 1 Y 1 A GLN 44 ? NE2 ? A GLN 49 NE2 
129 1 Y 1 A TRP 45 ? CG  ? A TRP 50 CG  
130 1 Y 1 A TRP 45 ? CD1 ? A TRP 50 CD1 
131 1 Y 1 A TRP 45 ? CD2 ? A TRP 50 CD2 
132 1 Y 1 A TRP 45 ? NE1 ? A TRP 50 NE1 
133 1 Y 1 A TRP 45 ? CE2 ? A TRP 50 CE2 
134 1 Y 1 A TRP 45 ? CE3 ? A TRP 50 CE3 
135 1 Y 1 A TRP 45 ? CZ2 ? A TRP 50 CZ2 
136 1 Y 1 A TRP 45 ? CZ3 ? A TRP 50 CZ3 
137 1 Y 1 A TRP 45 ? CH2 ? A TRP 50 CH2 
138 1 Y 1 A GLU 47 ? CG  ? A GLU 52 CG  
139 1 Y 1 A GLU 47 ? CD  ? A GLU 52 CD  
140 1 Y 1 A GLU 47 ? OE1 ? A GLU 52 OE1 
141 1 Y 1 A GLU 47 ? OE2 ? A GLU 52 OE2 
142 1 Y 1 A GLU 48 ? CG  ? A GLU 53 CG  
143 1 Y 1 A GLU 48 ? CD  ? A GLU 53 CD  
144 1 Y 1 A GLU 48 ? OE1 ? A GLU 53 OE1 
145 1 Y 1 A GLU 48 ? OE2 ? A GLU 53 OE2 
146 1 Y 1 A ARG 50 ? CG  ? A ARG 55 CG  
147 1 Y 1 A ARG 50 ? CD  ? A ARG 55 CD  
148 1 Y 1 A ARG 50 ? NE  ? A ARG 55 NE  
149 1 Y 1 A ARG 50 ? CZ  ? A ARG 55 CZ  
150 1 Y 1 A ARG 50 ? NH1 ? A ARG 55 NH1 
151 1 Y 1 A ARG 50 ? NH2 ? A ARG 55 NH2 
152 1 Y 1 A LYS 51 ? CG  ? A LYS 56 CG  
153 1 Y 1 A LYS 51 ? CD  ? A LYS 56 CD  
154 1 Y 1 A LYS 51 ? CE  ? A LYS 56 CE  
155 1 Y 1 A LYS 51 ? NZ  ? A LYS 56 NZ  
156 1 Y 1 A ILE 52 ? CG1 ? A ILE 57 CG1 
157 1 Y 1 A ILE 52 ? CG2 ? A ILE 57 CG2 
158 1 Y 1 A ILE 52 ? CD1 ? A ILE 57 CD1 
159 1 Y 1 A TYR 53 ? CG  ? A TYR 58 CG  
160 1 Y 1 A TYR 53 ? CD1 ? A TYR 58 CD1 
161 1 Y 1 A TYR 53 ? CD2 ? A TYR 58 CD2 
162 1 Y 1 A TYR 53 ? CE1 ? A TYR 58 CE1 
163 1 Y 1 A TYR 53 ? CE2 ? A TYR 58 CE2 
164 1 Y 1 A TYR 53 ? CZ  ? A TYR 58 CZ  
165 1 Y 1 A TYR 53 ? OH  ? A TYR 58 OH  
166 1 Y 1 A LYS 54 ? CG  ? A LYS 59 CG  
167 1 Y 1 A LYS 54 ? CD  ? A LYS 59 CD  
168 1 Y 1 A LYS 54 ? CE  ? A LYS 59 CE  
169 1 Y 1 A LYS 54 ? NZ  ? A LYS 59 NZ  
170 1 Y 1 A GLU 55 ? CG  ? A GLU 60 CG  
171 1 Y 1 A GLU 55 ? CD  ? A GLU 60 CD  
172 1 Y 1 A GLU 55 ? OE1 ? A GLU 60 OE1 
173 1 Y 1 A GLU 55 ? OE2 ? A GLU 60 OE2 
174 1 Y 1 A GLU 57 ? CG  ? A GLU 62 CG  
175 1 Y 1 A GLU 57 ? CD  ? A GLU 62 CD  
176 1 Y 1 A GLU 57 ? OE1 ? A GLU 62 OE1 
177 1 Y 1 A GLU 57 ? OE2 ? A GLU 62 OE2 
178 1 Y 1 A LYS 58 ? CG  ? A LYS 63 CG  
179 1 Y 1 A LYS 58 ? CD  ? A LYS 63 CD  
180 1 Y 1 A LYS 58 ? CE  ? A LYS 63 CE  
181 1 Y 1 A LYS 58 ? NZ  ? A LYS 63 NZ  
182 1 Y 1 A ILE 59 ? CG1 ? A ILE 64 CG1 
183 1 Y 1 A ILE 59 ? CG2 ? A ILE 64 CG2 
184 1 Y 1 A ILE 59 ? CD1 ? A ILE 64 CD1 
185 1 Y 1 A ILE 60 ? CG1 ? A ILE 65 CG1 
186 1 Y 1 A ILE 60 ? CG2 ? A ILE 65 CG2 
187 1 Y 1 A ILE 60 ? CD1 ? A ILE 65 CD1 
188 1 Y 1 A ASP 61 ? CG  ? A ASP 66 CG  
189 1 Y 1 A ASP 61 ? OD1 ? A ASP 66 OD1 
190 1 Y 1 A ASP 61 ? OD2 ? A ASP 66 OD2 
191 1 Y 1 A ARG 62 ? CG  ? A ARG 67 CG  
192 1 Y 1 A ARG 62 ? CD  ? A ARG 67 CD  
193 1 Y 1 A ARG 62 ? NE  ? A ARG 67 NE  
194 1 Y 1 A ARG 62 ? CZ  ? A ARG 67 CZ  
195 1 Y 1 A ARG 62 ? NH1 ? A ARG 67 NH1 
196 1 Y 1 A ARG 62 ? NH2 ? A ARG 67 NH2 
197 1 Y 1 A ASP 64 ? CG  ? A ASP 69 CG  
198 1 Y 1 A ASP 64 ? OD1 ? A ASP 69 OD1 
199 1 Y 1 A ASP 64 ? OD2 ? A ASP 69 OD2 
200 1 Y 1 A GLU 65 ? CG  ? A GLU 70 CG  
201 1 Y 1 A GLU 65 ? CD  ? A GLU 70 CD  
202 1 Y 1 A GLU 65 ? OE1 ? A GLU 70 OE1 
203 1 Y 1 A GLU 65 ? OE2 ? A GLU 70 OE2 
204 1 Y 1 A ILE 66 ? CG1 ? A ILE 71 CG1 
205 1 Y 1 A ILE 66 ? CG2 ? A ILE 71 CG2 
206 1 Y 1 A ILE 66 ? CD1 ? A ILE 71 CD1 
207 1 Y 1 A VAL 67 ? CG1 ? A VAL 72 CG1 
208 1 Y 1 A VAL 67 ? CG2 ? A VAL 72 CG2 
209 1 Y 1 A GLU 68 ? CG  ? A GLU 73 CG  
210 1 Y 1 A GLU 68 ? CD  ? A GLU 73 CD  
211 1 Y 1 A GLU 68 ? OE1 ? A GLU 73 OE1 
212 1 Y 1 A GLU 68 ? OE2 ? A GLU 73 OE2 
213 1 Y 1 A GLU 69 ? CG  ? A GLU 74 CG  
214 1 Y 1 A GLU 69 ? CD  ? A GLU 74 CD  
215 1 Y 1 A GLU 69 ? OE1 ? A GLU 74 OE1 
216 1 Y 1 A GLU 69 ? OE2 ? A GLU 74 OE2 
217 1 Y 1 A LYS 71 ? CG  ? A LYS 76 CG  
218 1 Y 1 A LYS 71 ? CD  ? A LYS 76 CD  
219 1 Y 1 A LYS 71 ? CE  ? A LYS 76 CE  
220 1 Y 1 A LYS 71 ? NZ  ? A LYS 76 NZ  
221 1 Y 1 A LYS 72 ? CG  ? A LYS 77 CG  
222 1 Y 1 A LYS 72 ? CD  ? A LYS 77 CD  
223 1 Y 1 A LYS 72 ? CE  ? A LYS 77 CE  
224 1 Y 1 A LYS 72 ? NZ  ? A LYS 77 NZ  
225 1 Y 1 A ARG 73 ? CG  ? A ARG 78 CG  
226 1 Y 1 A ARG 73 ? CD  ? A ARG 78 CD  
227 1 Y 1 A ARG 73 ? NE  ? A ARG 78 NE  
228 1 Y 1 A ARG 73 ? CZ  ? A ARG 78 CZ  
229 1 Y 1 A ARG 73 ? NH1 ? A ARG 78 NH1 
230 1 Y 1 A ARG 73 ? NH2 ? A ARG 78 NH2 
231 1 Y 1 A HIS 74 ? CG  ? A HIS 79 CG  
232 1 Y 1 A HIS 74 ? ND1 ? A HIS 79 ND1 
233 1 Y 1 A HIS 74 ? CD2 ? A HIS 79 CD2 
234 1 Y 1 A HIS 74 ? CE1 ? A HIS 79 CE1 
235 1 Y 1 A HIS 74 ? NE2 ? A HIS 79 NE2 
236 1 Y 1 A ASP 75 ? CG  ? A ASP 80 CG  
237 1 Y 1 A ASP 75 ? OD1 ? A ASP 80 OD1 
238 1 Y 1 A ASP 75 ? OD2 ? A ASP 80 OD2 
239 1 Y 1 B THR 1  ? OG1 ? B THR 6  OG1 
240 1 Y 1 B THR 1  ? CG2 ? B THR 6  CG2 
241 1 Y 1 B ILE 3  ? CG1 ? B ILE 8  CG1 
242 1 Y 1 B ILE 3  ? CG2 ? B ILE 8  CG2 
243 1 Y 1 B ILE 3  ? CD1 ? B ILE 8  CD1 
244 1 Y 1 B GLU 4  ? CG  ? B GLU 9  CG  
245 1 Y 1 B GLU 4  ? CD  ? B GLU 9  CD  
246 1 Y 1 B GLU 4  ? OE1 ? B GLU 9  OE1 
247 1 Y 1 B GLU 4  ? OE2 ? B GLU 9  OE2 
248 1 Y 1 B ASN 6  ? CG  ? B ASN 11 CG  
249 1 Y 1 B ASN 6  ? OD1 ? B ASN 11 OD1 
250 1 Y 1 B ASN 6  ? ND2 ? B ASN 11 ND2 
251 1 Y 1 B SER 7  ? OG  ? B SER 12 OG  
252 1 Y 1 B ARG 8  ? CG  ? B ARG 13 CG  
253 1 Y 1 B ARG 8  ? CD  ? B ARG 13 CD  
254 1 Y 1 B ARG 8  ? NE  ? B ARG 13 NE  
255 1 Y 1 B ARG 8  ? CZ  ? B ARG 13 CZ  
256 1 Y 1 B ARG 8  ? NH1 ? B ARG 13 NH1 
257 1 Y 1 B ARG 8  ? NH2 ? B ARG 13 NH2 
258 1 Y 1 B MET 9  ? CG  ? B MET 14 CG  
259 1 Y 1 B MET 9  ? SD  ? B MET 14 SD  
260 1 Y 1 B MET 9  ? CE  ? B MET 14 CE  
261 1 Y 1 B LEU 10 ? CG  ? B LEU 15 CG  
262 1 Y 1 B LEU 10 ? CD1 ? B LEU 15 CD1 
263 1 Y 1 B LEU 10 ? CD2 ? B LEU 15 CD2 
264 1 Y 1 B LYS 11 ? CG  ? B LYS 16 CG  
265 1 Y 1 B LYS 11 ? CD  ? B LYS 16 CD  
266 1 Y 1 B LYS 11 ? CE  ? B LYS 16 CE  
267 1 Y 1 B LYS 11 ? NZ  ? B LYS 16 NZ  
268 1 Y 1 B LEU 13 ? CG  ? B LEU 18 CG  
269 1 Y 1 B LEU 13 ? CD1 ? B LEU 18 CD1 
270 1 Y 1 B LEU 13 ? CD2 ? B LEU 18 CD2 
271 1 Y 1 B ILE 14 ? CG1 ? B ILE 19 CG1 
272 1 Y 1 B ILE 14 ? CG2 ? B ILE 19 CG2 
273 1 Y 1 B ILE 14 ? CD1 ? B ILE 19 CD1 
274 1 Y 1 B GLU 15 ? CG  ? B GLU 20 CG  
275 1 Y 1 B GLU 15 ? CD  ? B GLU 20 CD  
276 1 Y 1 B GLU 15 ? OE1 ? B GLU 20 OE1 
277 1 Y 1 B GLU 15 ? OE2 ? B GLU 20 OE2 
278 1 Y 1 B ILE 16 ? CG1 ? B ILE 21 CG1 
279 1 Y 1 B ILE 16 ? CG2 ? B ILE 21 CG2 
280 1 Y 1 B ILE 16 ? CD1 ? B ILE 21 CD1 
281 1 Y 1 B LYS 18 ? CG  ? B LYS 23 CG  
282 1 Y 1 B LYS 18 ? CD  ? B LYS 23 CD  
283 1 Y 1 B LYS 18 ? CE  ? B LYS 23 CE  
284 1 Y 1 B LYS 18 ? NZ  ? B LYS 23 NZ  
285 1 Y 1 B ILE 20 ? CG1 ? B ILE 25 CG1 
286 1 Y 1 B ILE 20 ? CG2 ? B ILE 25 CG2 
287 1 Y 1 B ILE 20 ? CD1 ? B ILE 25 CD1 
288 1 Y 1 B TRP 21 ? CG  ? B TRP 26 CG  
289 1 Y 1 B TRP 21 ? CD1 ? B TRP 26 CD1 
290 1 Y 1 B TRP 21 ? CD2 ? B TRP 26 CD2 
291 1 Y 1 B TRP 21 ? NE1 ? B TRP 26 NE1 
292 1 Y 1 B TRP 21 ? CE2 ? B TRP 26 CE2 
293 1 Y 1 B TRP 21 ? CE3 ? B TRP 26 CE3 
294 1 Y 1 B TRP 21 ? CZ2 ? B TRP 26 CZ2 
295 1 Y 1 B TRP 21 ? CZ3 ? B TRP 26 CZ3 
296 1 Y 1 B TRP 21 ? CH2 ? B TRP 26 CH2 
297 1 Y 1 B LYS 22 ? CG  ? B LYS 27 CG  
298 1 Y 1 B LYS 22 ? CD  ? B LYS 27 CD  
299 1 Y 1 B LYS 22 ? CE  ? B LYS 27 CE  
300 1 Y 1 B LYS 22 ? NZ  ? B LYS 27 NZ  
301 1 Y 1 B LEU 24 ? CG  ? B LEU 29 CG  
302 1 Y 1 B LEU 24 ? CD1 ? B LEU 29 CD1 
303 1 Y 1 B LEU 24 ? CD2 ? B LEU 29 CD2 
304 1 Y 1 B TRP 25 ? CG  ? B TRP 30 CG  
305 1 Y 1 B TRP 25 ? CD1 ? B TRP 30 CD1 
306 1 Y 1 B TRP 25 ? CD2 ? B TRP 30 CD2 
307 1 Y 1 B TRP 25 ? NE1 ? B TRP 30 NE1 
308 1 Y 1 B TRP 25 ? CE2 ? B TRP 30 CE2 
309 1 Y 1 B TRP 25 ? CE3 ? B TRP 30 CE3 
310 1 Y 1 B TRP 25 ? CZ2 ? B TRP 30 CZ2 
311 1 Y 1 B TRP 25 ? CZ3 ? B TRP 30 CZ3 
312 1 Y 1 B TRP 25 ? CH2 ? B TRP 30 CH2 
313 1 Y 1 B ASN 27 ? CG  ? B ASN 32 CG  
314 1 Y 1 B ASN 27 ? OD1 ? B ASN 32 OD1 
315 1 Y 1 B ASN 27 ? ND2 ? B ASN 32 ND2 
316 1 Y 1 B SER 28 ? OG  ? B SER 33 OG  
317 1 Y 1 B LEU 29 ? CG  ? B LEU 34 CG  
318 1 Y 1 B LEU 29 ? CD1 ? B LEU 34 CD1 
319 1 Y 1 B LEU 29 ? CD2 ? B LEU 34 CD2 
320 1 Y 1 B LEU 30 ? CG  ? B LEU 35 CG  
321 1 Y 1 B LEU 30 ? CD1 ? B LEU 35 CD1 
322 1 Y 1 B LEU 30 ? CD2 ? B LEU 35 CD2 
323 1 Y 1 B LEU 31 ? CG  ? B LEU 36 CG  
324 1 Y 1 B LEU 31 ? CD1 ? B LEU 36 CD1 
325 1 Y 1 B LEU 31 ? CD2 ? B LEU 36 CD2 
326 1 Y 1 B GLU 32 ? CG  ? B GLU 37 CG  
327 1 Y 1 B GLU 32 ? CD  ? B GLU 37 CD  
328 1 Y 1 B GLU 32 ? OE1 ? B GLU 37 OE1 
329 1 Y 1 B GLU 32 ? OE2 ? B GLU 37 OE2 
330 1 Y 1 B THR 34 ? OG1 ? B THR 39 OG1 
331 1 Y 1 B THR 34 ? CG2 ? B THR 39 CG2 
332 1 Y 1 B SER 35 ? OG  ? B SER 40 OG  
333 1 Y 1 B ARG 36 ? CG  ? B ARG 41 CG  
334 1 Y 1 B ARG 36 ? CD  ? B ARG 41 CD  
335 1 Y 1 B ARG 36 ? NE  ? B ARG 41 NE  
336 1 Y 1 B ARG 36 ? CZ  ? B ARG 41 CZ  
337 1 Y 1 B ARG 36 ? NH1 ? B ARG 41 NH1 
338 1 Y 1 B ARG 36 ? NH2 ? B ARG 41 NH2 
339 1 Y 1 B ASP 38 ? CG  ? B ASP 43 CG  
340 1 Y 1 B ASP 38 ? OD1 ? B ASP 43 OD1 
341 1 Y 1 B ASP 38 ? OD2 ? B ASP 43 OD2 
342 1 Y 1 B THR 39 ? OG1 ? B THR 44 OG1 
343 1 Y 1 B THR 39 ? CG2 ? B THR 44 CG2 
344 1 Y 1 B GLU 40 ? CG  ? B GLU 45 CG  
345 1 Y 1 B GLU 40 ? CD  ? B GLU 45 CD  
346 1 Y 1 B GLU 40 ? OE1 ? B GLU 45 OE1 
347 1 Y 1 B GLU 40 ? OE2 ? B GLU 45 OE2 
348 1 Y 1 B ARG 41 ? CG  ? B ARG 46 CG  
349 1 Y 1 B ARG 41 ? CD  ? B ARG 46 CD  
350 1 Y 1 B ARG 41 ? NE  ? B ARG 46 NE  
351 1 Y 1 B ARG 41 ? CZ  ? B ARG 46 CZ  
352 1 Y 1 B ARG 41 ? NH1 ? B ARG 46 NH1 
353 1 Y 1 B ARG 41 ? NH2 ? B ARG 46 NH2 
354 1 Y 1 B MET 42 ? CG  ? B MET 47 CG  
355 1 Y 1 B MET 42 ? SD  ? B MET 47 SD  
356 1 Y 1 B MET 42 ? CE  ? B MET 47 CE  
357 1 Y 1 B ARG 43 ? CG  ? B ARG 48 CG  
358 1 Y 1 B ARG 43 ? CD  ? B ARG 48 CD  
359 1 Y 1 B ARG 43 ? NE  ? B ARG 48 NE  
360 1 Y 1 B ARG 43 ? CZ  ? B ARG 48 CZ  
361 1 Y 1 B ARG 43 ? NH1 ? B ARG 48 NH1 
362 1 Y 1 B ARG 43 ? NH2 ? B ARG 48 NH2 
363 1 Y 1 B GLN 44 ? CG  ? B GLN 49 CG  
364 1 Y 1 B GLN 44 ? CD  ? B GLN 49 CD  
365 1 Y 1 B GLN 44 ? OE1 ? B GLN 49 OE1 
366 1 Y 1 B GLN 44 ? NE2 ? B GLN 49 NE2 
367 1 Y 1 B TRP 45 ? CG  ? B TRP 50 CG  
368 1 Y 1 B TRP 45 ? CD1 ? B TRP 50 CD1 
369 1 Y 1 B TRP 45 ? CD2 ? B TRP 50 CD2 
370 1 Y 1 B TRP 45 ? NE1 ? B TRP 50 NE1 
371 1 Y 1 B TRP 45 ? CE2 ? B TRP 50 CE2 
372 1 Y 1 B TRP 45 ? CE3 ? B TRP 50 CE3 
373 1 Y 1 B TRP 45 ? CZ2 ? B TRP 50 CZ2 
374 1 Y 1 B TRP 45 ? CZ3 ? B TRP 50 CZ3 
375 1 Y 1 B TRP 45 ? CH2 ? B TRP 50 CH2 
376 1 Y 1 B GLU 47 ? CG  ? B GLU 52 CG  
377 1 Y 1 B GLU 47 ? CD  ? B GLU 52 CD  
378 1 Y 1 B GLU 47 ? OE1 ? B GLU 52 OE1 
379 1 Y 1 B GLU 47 ? OE2 ? B GLU 52 OE2 
380 1 Y 1 B GLU 48 ? CG  ? B GLU 53 CG  
381 1 Y 1 B GLU 48 ? CD  ? B GLU 53 CD  
382 1 Y 1 B GLU 48 ? OE1 ? B GLU 53 OE1 
383 1 Y 1 B GLU 48 ? OE2 ? B GLU 53 OE2 
384 1 Y 1 B ARG 50 ? CG  ? B ARG 55 CG  
385 1 Y 1 B ARG 50 ? CD  ? B ARG 55 CD  
386 1 Y 1 B ARG 50 ? NE  ? B ARG 55 NE  
387 1 Y 1 B ARG 50 ? CZ  ? B ARG 55 CZ  
388 1 Y 1 B ARG 50 ? NH1 ? B ARG 55 NH1 
389 1 Y 1 B ARG 50 ? NH2 ? B ARG 55 NH2 
390 1 Y 1 B LYS 51 ? CG  ? B LYS 56 CG  
391 1 Y 1 B LYS 51 ? CD  ? B LYS 56 CD  
392 1 Y 1 B LYS 51 ? CE  ? B LYS 56 CE  
393 1 Y 1 B LYS 51 ? NZ  ? B LYS 56 NZ  
394 1 Y 1 B ILE 52 ? CG1 ? B ILE 57 CG1 
395 1 Y 1 B ILE 52 ? CG2 ? B ILE 57 CG2 
396 1 Y 1 B ILE 52 ? CD1 ? B ILE 57 CD1 
397 1 Y 1 B TYR 53 ? CG  ? B TYR 58 CG  
398 1 Y 1 B TYR 53 ? CD1 ? B TYR 58 CD1 
399 1 Y 1 B TYR 53 ? CD2 ? B TYR 58 CD2 
400 1 Y 1 B TYR 53 ? CE1 ? B TYR 58 CE1 
401 1 Y 1 B TYR 53 ? CE2 ? B TYR 58 CE2 
402 1 Y 1 B TYR 53 ? CZ  ? B TYR 58 CZ  
403 1 Y 1 B TYR 53 ? OH  ? B TYR 58 OH  
404 1 Y 1 B LYS 54 ? CG  ? B LYS 59 CG  
405 1 Y 1 B LYS 54 ? CD  ? B LYS 59 CD  
406 1 Y 1 B LYS 54 ? CE  ? B LYS 59 CE  
407 1 Y 1 B LYS 54 ? NZ  ? B LYS 59 NZ  
408 1 Y 1 B GLU 55 ? CG  ? B GLU 60 CG  
409 1 Y 1 B GLU 55 ? CD  ? B GLU 60 CD  
410 1 Y 1 B GLU 55 ? OE1 ? B GLU 60 OE1 
411 1 Y 1 B GLU 55 ? OE2 ? B GLU 60 OE2 
412 1 Y 1 B GLU 57 ? CG  ? B GLU 62 CG  
413 1 Y 1 B GLU 57 ? CD  ? B GLU 62 CD  
414 1 Y 1 B GLU 57 ? OE1 ? B GLU 62 OE1 
415 1 Y 1 B GLU 57 ? OE2 ? B GLU 62 OE2 
416 1 Y 1 B LYS 58 ? CG  ? B LYS 63 CG  
417 1 Y 1 B LYS 58 ? CD  ? B LYS 63 CD  
418 1 Y 1 B LYS 58 ? CE  ? B LYS 63 CE  
419 1 Y 1 B LYS 58 ? NZ  ? B LYS 63 NZ  
420 1 Y 1 B ILE 59 ? CG1 ? B ILE 64 CG1 
421 1 Y 1 B ILE 59 ? CG2 ? B ILE 64 CG2 
422 1 Y 1 B ILE 59 ? CD1 ? B ILE 64 CD1 
423 1 Y 1 B ILE 60 ? CG1 ? B ILE 65 CG1 
424 1 Y 1 B ILE 60 ? CG2 ? B ILE 65 CG2 
425 1 Y 1 B ILE 60 ? CD1 ? B ILE 65 CD1 
426 1 Y 1 B ASP 61 ? CG  ? B ASP 66 CG  
427 1 Y 1 B ASP 61 ? OD1 ? B ASP 66 OD1 
428 1 Y 1 B ASP 61 ? OD2 ? B ASP 66 OD2 
429 1 Y 1 B ARG 62 ? CG  ? B ARG 67 CG  
430 1 Y 1 B ARG 62 ? CD  ? B ARG 67 CD  
431 1 Y 1 B ARG 62 ? NE  ? B ARG 67 NE  
432 1 Y 1 B ARG 62 ? CZ  ? B ARG 67 CZ  
433 1 Y 1 B ARG 62 ? NH1 ? B ARG 67 NH1 
434 1 Y 1 B ARG 62 ? NH2 ? B ARG 67 NH2 
435 1 Y 1 B ASP 64 ? CG  ? B ASP 69 CG  
436 1 Y 1 B ASP 64 ? OD1 ? B ASP 69 OD1 
437 1 Y 1 B ASP 64 ? OD2 ? B ASP 69 OD2 
438 1 Y 1 B GLU 65 ? CG  ? B GLU 70 CG  
439 1 Y 1 B GLU 65 ? CD  ? B GLU 70 CD  
440 1 Y 1 B GLU 65 ? OE1 ? B GLU 70 OE1 
441 1 Y 1 B GLU 65 ? OE2 ? B GLU 70 OE2 
442 1 Y 1 B ILE 66 ? CG1 ? B ILE 71 CG1 
443 1 Y 1 B ILE 66 ? CG2 ? B ILE 71 CG2 
444 1 Y 1 B ILE 66 ? CD1 ? B ILE 71 CD1 
445 1 Y 1 B VAL 67 ? CG1 ? B VAL 72 CG1 
446 1 Y 1 B VAL 67 ? CG2 ? B VAL 72 CG2 
447 1 Y 1 B GLU 68 ? CG  ? B GLU 73 CG  
448 1 Y 1 B GLU 68 ? CD  ? B GLU 73 CD  
449 1 Y 1 B GLU 68 ? OE1 ? B GLU 73 OE1 
450 1 Y 1 B GLU 68 ? OE2 ? B GLU 73 OE2 
451 1 Y 1 B GLU 69 ? CG  ? B GLU 74 CG  
452 1 Y 1 B GLU 69 ? CD  ? B GLU 74 CD  
453 1 Y 1 B GLU 69 ? OE1 ? B GLU 74 OE1 
454 1 Y 1 B GLU 69 ? OE2 ? B GLU 74 OE2 
455 1 Y 1 B LYS 71 ? CG  ? B LYS 76 CG  
456 1 Y 1 B LYS 71 ? CD  ? B LYS 76 CD  
457 1 Y 1 B LYS 71 ? CE  ? B LYS 76 CE  
458 1 Y 1 B LYS 71 ? NZ  ? B LYS 76 NZ  
459 1 Y 1 B LYS 72 ? CG  ? B LYS 77 CG  
460 1 Y 1 B LYS 72 ? CD  ? B LYS 77 CD  
461 1 Y 1 B LYS 72 ? CE  ? B LYS 77 CE  
462 1 Y 1 B LYS 72 ? NZ  ? B LYS 77 NZ  
463 1 Y 1 B ARG 73 ? CG  ? B ARG 78 CG  
464 1 Y 1 B ARG 73 ? CD  ? B ARG 78 CD  
465 1 Y 1 B ARG 73 ? NE  ? B ARG 78 NE  
466 1 Y 1 B ARG 73 ? CZ  ? B ARG 78 CZ  
467 1 Y 1 B ARG 73 ? NH1 ? B ARG 78 NH1 
468 1 Y 1 B ARG 73 ? NH2 ? B ARG 78 NH2 
469 1 Y 1 B HIS 74 ? CG  ? B HIS 79 CG  
470 1 Y 1 B HIS 74 ? ND1 ? B HIS 79 ND1 
471 1 Y 1 B HIS 74 ? CD2 ? B HIS 79 CD2 
472 1 Y 1 B HIS 74 ? CE1 ? B HIS 79 CE1 
473 1 Y 1 B HIS 74 ? NE2 ? B HIS 79 NE2 
474 1 Y 1 B ASP 75 ? CG  ? B ASP 80 CG  
475 1 Y 1 B ASP 75 ? OD1 ? B ASP 80 OD1 
476 1 Y 1 B ASP 75 ? OD2 ? B ASP 80 OD2 
# 
loop_
_software.citation_id 
_software.classification 
_software.compiler_name 
_software.compiler_version 
_software.contact_author 
_software.contact_author_email 
_software.date 
_software.description 
_software.dependencies 
_software.hardware 
_software.language 
_software.location 
_software.mods 
_software.name 
_software.os 
_software.os_version 
_software.type 
_software.version 
_software.pdbx_ordinal 
? refinement       ? ? ? ? ? ? ? ? ? ? ? PHENIX ? ? ? dev_1616 1 
? 'data reduction' ? ? ? ? ? ? ? ? ? ? ? xia2   ? ? ? .        2 
? 'data scaling'   ? ? ? ? ? ? ? ? ? ? ? xia2   ? ? ? .        3 
? phasing          ? ? ? ? ? ? ? ? ? ? ? PHASER ? ? ? .        4 
# 
_cell.entry_id           5JQZ 
_cell.length_a           70.690 
_cell.length_b           37.331 
_cell.length_c           58.716 
_cell.angle_alpha        90.00 
_cell.angle_beta         90.00 
_cell.angle_gamma        90.00 
_cell.Z_PDB              8 
_cell.pdbx_unique_axis   ? 
# 
_symmetry.entry_id                         5JQZ 
_symmetry.space_group_name_H-M             'P 21 21 2' 
_symmetry.pdbx_full_space_group_name_H-M   ? 
_symmetry.cell_setting                     ? 
_symmetry.Int_Tables_number                18 
# 
_exptl.absorpt_coefficient_mu     ? 
_exptl.absorpt_correction_T_max   ? 
_exptl.absorpt_correction_T_min   ? 
_exptl.absorpt_correction_type    ? 
_exptl.absorpt_process_details    ? 
_exptl.entry_id                   5JQZ 
_exptl.crystals_number            1 
_exptl.details                    ? 
_exptl.method                     'X-RAY DIFFRACTION' 
_exptl.method_details             ? 
# 
_exptl_crystal.colour                      ? 
_exptl_crystal.density_diffrn              ? 
_exptl_crystal.density_Matthews            2.10 
_exptl_crystal.density_method              ? 
_exptl_crystal.density_percent_sol         41.51 
_exptl_crystal.description                 ? 
_exptl_crystal.F_000                       ? 
_exptl_crystal.id                          1 
_exptl_crystal.preparation                 ? 
_exptl_crystal.size_max                    ? 
_exptl_crystal.size_mid                    ? 
_exptl_crystal.size_min                    ? 
_exptl_crystal.size_rad                    ? 
_exptl_crystal.colour_lustre               ? 
_exptl_crystal.colour_modifier             ? 
_exptl_crystal.colour_primary              ? 
_exptl_crystal.density_meas                ? 
_exptl_crystal.density_meas_esd            ? 
_exptl_crystal.density_meas_gt             ? 
_exptl_crystal.density_meas_lt             ? 
_exptl_crystal.density_meas_temp           ? 
_exptl_crystal.density_meas_temp_esd       ? 
_exptl_crystal.density_meas_temp_gt        ? 
_exptl_crystal.density_meas_temp_lt        ? 
_exptl_crystal.pdbx_crystal_image_url      ? 
_exptl_crystal.pdbx_crystal_image_format   ? 
_exptl_crystal.pdbx_mosaicity              ? 
_exptl_crystal.pdbx_mosaicity_esd          ? 
# 
_exptl_crystal_grow.apparatus       ? 
_exptl_crystal_grow.atmosphere      ? 
_exptl_crystal_grow.crystal_id      1 
_exptl_crystal_grow.details         ? 
_exptl_crystal_grow.method          'VAPOR DIFFUSION, SITTING DROP' 
_exptl_crystal_grow.method_ref      ? 
_exptl_crystal_grow.pH              ? 
_exptl_crystal_grow.pressure        ? 
_exptl_crystal_grow.pressure_esd    ? 
_exptl_crystal_grow.seeding         ? 
_exptl_crystal_grow.seeding_ref     ? 
_exptl_crystal_grow.temp            295 
_exptl_crystal_grow.temp_details    ? 
_exptl_crystal_grow.temp_esd        ? 
_exptl_crystal_grow.time            ? 
_exptl_crystal_grow.pdbx_details    '0.2 M Sodium Acetate trihydrate, 0.1 M Tris hydrochloride pH 8.5 and 30 % PEG 4,000' 
_exptl_crystal_grow.pdbx_pH_range   ? 
# 
_diffrn.ambient_environment    ? 
_diffrn.ambient_temp           100 
_diffrn.ambient_temp_details   ? 
_diffrn.ambient_temp_esd       ? 
_diffrn.crystal_id             1 
_diffrn.crystal_support        ? 
_diffrn.crystal_treatment      ? 
_diffrn.details                ? 
_diffrn.id                     1 
_diffrn.ambient_pressure       ? 
_diffrn.ambient_pressure_esd   ? 
_diffrn.ambient_pressure_gt    ? 
_diffrn.ambient_pressure_lt    ? 
_diffrn.ambient_temp_gt        ? 
_diffrn.ambient_temp_lt        ? 
# 
_diffrn_detector.details                      ? 
_diffrn_detector.detector                     CCD 
_diffrn_detector.diffrn_id                    1 
_diffrn_detector.type                         'ADSC QUANTUM 315r' 
_diffrn_detector.area_resol_mean              ? 
_diffrn_detector.dtime                        ? 
_diffrn_detector.pdbx_frames_total            ? 
_diffrn_detector.pdbx_collection_time_total   ? 
_diffrn_detector.pdbx_collection_date         2015-05-30 
# 
_diffrn_radiation.collimation                      ? 
_diffrn_radiation.diffrn_id                        1 
_diffrn_radiation.filter_edge                      ? 
_diffrn_radiation.inhomogeneity                    ? 
_diffrn_radiation.monochromator                    ? 
_diffrn_radiation.polarisn_norm                    ? 
_diffrn_radiation.polarisn_ratio                   ? 
_diffrn_radiation.probe                            ? 
_diffrn_radiation.type                             ? 
_diffrn_radiation.xray_symbol                      ? 
_diffrn_radiation.wavelength_id                    1 
_diffrn_radiation.pdbx_monochromatic_or_laue_m_l   M 
_diffrn_radiation.pdbx_wavelength_list             ? 
_diffrn_radiation.pdbx_wavelength                  ? 
_diffrn_radiation.pdbx_diffrn_protocol             'SINGLE WAVELENGTH' 
_diffrn_radiation.pdbx_analyzer                    ? 
_diffrn_radiation.pdbx_scattering_type             x-ray 
# 
_diffrn_radiation_wavelength.id           1 
_diffrn_radiation_wavelength.wavelength   1 
_diffrn_radiation_wavelength.wt           1.0 
# 
_diffrn_source.current                     ? 
_diffrn_source.details                     ? 
_diffrn_source.diffrn_id                   1 
_diffrn_source.power                       ? 
_diffrn_source.size                        ? 
_diffrn_source.source                      SYNCHROTRON 
_diffrn_source.target                      ? 
_diffrn_source.type                        'ALS BEAMLINE 8.2.2' 
_diffrn_source.voltage                     ? 
_diffrn_source.take-off_angle              ? 
_diffrn_source.pdbx_wavelength_list        1 
_diffrn_source.pdbx_wavelength             ? 
_diffrn_source.pdbx_synchrotron_beamline   8.2.2 
_diffrn_source.pdbx_synchrotron_site       ALS 
# 
_reflns.B_iso_Wilson_estimate            ? 
_reflns.entry_id                         5JQZ 
_reflns.data_reduction_details           ? 
_reflns.data_reduction_method            ? 
_reflns.d_resolution_high                3.83 
_reflns.d_resolution_low                 58.72 
_reflns.details                          ? 
_reflns.limit_h_max                      ? 
_reflns.limit_h_min                      ? 
_reflns.limit_k_max                      ? 
_reflns.limit_k_min                      ? 
_reflns.limit_l_max                      ? 
_reflns.limit_l_min                      ? 
_reflns.number_all                       ? 
_reflns.number_obs                       1573 
_reflns.observed_criterion               ? 
_reflns.observed_criterion_F_max         ? 
_reflns.observed_criterion_F_min         ? 
_reflns.observed_criterion_I_max         ? 
_reflns.observed_criterion_I_min         ? 
_reflns.observed_criterion_sigma_F       ? 
_reflns.observed_criterion_sigma_I       ? 
_reflns.percent_possible_obs             93.91 
_reflns.R_free_details                   ? 
_reflns.Rmerge_F_all                     ? 
_reflns.Rmerge_F_obs                     ? 
_reflns.Friedel_coverage                 ? 
_reflns.number_gt                        ? 
_reflns.threshold_expression             ? 
_reflns.pdbx_redundancy                  3.1 
_reflns.pdbx_Rmerge_I_obs                ? 
_reflns.pdbx_Rmerge_I_all                ? 
_reflns.pdbx_Rsym_value                  ? 
_reflns.pdbx_netI_over_av_sigmaI         ? 
_reflns.pdbx_netI_over_sigmaI            90.7 
_reflns.pdbx_res_netI_over_av_sigmaI_2   ? 
_reflns.pdbx_res_netI_over_sigmaI_2      ? 
_reflns.pdbx_chi_squared                 ? 
_reflns.pdbx_scaling_rejects             ? 
_reflns.pdbx_d_res_high_opt              ? 
_reflns.pdbx_d_res_low_opt               ? 
_reflns.pdbx_d_res_opt_method            ? 
_reflns.phase_calculation_details        ? 
_reflns.pdbx_Rrim_I_all                  ? 
_reflns.pdbx_Rpim_I_all                  ? 
_reflns.pdbx_d_opt                       ? 
_reflns.pdbx_number_measured_all         ? 
_reflns.pdbx_diffrn_id                   1 
_reflns.pdbx_ordinal                     1 
_reflns.pdbx_CC_half                     ? 
_reflns.pdbx_R_split                     ? 
# 
_reflns_shell.d_res_high                  . 
_reflns_shell.d_res_low                   ? 
_reflns_shell.meanI_over_sigI_all         ? 
_reflns_shell.meanI_over_sigI_obs         ? 
_reflns_shell.number_measured_all         ? 
_reflns_shell.number_measured_obs         ? 
_reflns_shell.number_possible             ? 
_reflns_shell.number_unique_all           ? 
_reflns_shell.number_unique_obs           ? 
_reflns_shell.percent_possible_all        ? 
_reflns_shell.percent_possible_obs        ? 
_reflns_shell.Rmerge_F_all                ? 
_reflns_shell.Rmerge_F_obs                ? 
_reflns_shell.Rmerge_I_all                ? 
_reflns_shell.Rmerge_I_obs                ? 
_reflns_shell.meanI_over_sigI_gt          ? 
_reflns_shell.meanI_over_uI_all           ? 
_reflns_shell.meanI_over_uI_gt            ? 
_reflns_shell.number_measured_gt          ? 
_reflns_shell.number_unique_gt            ? 
_reflns_shell.percent_possible_gt         ? 
_reflns_shell.Rmerge_F_gt                 ? 
_reflns_shell.Rmerge_I_gt                 ? 
_reflns_shell.pdbx_redundancy             ? 
_reflns_shell.pdbx_Rsym_value             ? 
_reflns_shell.pdbx_chi_squared            ? 
_reflns_shell.pdbx_netI_over_sigmaI_all   ? 
_reflns_shell.pdbx_netI_over_sigmaI_obs   ? 
_reflns_shell.pdbx_Rrim_I_all             ? 
_reflns_shell.pdbx_Rpim_I_all             ? 
_reflns_shell.pdbx_rejects                ? 
_reflns_shell.pdbx_ordinal                1 
_reflns_shell.pdbx_diffrn_id              1 
_reflns_shell.pdbx_CC_half                ? 
_reflns_shell.pdbx_R_split                ? 
# 
_refine.pdbx_refine_id                           'X-RAY DIFFRACTION' 
_refine.entry_id                                 5JQZ 
_refine.pdbx_diffrn_id                           1 
_refine.pdbx_TLS_residual_ADP_flag               ? 
_refine.ls_number_reflns_obs                     1553 
_refine.ls_number_reflns_all                     ? 
_refine.pdbx_ls_sigma_I                          ? 
_refine.pdbx_ls_sigma_F                          1.48 
_refine.pdbx_data_cutoff_high_absF               ? 
_refine.pdbx_data_cutoff_low_absF                ? 
_refine.pdbx_data_cutoff_high_rms_absF           ? 
_refine.ls_d_res_low                             58.716 
_refine.ls_d_res_high                            3.830 
_refine.ls_percent_reflns_obs                    92.72 
_refine.ls_R_factor_obs                          0.4330 
_refine.ls_R_factor_all                          ? 
_refine.ls_R_factor_R_work                       0.4283 
_refine.ls_R_factor_R_free                       0.4785 
_refine.ls_R_factor_R_free_error                 ? 
_refine.ls_R_factor_R_free_error_details         ? 
_refine.ls_percent_reflns_R_free                 10.05 
_refine.ls_number_reflns_R_free                  156 
_refine.ls_number_parameters                     ? 
_refine.ls_number_restraints                     ? 
_refine.occupancy_min                            ? 
_refine.occupancy_max                            ? 
_refine.correlation_coeff_Fo_to_Fc               ? 
_refine.correlation_coeff_Fo_to_Fc_free          ? 
_refine.B_iso_mean                               ? 
_refine.aniso_B[1][1]                            ? 
_refine.aniso_B[2][2]                            ? 
_refine.aniso_B[3][3]                            ? 
_refine.aniso_B[1][2]                            ? 
_refine.aniso_B[1][3]                            ? 
_refine.aniso_B[2][3]                            ? 
_refine.solvent_model_details                    'FLAT BULK SOLVENT MODEL' 
_refine.solvent_model_param_ksol                 ? 
_refine.solvent_model_param_bsol                 ? 
_refine.pdbx_solvent_vdw_probe_radii             1.11 
_refine.pdbx_solvent_ion_probe_radii             ? 
_refine.pdbx_solvent_shrinkage_radii             0.90 
_refine.pdbx_ls_cross_valid_method               'FREE R-VALUE' 
_refine.details                                  ? 
_refine.pdbx_starting_model                      ? 
_refine.pdbx_method_to_determine_struct          'MOLECULAR REPLACEMENT' 
_refine.pdbx_isotropic_thermal_model             ? 
_refine.pdbx_stereochemistry_target_values       ML 
_refine.pdbx_stereochem_target_val_spec_case     ? 
_refine.pdbx_R_Free_selection_details            ? 
_refine.pdbx_overall_ESU_R                       ? 
_refine.pdbx_overall_ESU_R_Free                  ? 
_refine.overall_SU_ML                            -0.00 
_refine.pdbx_overall_phase_error                 53.32 
_refine.overall_SU_B                             ? 
_refine.overall_SU_R_Cruickshank_DPI             ? 
_refine.pdbx_overall_SU_R_free_Cruickshank_DPI   ? 
_refine.pdbx_overall_SU_R_Blow_DPI               ? 
_refine.pdbx_overall_SU_R_free_Blow_DPI          ? 
# 
_refine_hist.pdbx_refine_id                   'X-RAY DIFFRACTION' 
_refine_hist.cycle_id                         LAST 
_refine_hist.pdbx_number_atoms_protein        748 
_refine_hist.pdbx_number_atoms_nucleic_acid   0 
_refine_hist.pdbx_number_atoms_ligand         0 
_refine_hist.number_atoms_solvent             0 
_refine_hist.number_atoms_total               748 
_refine_hist.d_res_high                       3.830 
_refine_hist.d_res_low                        58.716 
# 
loop_
_refine_ls_restr.type 
_refine_ls_restr.dev_ideal 
_refine_ls_restr.dev_ideal_target 
_refine_ls_restr.weight 
_refine_ls_restr.number 
_refine_ls_restr.pdbx_refine_id 
_refine_ls_restr.pdbx_restraint_function 
f_bond_d           0.003 ? ? 746  'X-RAY DIFFRACTION' ? 
f_angle_d          0.681 ? ? 1040 'X-RAY DIFFRACTION' ? 
f_dihedral_angle_d 4.407 ? ? 148  'X-RAY DIFFRACTION' ? 
f_chiral_restr     0.027 ? ? 148  'X-RAY DIFFRACTION' ? 
f_plane_restr      0.002 ? ? 148  'X-RAY DIFFRACTION' ? 
# 
_refine_ls_shell.pdbx_refine_id                   'X-RAY DIFFRACTION' 
_refine_ls_shell.pdbx_total_number_of_bins_used   ? 
_refine_ls_shell.d_res_high                       3.8302 
_refine_ls_shell.d_res_low                        58.7229 
_refine_ls_shell.number_reflns_R_work             1397 
_refine_ls_shell.R_factor_R_work                  0.4283 
_refine_ls_shell.percent_reflns_obs               93.00 
_refine_ls_shell.R_factor_R_free                  0.4785 
_refine_ls_shell.R_factor_R_free_error            ? 
_refine_ls_shell.percent_reflns_R_free            ? 
_refine_ls_shell.number_reflns_R_free             156 
_refine_ls_shell.number_reflns_all                ? 
_refine_ls_shell.R_factor_all                     ? 
_refine_ls_shell.R_factor_obs                     ? 
_refine_ls_shell.number_reflns_obs                ? 
# 
_struct.entry_id                     5JQZ 
_struct.title                        'Designed two-ring homotetramer at 3.8A resolution' 
_struct.pdbx_model_details           ? 
_struct.pdbx_formula_weight          ? 
_struct.pdbx_formula_weight_method   ? 
_struct.pdbx_model_type_details      ? 
_struct.pdbx_CASP_flag               N 
# 
_struct_keywords.entry_id        5JQZ 
_struct_keywords.text            'Protein design, hydrogen bond networks, DE NOVO PROTEIN' 
_struct_keywords.pdbx_keywords   'DE NOVO PROTEIN' 
# 
loop_
_struct_asym.id 
_struct_asym.pdbx_blank_PDB_chainid_flag 
_struct_asym.pdbx_modified 
_struct_asym.entity_id 
_struct_asym.details 
A N N 1 ? 
B N N 1 ? 
# 
_struct_ref.id                         1 
_struct_ref.db_name                    PDB 
_struct_ref.db_code                    5JQZ 
_struct_ref.pdbx_db_accession          5JQZ 
_struct_ref.pdbx_db_isoform            ? 
_struct_ref.entity_id                  1 
_struct_ref.pdbx_seq_one_letter_code   ? 
_struct_ref.pdbx_align_begin           1 
# 
loop_
_struct_ref_seq.align_id 
_struct_ref_seq.ref_id 
_struct_ref_seq.pdbx_PDB_id_code 
_struct_ref_seq.pdbx_strand_id 
_struct_ref_seq.seq_align_beg 
_struct_ref_seq.pdbx_seq_align_beg_ins_code 
_struct_ref_seq.seq_align_end 
_struct_ref_seq.pdbx_seq_align_end_ins_code 
_struct_ref_seq.pdbx_db_accession 
_struct_ref_seq.db_align_beg 
_struct_ref_seq.pdbx_db_align_beg_ins_code 
_struct_ref_seq.db_align_end 
_struct_ref_seq.pdbx_db_align_end_ins_code 
_struct_ref_seq.pdbx_auth_seq_align_beg 
_struct_ref_seq.pdbx_auth_seq_align_end 
1 1 5JQZ A 1 ? 80 ? 5JQZ -4 ? 75 ? -4 75 
2 1 5JQZ B 1 ? 80 ? 5JQZ -4 ? 75 ? -4 75 
# 
_pdbx_struct_assembly.id                   1 
_pdbx_struct_assembly.details              author_defined_assembly 
_pdbx_struct_assembly.method_details       ? 
_pdbx_struct_assembly.oligomeric_details   dimeric 
_pdbx_struct_assembly.oligomeric_count     2 
# 
_pdbx_struct_assembly_gen.assembly_id       1 
_pdbx_struct_assembly_gen.oper_expression   1 
_pdbx_struct_assembly_gen.asym_id_list      A,B 
# 
_pdbx_struct_oper_list.id                   1 
_pdbx_struct_oper_list.type                 'identity operation' 
_pdbx_struct_oper_list.name                 1_555 
_pdbx_struct_oper_list.symmetry_operation   x,y,z 
_pdbx_struct_oper_list.matrix[1][1]         1.0000000000 
_pdbx_struct_oper_list.matrix[1][2]         0.0000000000 
_pdbx_struct_oper_list.matrix[1][3]         0.0000000000 
_pdbx_struct_oper_list.vector[1]            0.0000000000 
_pdbx_struct_oper_list.matrix[2][1]         0.0000000000 
_pdbx_struct_oper_list.matrix[2][2]         1.0000000000 
_pdbx_struct_oper_list.matrix[2][3]         0.0000000000 
_pdbx_struct_oper_list.vector[2]            0.0000000000 
_pdbx_struct_oper_list.matrix[3][1]         0.0000000000 
_pdbx_struct_oper_list.matrix[3][2]         0.0000000000 
_pdbx_struct_oper_list.matrix[3][3]         1.0000000000 
_pdbx_struct_oper_list.vector[3]            0.0000000000 
# 
loop_
_struct_conf.conf_type_id 
_struct_conf.id 
_struct_conf.pdbx_PDB_helix_id 
_struct_conf.beg_label_comp_id 
_struct_conf.beg_label_asym_id 
_struct_conf.beg_label_seq_id 
_struct_conf.pdbx_beg_PDB_ins_code 
_struct_conf.end_label_comp_id 
_struct_conf.end_label_asym_id 
_struct_conf.end_label_seq_id 
_struct_conf.pdbx_end_PDB_ins_code 
_struct_conf.beg_auth_comp_id 
_struct_conf.beg_auth_asym_id 
_struct_conf.beg_auth_seq_id 
_struct_conf.end_auth_comp_id 
_struct_conf.end_auth_asym_id 
_struct_conf.end_auth_seq_id 
_struct_conf.pdbx_PDB_helix_class 
_struct_conf.details 
_struct_conf.pdbx_PDB_helix_length 
HELX_P HELX_P1 AA1 THR A 6  ? THR A 39 ? THR A 1  THR A 34 1 ? 34 
HELX_P HELX_P2 AA2 GLU A 45 ? LYS A 77 ? GLU A 40 LYS A 72 1 ? 33 
HELX_P HELX_P3 AA3 ARG A 78 ? ASP A 80 ? ARG A 73 ASP A 75 5 ? 3  
HELX_P HELX_P4 AA4 ALA B 7  ? GLY B 42 ? ALA B 2  GLY B 37 1 ? 36 
HELX_P HELX_P5 AA5 THR B 44 ? LYS B 77 ? THR B 39 LYS B 72 1 ? 34 
# 
_struct_conf_type.id          HELX_P 
_struct_conf_type.criteria    ? 
_struct_conf_type.reference   ? 
# 
loop_
_pdbx_validate_torsion.id 
_pdbx_validate_torsion.PDB_model_num 
_pdbx_validate_torsion.auth_comp_id 
_pdbx_validate_torsion.auth_asym_id 
_pdbx_validate_torsion.auth_seq_id 
_pdbx_validate_torsion.PDB_ins_code 
_pdbx_validate_torsion.label_alt_id 
_pdbx_validate_torsion.phi 
_pdbx_validate_torsion.psi 
1 1 ARG A 41 ? ? -49.44  -19.22 
2 1 THR B 39 ? ? -147.89 14.68  
3 1 ARG B 73 ? ? -66.60  81.73  
# 
loop_
_pdbx_unobs_or_zero_occ_residues.id 
_pdbx_unobs_or_zero_occ_residues.PDB_model_num 
_pdbx_unobs_or_zero_occ_residues.polymer_flag 
_pdbx_unobs_or_zero_occ_residues.occupancy_flag 
_pdbx_unobs_or_zero_occ_residues.auth_asym_id 
_pdbx_unobs_or_zero_occ_residues.auth_comp_id 
_pdbx_unobs_or_zero_occ_residues.auth_seq_id 
_pdbx_unobs_or_zero_occ_residues.PDB_ins_code 
_pdbx_unobs_or_zero_occ_residues.label_asym_id 
_pdbx_unobs_or_zero_occ_residues.label_comp_id 
_pdbx_unobs_or_zero_occ_residues.label_seq_id 
1  1 Y 1 A GLY -4 ? A GLY 1 
2  1 Y 1 A SER -3 ? A SER 2 
3  1 Y 1 A HIS -2 ? A HIS 3 
4  1 Y 1 A MET -1 ? A MET 4 
5  1 Y 1 A GLY 0  ? A GLY 5 
6  1 Y 1 B GLY -4 ? B GLY 1 
7  1 Y 1 B SER -3 ? B SER 2 
8  1 Y 1 B HIS -2 ? B HIS 3 
9  1 Y 1 B MET -1 ? B MET 4 
10 1 Y 1 B GLY 0  ? B GLY 5 
# 
loop_
_chem_comp_atom.comp_id 
_chem_comp_atom.atom_id 
_chem_comp_atom.type_symbol 
_chem_comp_atom.pdbx_aromatic_flag 
_chem_comp_atom.pdbx_stereo_config 
_chem_comp_atom.pdbx_ordinal 
ALA N    N N N 1   
ALA CA   C N S 2   
ALA C    C N N 3   
ALA O    O N N 4   
ALA CB   C N N 5   
ALA OXT  O N N 6   
ALA H    H N N 7   
ALA H2   H N N 8   
ALA HA   H N N 9   
ALA HB1  H N N 10  
ALA HB2  H N N 11  
ALA HB3  H N N 12  
ALA HXT  H N N 13  
ARG N    N N N 14  
ARG CA   C N S 15  
ARG C    C N N 16  
ARG O    O N N 17  
ARG CB   C N N 18  
ARG CG   C N N 19  
ARG CD   C N N 20  
ARG NE   N N N 21  
ARG CZ   C N N 22  
ARG NH1  N N N 23  
ARG NH2  N N N 24  
ARG OXT  O N N 25  
ARG H    H N N 26  
ARG H2   H N N 27  
ARG HA   H N N 28  
ARG HB2  H N N 29  
ARG HB3  H N N 30  
ARG HG2  H N N 31  
ARG HG3  H N N 32  
ARG HD2  H N N 33  
ARG HD3  H N N 34  
ARG HE   H N N 35  
ARG HH11 H N N 36  
ARG HH12 H N N 37  
ARG HH21 H N N 38  
ARG HH22 H N N 39  
ARG HXT  H N N 40  
ASN N    N N N 41  
ASN CA   C N S 42  
ASN C    C N N 43  
ASN O    O N N 44  
ASN CB   C N N 45  
ASN CG   C N N 46  
ASN OD1  O N N 47  
ASN ND2  N N N 48  
ASN OXT  O N N 49  
ASN H    H N N 50  
ASN H2   H N N 51  
ASN HA   H N N 52  
ASN HB2  H N N 53  
ASN HB3  H N N 54  
ASN HD21 H N N 55  
ASN HD22 H N N 56  
ASN HXT  H N N 57  
ASP N    N N N 58  
ASP CA   C N S 59  
ASP C    C N N 60  
ASP O    O N N 61  
ASP CB   C N N 62  
ASP CG   C N N 63  
ASP OD1  O N N 64  
ASP OD2  O N N 65  
ASP OXT  O N N 66  
ASP H    H N N 67  
ASP H2   H N N 68  
ASP HA   H N N 69  
ASP HB2  H N N 70  
ASP HB3  H N N 71  
ASP HD2  H N N 72  
ASP HXT  H N N 73  
GLN N    N N N 74  
GLN CA   C N S 75  
GLN C    C N N 76  
GLN O    O N N 77  
GLN CB   C N N 78  
GLN CG   C N N 79  
GLN CD   C N N 80  
GLN OE1  O N N 81  
GLN NE2  N N N 82  
GLN OXT  O N N 83  
GLN H    H N N 84  
GLN H2   H N N 85  
GLN HA   H N N 86  
GLN HB2  H N N 87  
GLN HB3  H N N 88  
GLN HG2  H N N 89  
GLN HG3  H N N 90  
GLN HE21 H N N 91  
GLN HE22 H N N 92  
GLN HXT  H N N 93  
GLU N    N N N 94  
GLU CA   C N S 95  
GLU C    C N N 96  
GLU O    O N N 97  
GLU CB   C N N 98  
GLU CG   C N N 99  
GLU CD   C N N 100 
GLU OE1  O N N 101 
GLU OE2  O N N 102 
GLU OXT  O N N 103 
GLU H    H N N 104 
GLU H2   H N N 105 
GLU HA   H N N 106 
GLU HB2  H N N 107 
GLU HB3  H N N 108 
GLU HG2  H N N 109 
GLU HG3  H N N 110 
GLU HE2  H N N 111 
GLU HXT  H N N 112 
GLY N    N N N 113 
GLY CA   C N N 114 
GLY C    C N N 115 
GLY O    O N N 116 
GLY OXT  O N N 117 
GLY H    H N N 118 
GLY H2   H N N 119 
GLY HA2  H N N 120 
GLY HA3  H N N 121 
GLY HXT  H N N 122 
HIS N    N N N 123 
HIS CA   C N S 124 
HIS C    C N N 125 
HIS O    O N N 126 
HIS CB   C N N 127 
HIS CG   C Y N 128 
HIS ND1  N Y N 129 
HIS CD2  C Y N 130 
HIS CE1  C Y N 131 
HIS NE2  N Y N 132 
HIS OXT  O N N 133 
HIS H    H N N 134 
HIS H2   H N N 135 
HIS HA   H N N 136 
HIS HB2  H N N 137 
HIS HB3  H N N 138 
HIS HD1  H N N 139 
HIS HD2  H N N 140 
HIS HE1  H N N 141 
HIS HE2  H N N 142 
HIS HXT  H N N 143 
ILE N    N N N 144 
ILE CA   C N S 145 
ILE C    C N N 146 
ILE O    O N N 147 
ILE CB   C N S 148 
ILE CG1  C N N 149 
ILE CG2  C N N 150 
ILE CD1  C N N 151 
ILE OXT  O N N 152 
ILE H    H N N 153 
ILE H2   H N N 154 
ILE HA   H N N 155 
ILE HB   H N N 156 
ILE HG12 H N N 157 
ILE HG13 H N N 158 
ILE HG21 H N N 159 
ILE HG22 H N N 160 
ILE HG23 H N N 161 
ILE HD11 H N N 162 
ILE HD12 H N N 163 
ILE HD13 H N N 164 
ILE HXT  H N N 165 
LEU N    N N N 166 
LEU CA   C N S 167 
LEU C    C N N 168 
LEU O    O N N 169 
LEU CB   C N N 170 
LEU CG   C N N 171 
LEU CD1  C N N 172 
LEU CD2  C N N 173 
LEU OXT  O N N 174 
LEU H    H N N 175 
LEU H2   H N N 176 
LEU HA   H N N 177 
LEU HB2  H N N 178 
LEU HB3  H N N 179 
LEU HG   H N N 180 
LEU HD11 H N N 181 
LEU HD12 H N N 182 
LEU HD13 H N N 183 
LEU HD21 H N N 184 
LEU HD22 H N N 185 
LEU HD23 H N N 186 
LEU HXT  H N N 187 
LYS N    N N N 188 
LYS CA   C N S 189 
LYS C    C N N 190 
LYS O    O N N 191 
LYS CB   C N N 192 
LYS CG   C N N 193 
LYS CD   C N N 194 
LYS CE   C N N 195 
LYS NZ   N N N 196 
LYS OXT  O N N 197 
LYS H    H N N 198 
LYS H2   H N N 199 
LYS HA   H N N 200 
LYS HB2  H N N 201 
LYS HB3  H N N 202 
LYS HG2  H N N 203 
LYS HG3  H N N 204 
LYS HD2  H N N 205 
LYS HD3  H N N 206 
LYS HE2  H N N 207 
LYS HE3  H N N 208 
LYS HZ1  H N N 209 
LYS HZ2  H N N 210 
LYS HZ3  H N N 211 
LYS HXT  H N N 212 
MET N    N N N 213 
MET CA   C N S 214 
MET C    C N N 215 
MET O    O N N 216 
MET CB   C N N 217 
MET CG   C N N 218 
MET SD   S N N 219 
MET CE   C N N 220 
MET OXT  O N N 221 
MET H    H N N 222 
MET H2   H N N 223 
MET HA   H N N 224 
MET HB2  H N N 225 
MET HB3  H N N 226 
MET HG2  H N N 227 
MET HG3  H N N 228 
MET HE1  H N N 229 
MET HE2  H N N 230 
MET HE3  H N N 231 
MET HXT  H N N 232 
SER N    N N N 233 
SER CA   C N S 234 
SER C    C N N 235 
SER O    O N N 236 
SER CB   C N N 237 
SER OG   O N N 238 
SER OXT  O N N 239 
SER H    H N N 240 
SER H2   H N N 241 
SER HA   H N N 242 
SER HB2  H N N 243 
SER HB3  H N N 244 
SER HG   H N N 245 
SER HXT  H N N 246 
THR N    N N N 247 
THR CA   C N S 248 
THR C    C N N 249 
THR O    O N N 250 
THR CB   C N R 251 
THR OG1  O N N 252 
THR CG2  C N N 253 
THR OXT  O N N 254 
THR H    H N N 255 
THR H2   H N N 256 
THR HA   H N N 257 
THR HB   H N N 258 
THR HG1  H N N 259 
THR HG21 H N N 260 
THR HG22 H N N 261 
THR HG23 H N N 262 
THR HXT  H N N 263 
TRP N    N N N 264 
TRP CA   C N S 265 
TRP C    C N N 266 
TRP O    O N N 267 
TRP CB   C N N 268 
TRP CG   C Y N 269 
TRP CD1  C Y N 270 
TRP CD2  C Y N 271 
TRP NE1  N Y N 272 
TRP CE2  C Y N 273 
TRP CE3  C Y N 274 
TRP CZ2  C Y N 275 
TRP CZ3  C Y N 276 
TRP CH2  C Y N 277 
TRP OXT  O N N 278 
TRP H    H N N 279 
TRP H2   H N N 280 
TRP HA   H N N 281 
TRP HB2  H N N 282 
TRP HB3  H N N 283 
TRP HD1  H N N 284 
TRP HE1  H N N 285 
TRP HE3  H N N 286 
TRP HZ2  H N N 287 
TRP HZ3  H N N 288 
TRP HH2  H N N 289 
TRP HXT  H N N 290 
TYR N    N N N 291 
TYR CA   C N S 292 
TYR C    C N N 293 
TYR O    O N N 294 
TYR CB   C N N 295 
TYR CG   C Y N 296 
TYR CD1  C Y N 297 
TYR CD2  C Y N 298 
TYR CE1  C Y N 299 
TYR CE2  C Y N 300 
TYR CZ   C Y N 301 
TYR OH   O N N 302 
TYR OXT  O N N 303 
TYR H    H N N 304 
TYR H2   H N N 305 
TYR HA   H N N 306 
TYR HB2  H N N 307 
TYR HB3  H N N 308 
TYR HD1  H N N 309 
TYR HD2  H N N 310 
TYR HE1  H N N 311 
TYR HE2  H N N 312 
TYR HH   H N N 313 
TYR HXT  H N N 314 
VAL N    N N N 315 
VAL CA   C N S 316 
VAL C    C N N 317 
VAL O    O N N 318 
VAL CB   C N N 319 
VAL CG1  C N N 320 
VAL CG2  C N N 321 
VAL OXT  O N N 322 
VAL H    H N N 323 
VAL H2   H N N 324 
VAL HA   H N N 325 
VAL HB   H N N 326 
VAL HG11 H N N 327 
VAL HG12 H N N 328 
VAL HG13 H N N 329 
VAL HG21 H N N 330 
VAL HG22 H N N 331 
VAL HG23 H N N 332 
VAL HXT  H N N 333 
# 
loop_
_chem_comp_bond.comp_id 
_chem_comp_bond.atom_id_1 
_chem_comp_bond.atom_id_2 
_chem_comp_bond.value_order 
_chem_comp_bond.pdbx_aromatic_flag 
_chem_comp_bond.pdbx_stereo_config 
_chem_comp_bond.pdbx_ordinal 
ALA N   CA   sing N N 1   
ALA N   H    sing N N 2   
ALA N   H2   sing N N 3   
ALA CA  C    sing N N 4   
ALA CA  CB   sing N N 5   
ALA CA  HA   sing N N 6   
ALA C   O    doub N N 7   
ALA C   OXT  sing N N 8   
ALA CB  HB1  sing N N 9   
ALA CB  HB2  sing N N 10  
ALA CB  HB3  sing N N 11  
ALA OXT HXT  sing N N 12  
ARG N   CA   sing N N 13  
ARG N   H    sing N N 14  
ARG N   H2   sing N N 15  
ARG CA  C    sing N N 16  
ARG CA  CB   sing N N 17  
ARG CA  HA   sing N N 18  
ARG C   O    doub N N 19  
ARG C   OXT  sing N N 20  
ARG CB  CG   sing N N 21  
ARG CB  HB2  sing N N 22  
ARG CB  HB3  sing N N 23  
ARG CG  CD   sing N N 24  
ARG CG  HG2  sing N N 25  
ARG CG  HG3  sing N N 26  
ARG CD  NE   sing N N 27  
ARG CD  HD2  sing N N 28  
ARG CD  HD3  sing N N 29  
ARG NE  CZ   sing N N 30  
ARG NE  HE   sing N N 31  
ARG CZ  NH1  sing N N 32  
ARG CZ  NH2  doub N N 33  
ARG NH1 HH11 sing N N 34  
ARG NH1 HH12 sing N N 35  
ARG NH2 HH21 sing N N 36  
ARG NH2 HH22 sing N N 37  
ARG OXT HXT  sing N N 38  
ASN N   CA   sing N N 39  
ASN N   H    sing N N 40  
ASN N   H2   sing N N 41  
ASN CA  C    sing N N 42  
ASN CA  CB   sing N N 43  
ASN CA  HA   sing N N 44  
ASN C   O    doub N N 45  
ASN C   OXT  sing N N 46  
ASN CB  CG   sing N N 47  
ASN CB  HB2  sing N N 48  
ASN CB  HB3  sing N N 49  
ASN CG  OD1  doub N N 50  
ASN CG  ND2  sing N N 51  
ASN ND2 HD21 sing N N 52  
ASN ND2 HD22 sing N N 53  
ASN OXT HXT  sing N N 54  
ASP N   CA   sing N N 55  
ASP N   H    sing N N 56  
ASP N   H2   sing N N 57  
ASP CA  C    sing N N 58  
ASP CA  CB   sing N N 59  
ASP CA  HA   sing N N 60  
ASP C   O    doub N N 61  
ASP C   OXT  sing N N 62  
ASP CB  CG   sing N N 63  
ASP CB  HB2  sing N N 64  
ASP CB  HB3  sing N N 65  
ASP CG  OD1  doub N N 66  
ASP CG  OD2  sing N N 67  
ASP OD2 HD2  sing N N 68  
ASP OXT HXT  sing N N 69  
GLN N   CA   sing N N 70  
GLN N   H    sing N N 71  
GLN N   H2   sing N N 72  
GLN CA  C    sing N N 73  
GLN CA  CB   sing N N 74  
GLN CA  HA   sing N N 75  
GLN C   O    doub N N 76  
GLN C   OXT  sing N N 77  
GLN CB  CG   sing N N 78  
GLN CB  HB2  sing N N 79  
GLN CB  HB3  sing N N 80  
GLN CG  CD   sing N N 81  
GLN CG  HG2  sing N N 82  
GLN CG  HG3  sing N N 83  
GLN CD  OE1  doub N N 84  
GLN CD  NE2  sing N N 85  
GLN NE2 HE21 sing N N 86  
GLN NE2 HE22 sing N N 87  
GLN OXT HXT  sing N N 88  
GLU N   CA   sing N N 89  
GLU N   H    sing N N 90  
GLU N   H2   sing N N 91  
GLU CA  C    sing N N 92  
GLU CA  CB   sing N N 93  
GLU CA  HA   sing N N 94  
GLU C   O    doub N N 95  
GLU C   OXT  sing N N 96  
GLU CB  CG   sing N N 97  
GLU CB  HB2  sing N N 98  
GLU CB  HB3  sing N N 99  
GLU CG  CD   sing N N 100 
GLU CG  HG2  sing N N 101 
GLU CG  HG3  sing N N 102 
GLU CD  OE1  doub N N 103 
GLU CD  OE2  sing N N 104 
GLU OE2 HE2  sing N N 105 
GLU OXT HXT  sing N N 106 
GLY N   CA   sing N N 107 
GLY N   H    sing N N 108 
GLY N   H2   sing N N 109 
GLY CA  C    sing N N 110 
GLY CA  HA2  sing N N 111 
GLY CA  HA3  sing N N 112 
GLY C   O    doub N N 113 
GLY C   OXT  sing N N 114 
GLY OXT HXT  sing N N 115 
HIS N   CA   sing N N 116 
HIS N   H    sing N N 117 
HIS N   H2   sing N N 118 
HIS CA  C    sing N N 119 
HIS CA  CB   sing N N 120 
HIS CA  HA   sing N N 121 
HIS C   O    doub N N 122 
HIS C   OXT  sing N N 123 
HIS CB  CG   sing N N 124 
HIS CB  HB2  sing N N 125 
HIS CB  HB3  sing N N 126 
HIS CG  ND1  sing Y N 127 
HIS CG  CD2  doub Y N 128 
HIS ND1 CE1  doub Y N 129 
HIS ND1 HD1  sing N N 130 
HIS CD2 NE2  sing Y N 131 
HIS CD2 HD2  sing N N 132 
HIS CE1 NE2  sing Y N 133 
HIS CE1 HE1  sing N N 134 
HIS NE2 HE2  sing N N 135 
HIS OXT HXT  sing N N 136 
ILE N   CA   sing N N 137 
ILE N   H    sing N N 138 
ILE N   H2   sing N N 139 
ILE CA  C    sing N N 140 
ILE CA  CB   sing N N 141 
ILE CA  HA   sing N N 142 
ILE C   O    doub N N 143 
ILE C   OXT  sing N N 144 
ILE CB  CG1  sing N N 145 
ILE CB  CG2  sing N N 146 
ILE CB  HB   sing N N 147 
ILE CG1 CD1  sing N N 148 
ILE CG1 HG12 sing N N 149 
ILE CG1 HG13 sing N N 150 
ILE CG2 HG21 sing N N 151 
ILE CG2 HG22 sing N N 152 
ILE CG2 HG23 sing N N 153 
ILE CD1 HD11 sing N N 154 
ILE CD1 HD12 sing N N 155 
ILE CD1 HD13 sing N N 156 
ILE OXT HXT  sing N N 157 
LEU N   CA   sing N N 158 
LEU N   H    sing N N 159 
LEU N   H2   sing N N 160 
LEU CA  C    sing N N 161 
LEU CA  CB   sing N N 162 
LEU CA  HA   sing N N 163 
LEU C   O    doub N N 164 
LEU C   OXT  sing N N 165 
LEU CB  CG   sing N N 166 
LEU CB  HB2  sing N N 167 
LEU CB  HB3  sing N N 168 
LEU CG  CD1  sing N N 169 
LEU CG  CD2  sing N N 170 
LEU CG  HG   sing N N 171 
LEU CD1 HD11 sing N N 172 
LEU CD1 HD12 sing N N 173 
LEU CD1 HD13 sing N N 174 
LEU CD2 HD21 sing N N 175 
LEU CD2 HD22 sing N N 176 
LEU CD2 HD23 sing N N 177 
LEU OXT HXT  sing N N 178 
LYS N   CA   sing N N 179 
LYS N   H    sing N N 180 
LYS N   H2   sing N N 181 
LYS CA  C    sing N N 182 
LYS CA  CB   sing N N 183 
LYS CA  HA   sing N N 184 
LYS C   O    doub N N 185 
LYS C   OXT  sing N N 186 
LYS CB  CG   sing N N 187 
LYS CB  HB2  sing N N 188 
LYS CB  HB3  sing N N 189 
LYS CG  CD   sing N N 190 
LYS CG  HG2  sing N N 191 
LYS CG  HG3  sing N N 192 
LYS CD  CE   sing N N 193 
LYS CD  HD2  sing N N 194 
LYS CD  HD3  sing N N 195 
LYS CE  NZ   sing N N 196 
LYS CE  HE2  sing N N 197 
LYS CE  HE3  sing N N 198 
LYS NZ  HZ1  sing N N 199 
LYS NZ  HZ2  sing N N 200 
LYS NZ  HZ3  sing N N 201 
LYS OXT HXT  sing N N 202 
MET N   CA   sing N N 203 
MET N   H    sing N N 204 
MET N   H2   sing N N 205 
MET CA  C    sing N N 206 
MET CA  CB   sing N N 207 
MET CA  HA   sing N N 208 
MET C   O    doub N N 209 
MET C   OXT  sing N N 210 
MET CB  CG   sing N N 211 
MET CB  HB2  sing N N 212 
MET CB  HB3  sing N N 213 
MET CG  SD   sing N N 214 
MET CG  HG2  sing N N 215 
MET CG  HG3  sing N N 216 
MET SD  CE   sing N N 217 
MET CE  HE1  sing N N 218 
MET CE  HE2  sing N N 219 
MET CE  HE3  sing N N 220 
MET OXT HXT  sing N N 221 
SER N   CA   sing N N 222 
SER N   H    sing N N 223 
SER N   H2   sing N N 224 
SER CA  C    sing N N 225 
SER CA  CB   sing N N 226 
SER CA  HA   sing N N 227 
SER C   O    doub N N 228 
SER C   OXT  sing N N 229 
SER CB  OG   sing N N 230 
SER CB  HB2  sing N N 231 
SER CB  HB3  sing N N 232 
SER OG  HG   sing N N 233 
SER OXT HXT  sing N N 234 
THR N   CA   sing N N 235 
THR N   H    sing N N 236 
THR N   H2   sing N N 237 
THR CA  C    sing N N 238 
THR CA  CB   sing N N 239 
THR CA  HA   sing N N 240 
THR C   O    doub N N 241 
THR C   OXT  sing N N 242 
THR CB  OG1  sing N N 243 
THR CB  CG2  sing N N 244 
THR CB  HB   sing N N 245 
THR OG1 HG1  sing N N 246 
THR CG2 HG21 sing N N 247 
THR CG2 HG22 sing N N 248 
THR CG2 HG23 sing N N 249 
THR OXT HXT  sing N N 250 
TRP N   CA   sing N N 251 
TRP N   H    sing N N 252 
TRP N   H2   sing N N 253 
TRP CA  C    sing N N 254 
TRP CA  CB   sing N N 255 
TRP CA  HA   sing N N 256 
TRP C   O    doub N N 257 
TRP C   OXT  sing N N 258 
TRP CB  CG   sing N N 259 
TRP CB  HB2  sing N N 260 
TRP CB  HB3  sing N N 261 
TRP CG  CD1  doub Y N 262 
TRP CG  CD2  sing Y N 263 
TRP CD1 NE1  sing Y N 264 
TRP CD1 HD1  sing N N 265 
TRP CD2 CE2  doub Y N 266 
TRP CD2 CE3  sing Y N 267 
TRP NE1 CE2  sing Y N 268 
TRP NE1 HE1  sing N N 269 
TRP CE2 CZ2  sing Y N 270 
TRP CE3 CZ3  doub Y N 271 
TRP CE3 HE3  sing N N 272 
TRP CZ2 CH2  doub Y N 273 
TRP CZ2 HZ2  sing N N 274 
TRP CZ3 CH2  sing Y N 275 
TRP CZ3 HZ3  sing N N 276 
TRP CH2 HH2  sing N N 277 
TRP OXT HXT  sing N N 278 
TYR N   CA   sing N N 279 
TYR N   H    sing N N 280 
TYR N   H2   sing N N 281 
TYR CA  C    sing N N 282 
TYR CA  CB   sing N N 283 
TYR CA  HA   sing N N 284 
TYR C   O    doub N N 285 
TYR C   OXT  sing N N 286 
TYR CB  CG   sing N N 287 
TYR CB  HB2  sing N N 288 
TYR CB  HB3  sing N N 289 
TYR CG  CD1  doub Y N 290 
TYR CG  CD2  sing Y N 291 
TYR CD1 CE1  sing Y N 292 
TYR CD1 HD1  sing N N 293 
TYR CD2 CE2  doub Y N 294 
TYR CD2 HD2  sing N N 295 
TYR CE1 CZ   doub Y N 296 
TYR CE1 HE1  sing N N 297 
TYR CE2 CZ   sing Y N 298 
TYR CE2 HE2  sing N N 299 
TYR CZ  OH   sing N N 300 
TYR OH  HH   sing N N 301 
TYR OXT HXT  sing N N 302 
VAL N   CA   sing N N 303 
VAL N   H    sing N N 304 
VAL N   H2   sing N N 305 
VAL CA  C    sing N N 306 
VAL CA  CB   sing N N 307 
VAL CA  HA   sing N N 308 
VAL C   O    doub N N 309 
VAL C   OXT  sing N N 310 
VAL CB  CG1  sing N N 311 
VAL CB  CG2  sing N N 312 
VAL CB  HB   sing N N 313 
VAL CG1 HG11 sing N N 314 
VAL CG1 HG12 sing N N 315 
VAL CG1 HG13 sing N N 316 
VAL CG2 HG21 sing N N 317 
VAL CG2 HG22 sing N N 318 
VAL CG2 HG23 sing N N 319 
VAL OXT HXT  sing N N 320 
# 
_atom_sites.entry_id                    5JQZ 
_atom_sites.fract_transf_matrix[1][1]   0.00512715 
_atom_sites.fract_transf_matrix[1][2]   0.00338985 
_atom_sites.fract_transf_matrix[1][3]   -0.01274090 
_atom_sites.fract_transf_matrix[2][1]   -0.02329979 
_atom_sites.fract_transf_matrix[2][2]   0.01162716 
_atom_sites.fract_transf_matrix[2][3]   -0.00628269 
_atom_sites.fract_transf_matrix[3][1]   0.00570098 
_atom_sites.fract_transf_matrix[3][2]   0.01479021 
_atom_sites.fract_transf_matrix[3][3]   0.00622926 
_atom_sites.fract_transf_vector[1]      2.017200 
_atom_sites.fract_transf_vector[2]      3.186164 
_atom_sites.fract_transf_vector[3]      4.288667 
# 
loop_
_atom_type.symbol 
C 
N 
O 
# 
loop_
_atom_site.group_PDB 
_atom_site.id 
_atom_site.type_symbol 
_atom_site.label_atom_id 
_atom_site.label_alt_id 
_atom_site.label_comp_id 
_atom_site.label_asym_id 
_atom_site.label_entity_id 
_atom_site.label_seq_id 
_atom_site.pdbx_PDB_ins_code 
_atom_site.Cartn_x 
_atom_site.Cartn_y 
_atom_site.Cartn_z 
_atom_site.occupancy 
_atom_site.B_iso_or_equiv 
_atom_site.pdbx_formal_charge 
_atom_site.auth_seq_id 
_atom_site.auth_comp_id 
_atom_site.auth_asym_id 
_atom_site.auth_atom_id 
_atom_site.pdbx_PDB_model_num 
ATOM 1   N N  . THR A 1 6  ? -9.993  -25.720 -5.314  1.00 107.30 ? 1  THR A N  1 
ATOM 2   C CA . THR A 1 6  ? -10.205 -25.626 -3.875  1.00 121.14 ? 1  THR A CA 1 
ATOM 3   C C  . THR A 1 6  ? -8.988  -25.022 -3.179  1.00 114.05 ? 1  THR A C  1 
ATOM 4   O O  . THR A 1 6  ? -9.112  -24.389 -2.131  1.00 103.45 ? 1  THR A O  1 
ATOM 5   C CB . THR A 1 6  ? -10.510 -27.003 -3.259  1.00 127.19 ? 1  THR A CB 1 
ATOM 6   N N  . ALA A 1 7  ? -7.813  -25.227 -3.762  1.00 117.01 ? 2  ALA A N  1 
ATOM 7   C CA . ALA A 1 7  ? -6.592  -24.607 -3.261  1.00 123.58 ? 2  ALA A CA 1 
ATOM 8   C C  . ALA A 1 7  ? -6.542  -23.150 -3.706  1.00 131.44 ? 2  ALA A C  1 
ATOM 9   O O  . ALA A 1 7  ? -6.095  -22.261 -2.964  1.00 121.63 ? 2  ALA A O  1 
ATOM 10  C CB . ALA A 1 7  ? -5.373  -25.361 -3.756  1.00 112.08 ? 2  ALA A CB 1 
ATOM 11  N N  . ILE A 1 8  ? -7.013  -22.923 -4.929  1.00 139.26 ? 3  ILE A N  1 
ATOM 12  C CA . ILE A 1 8  ? -7.133  -21.583 -5.485  1.00 141.00 ? 3  ILE A CA 1 
ATOM 13  C C  . ILE A 1 8  ? -7.930  -20.704 -4.535  1.00 132.57 ? 3  ILE A C  1 
ATOM 14  O O  . ILE A 1 8  ? -7.717  -19.493 -4.464  1.00 137.08 ? 3  ILE A O  1 
ATOM 15  C CB . ILE A 1 8  ? -7.819  -21.597 -6.868  1.00 162.06 ? 3  ILE A CB 1 
ATOM 16  N N  . GLU A 1 9  ? -8.851  -21.328 -3.808  1.00 122.50 ? 4  GLU A N  1 
ATOM 17  C CA . GLU A 1 9  ? -9.639  -20.626 -2.811  1.00 130.44 ? 4  GLU A CA 1 
ATOM 18  C C  . GLU A 1 9  ? -8.707  -20.029 -1.765  1.00 130.42 ? 4  GLU A C  1 
ATOM 19  O O  . GLU A 1 9  ? -8.640  -18.807 -1.605  1.00 130.13 ? 4  GLU A O  1 
ATOM 20  C CB . GLU A 1 9  ? -10.651 -21.567 -2.155  1.00 136.11 ? 4  GLU A CB 1 
ATOM 21  N N  . ALA A 1 10 ? -7.977  -20.898 -1.073  1.00 122.03 ? 5  ALA A N  1 
ATOM 22  C CA . ALA A 1 10 ? -7.019  -20.472 -0.058  1.00 123.86 ? 5  ALA A CA 1 
ATOM 23  C C  . ALA A 1 10 ? -6.079  -19.404 -0.607  1.00 123.18 ? 5  ALA A C  1 
ATOM 24  O O  . ALA A 1 10 ? -5.895  -18.344 0.009   1.00 121.22 ? 5  ALA A O  1 
ATOM 25  C CB . ALA A 1 10 ? -6.229  -21.663 0.447   1.00 133.89 ? 5  ALA A CB 1 
ATOM 26  N N  . ASN A 1 11 ? -5.500  -19.686 -1.772  1.00 122.72 ? 6  ASN A N  1 
ATOM 27  C CA . ASN A 1 11 ? -4.621  -18.726 -2.429  1.00 125.85 ? 6  ASN A CA 1 
ATOM 28  C C  . ASN A 1 11 ? -5.281  -17.361 -2.533  1.00 122.33 ? 6  ASN A C  1 
ATOM 29  O O  . ASN A 1 11 ? -4.813  -16.389 -1.944  1.00 118.39 ? 6  ASN A O  1 
ATOM 30  C CB . ASN A 1 11 ? -4.228  -19.212 -3.825  1.00 131.64 ? 6  ASN A CB 1 
ATOM 31  N N  . SER A 1 12 ? -6.385  -17.308 -3.270  1.00 122.75 ? 7  SER A N  1 
ATOM 32  C CA . SER A 1 12 ? -7.095  -16.060 -3.517  1.00 127.61 ? 7  SER A CA 1 
ATOM 33  C C  . SER A 1 12 ? -7.456  -15.331 -2.227  1.00 121.29 ? 7  SER A C  1 
ATOM 34  O O  . SER A 1 12 ? -7.271  -14.117 -2.126  1.00 127.66 ? 7  SER A O  1 
ATOM 35  C CB . SER A 1 12 ? -8.362  -16.329 -4.329  1.00 143.04 ? 7  SER A CB 1 
ATOM 36  N N  . ARG A 1 13 ? -7.968  -16.070 -1.246  1.00 119.86 ? 8  ARG A N  1 
ATOM 37  C CA . ARG A 1 13 ? -8.313  -15.487 0.048   1.00 132.96 ? 8  ARG A CA 1 
ATOM 38  C C  . ARG A 1 13 ? -7.106  -14.801 0.680   1.00 131.73 ? 8  ARG A C  1 
ATOM 39  O O  . ARG A 1 13 ? -7.104  -13.580 0.911   1.00 127.79 ? 8  ARG A O  1 
ATOM 40  C CB . ARG A 1 13 ? -8.847  -16.559 1.004   1.00 145.70 ? 8  ARG A CB 1 
ATOM 41  N N  . MET A 1 14 ? -6.074  -15.594 0.949   1.00 128.58 ? 9  MET A N  1 
ATOM 42  C CA . MET A 1 14 ? -4.900  -15.091 1.649   1.00 137.92 ? 9  MET A CA 1 
ATOM 43  C C  . MET A 1 14 ? -4.184  -14.023 0.826   1.00 129.08 ? 9  MET A C  1 
ATOM 44  O O  . MET A 1 14 ? -3.521  -13.141 1.377   1.00 117.49 ? 9  MET A O  1 
ATOM 45  C CB . MET A 1 14 ? -3.947  -16.240 1.976   1.00 158.74 ? 9  MET A CB 1 
ATOM 46  N N  . LEU A 1 15 ? -4.332  -14.099 -0.493  1.00 126.97 ? 10 LEU A N  1 
ATOM 47  C CA . LEU A 1 15 ? -3.702  -13.133 -1.385  1.00 129.81 ? 10 LEU A CA 1 
ATOM 48  C C  . LEU A 1 15 ? -4.434  -11.799 -1.374  1.00 116.73 ? 10 LEU A C  1 
ATOM 49  O O  . LEU A 1 15 ? -3.800  -10.748 -1.330  1.00 116.28 ? 10 LEU A O  1 
ATOM 50  C CB . LEU A 1 15 ? -3.639  -13.685 -2.807  1.00 143.14 ? 10 LEU A CB 1 
ATOM 51  N N  . LYS A 1 16 ? -5.760  -11.836 -1.423  1.00 110.09 ? 11 LYS A N  1 
ATOM 52  C CA . LYS A 1 16 ? -6.544  -10.615 -1.301  1.00 119.69 ? 11 LYS A CA 1 
ATOM 53  C C  . LYS A 1 16 ? -6.268  -9.978  0.054   1.00 121.02 ? 11 LYS A C  1 
ATOM 54  O O  . LYS A 1 16 ? -6.069  -8.761  0.152   1.00 118.99 ? 11 LYS A O  1 
ATOM 55  C CB . LYS A 1 16 ? -8.037  -10.897 -1.466  1.00 130.63 ? 11 LYS A CB 1 
ATOM 56  N N  . ALA A 1 17 ? -6.254  -10.807 1.096   1.00 116.18 ? 12 ALA A N  1 
ATOM 57  C CA . ALA A 1 17 ? -5.899  -10.335 2.432   1.00 131.10 ? 12 ALA A CA 1 
ATOM 58  C C  . ALA A 1 17 ? -4.541  -9.635  2.396   1.00 130.99 ? 12 ALA A C  1 
ATOM 59  O O  . ALA A 1 17 ? -4.414  -8.468  2.785   1.00 123.48 ? 12 ALA A O  1 
ATOM 60  C CB . ALA A 1 17 ? -5.878  -11.492 3.418   1.00 127.18 ? 12 ALA A CB 1 
ATOM 61  N N  . LEU A 1 18 ? -3.537  -10.361 1.912   1.00 126.98 ? 13 LEU A N  1 
ATOM 62  C CA . LEU A 1 18 ? -2.188  -9.829  1.747   1.00 121.24 ? 13 LEU A CA 1 
ATOM 63  C C  . LEU A 1 18 ? -2.196  -8.492  1.010   1.00 104.82 ? 13 LEU A C  1 
ATOM 64  O O  . LEU A 1 18 ? -1.535  -7.537  1.424   1.00 104.48 ? 13 LEU A O  1 
ATOM 65  C CB . LEU A 1 18 ? -1.324  -10.842 0.991   1.00 134.97 ? 13 LEU A CB 1 
ATOM 66  N N  . ILE A 1 19 ? -2.955  -8.432  -0.078  1.00 108.38 ? 14 ILE A N  1 
ATOM 67  C CA . ILE A 1 19 ? -3.023  -7.233  -0.898  1.00 127.13 ? 14 ILE A CA 1 
ATOM 68  C C  . ILE A 1 19 ? -3.590  -6.065  -0.104  1.00 115.53 ? 14 ILE A C  1 
ATOM 69  O O  . ILE A 1 19 ? -3.015  -4.978  -0.096  1.00 115.14 ? 14 ILE A O  1 
ATOM 70  C CB . ILE A 1 19 ? -3.879  -7.464  -2.159  1.00 149.02 ? 14 ILE A CB 1 
ATOM 71  N N  . GLU A 1 20 ? -4.714  -6.291  0.567   1.00 104.22 ? 15 GLU A N  1 
ATOM 72  C CA . GLU A 1 20 ? -5.334  -5.233  1.354   1.00 112.84 ? 15 GLU A CA 1 
ATOM 73  C C  . GLU A 1 20 ? -4.431  -4.775  2.498   1.00 113.01 ? 15 GLU A C  1 
ATOM 74  O O  . GLU A 1 20 ? -4.361  -3.584  2.802   1.00 115.41 ? 15 GLU A O  1 
ATOM 75  C CB . GLU A 1 20 ? -6.685  -5.697  1.897   1.00 129.91 ? 15 GLU A CB 1 
ATOM 76  N N  . ILE A 1 21 ? -3.737  -5.715  3.132   1.00 113.13 ? 16 ILE A N  1 
ATOM 77  C CA . ILE A 1 21 ? -2.796  -5.356  4.188   1.00 113.25 ? 16 ILE A CA 1 
ATOM 78  C C  . ILE A 1 21 ? -1.633  -4.538  3.620   1.00 107.61 ? 16 ILE A C  1 
ATOM 79  O O  . ILE A 1 21 ? -1.180  -3.567  4.236   1.00 108.09 ? 16 ILE A O  1 
ATOM 80  C CB . ILE A 1 21 ? -2.255  -6.602  4.903   1.00 135.43 ? 16 ILE A CB 1 
ATOM 81  N N  . ALA A 1 22 ? -1.152  -4.928  2.445   1.00 97.88  ? 17 ALA A N  1 
ATOM 82  C CA . ALA A 1 22 ? -0.140  -4.141  1.747   1.00 98.05  ? 17 ALA A CA 1 
ATOM 83  C C  . ALA A 1 22 ? -0.691  -2.754  1.439   1.00 99.15  ? 17 ALA A C  1 
ATOM 84  O O  . ALA A 1 22 ? 0.015   -1.747  1.548   1.00 99.10  ? 17 ALA A O  1 
ATOM 85  C CB . ALA A 1 22 ? 0.294   -4.836  0.471   1.00 101.98 ? 17 ALA A CB 1 
ATOM 86  N N  . LYS A 1 23 ? -1.962  -2.711  1.058   1.00 93.01  ? 18 LYS A N  1 
ATOM 87  C CA . LYS A 1 23 ? -2.630  -1.452  0.772   1.00 109.46 ? 18 LYS A CA 1 
ATOM 88  C C  . LYS A 1 23 ? -2.765  -0.627  2.051   1.00 103.78 ? 18 LYS A C  1 
ATOM 89  O O  . LYS A 1 23 ? -2.713  0.601   2.011   1.00 106.04 ? 18 LYS A O  1 
ATOM 90  C CB . LYS A 1 23 ? -4.001  -1.707  0.134   1.00 122.12 ? 18 LYS A CB 1 
ATOM 91  N N  . ALA A 1 24 ? -2.930  -1.303  3.185   1.00 110.31 ? 19 ALA A N  1 
ATOM 92  C CA . ALA A 1 24 ? -2.936  -0.628  4.481   1.00 130.94 ? 19 ALA A CA 1 
ATOM 93  C C  . ALA A 1 24 ? -1.569  -0.006  4.759   1.00 121.89 ? 19 ALA A C  1 
ATOM 94  O O  . ALA A 1 24 ? -1.466  1.164   5.165   1.00 123.38 ? 19 ALA A O  1 
ATOM 95  C CB . ALA A 1 24 ? -3.321  -1.602  5.590   1.00 142.01 ? 19 ALA A CB 1 
ATOM 96  N N  . ILE A 1 25 ? -0.522  -0.797  4.541   1.00 117.52 ? 20 ILE A N  1 
ATOM 97  C CA . ILE A 1 25 ? 0.843   -0.289  4.620   1.00 118.34 ? 20 ILE A CA 1 
ATOM 98  C C  . ILE A 1 25 ? 0.979   0.931   3.717   1.00 109.97 ? 20 ILE A C  1 
ATOM 99  O O  . ILE A 1 25 ? 1.564   1.938   4.109   1.00 110.43 ? 20 ILE A O  1 
ATOM 100 C CB . ILE A 1 25 ? 1.879   -1.363  4.219   1.00 131.18 ? 20 ILE A CB 1 
ATOM 101 N N  . TRP A 1 26 ? 0.423   0.836   2.513   1.00 115.26 ? 21 TRP A N  1 
ATOM 102 C CA . TRP A 1 26 ? 0.452   1.948   1.566   1.00 134.24 ? 21 TRP A CA 1 
ATOM 103 C C  . TRP A 1 26 ? -0.377  3.139   2.054   1.00 126.71 ? 21 TRP A C  1 
ATOM 104 O O  . TRP A 1 26 ? -0.032  4.288   1.784   1.00 132.16 ? 21 TRP A O  1 
ATOM 105 C CB . TRP A 1 26 ? -0.054  1.493   0.195   1.00 156.95 ? 21 TRP A CB 1 
ATOM 106 N N  . LYS A 1 27 ? -1.474  2.865   2.757   1.00 113.03 ? 22 LYS A N  1 
ATOM 107 C CA . LYS A 1 27 ? -2.297  3.930   3.322   1.00 126.84 ? 22 LYS A CA 1 
ATOM 108 C C  . LYS A 1 27 ? -1.483  4.721   4.333   1.00 133.48 ? 22 LYS A C  1 
ATOM 109 O O  . LYS A 1 27 ? -1.307  5.938   4.198   1.00 124.87 ? 22 LYS A O  1 
ATOM 110 C CB . LYS A 1 27 ? -3.556  3.372   3.992   1.00 131.47 ? 22 LYS A CB 1 
ATOM 111 N N  . ALA A 1 28 ? -0.978  4.019   5.344   1.00 137.24 ? 23 ALA A N  1 
ATOM 112 C CA . ALA A 1 28 ? -0.176  4.660   6.384   1.00 136.00 ? 23 ALA A CA 1 
ATOM 113 C C  . ALA A 1 28 ? 1.062   5.310   5.771   1.00 123.84 ? 23 ALA A C  1 
ATOM 114 O O  . ALA A 1 28 ? 1.479   6.403   6.170   1.00 117.27 ? 23 ALA A O  1 
ATOM 115 C CB . ALA A 1 28 ? 0.221   3.650   7.446   1.00 149.39 ? 23 ALA A CB 1 
ATOM 116 N N  . LEU A 1 29 ? 1.636   4.624   4.788   1.00 130.11 ? 24 LEU A N  1 
ATOM 117 C CA . LEU A 1 29 ? 2.804   5.117   4.073   1.00 143.39 ? 24 LEU A CA 1 
ATOM 118 C C  . LEU A 1 29 ? 2.527   6.469   3.426   1.00 149.78 ? 24 LEU A C  1 
ATOM 119 O O  . LEU A 1 29 ? 3.205   7.455   3.717   1.00 152.24 ? 24 LEU A O  1 
ATOM 120 C CB . LEU A 1 29 ? 3.234   4.103   3.010   1.00 155.35 ? 24 LEU A CB 1 
ATOM 121 N N  . TRP A 1 30 ? 1.526   6.509   2.551   1.00 153.43 ? 25 TRP A N  1 
ATOM 122 C CA . TRP A 1 30 ? 1.203   7.731   1.828   1.00 163.52 ? 25 TRP A CA 1 
ATOM 123 C C  . TRP A 1 30 ? 0.718   8.810   2.790   1.00 165.64 ? 25 TRP A C  1 
ATOM 124 O O  . TRP A 1 30 ? 0.911   10.000  2.543   1.00 172.00 ? 25 TRP A O  1 
ATOM 125 C CB . TRP A 1 30 ? 0.147   7.473   0.752   1.00 174.85 ? 25 TRP A CB 1 
ATOM 126 N N  . ALA A 1 31 ? 0.079   8.394   3.881   1.00 159.14 ? 26 ALA A N  1 
ATOM 127 C CA . ALA A 1 31 ? -0.306  9.332   4.931   1.00 172.03 ? 26 ALA A CA 1 
ATOM 128 C C  . ALA A 1 31 ? 0.933   10.041  5.472   1.00 163.26 ? 26 ALA A C  1 
ATOM 129 O O  . ALA A 1 31 ? 1.023   11.276  5.462   1.00 160.39 ? 26 ALA A O  1 
ATOM 130 C CB . ALA A 1 31 ? -1.043  8.614   6.049   1.00 160.14 ? 26 ALA A CB 1 
ATOM 131 N N  . ASN A 1 32 ? 1.894   9.250   5.938   1.00 152.01 ? 27 ASN A N  1 
ATOM 132 C CA . ASN A 1 32 ? 3.158   9.802   6.403   1.00 139.49 ? 27 ASN A CA 1 
ATOM 133 C C  . ASN A 1 32 ? 3.893   10.530  5.284   1.00 143.39 ? 27 ASN A C  1 
ATOM 134 O O  . ASN A 1 32 ? 4.640   11.469  5.541   1.00 142.46 ? 27 ASN A O  1 
ATOM 135 C CB . ASN A 1 32 ? 4.047   8.702   6.979   1.00 137.73 ? 27 ASN A CB 1 
ATOM 136 N N  . SER A 1 33 ? 3.678   10.097  4.045   1.00 150.99 ? 28 SER A N  1 
ATOM 137 C CA . SER A 1 33 ? 4.312   10.739  2.896   1.00 162.21 ? 28 SER A CA 1 
ATOM 138 C C  . SER A 1 33 ? 3.802   12.165  2.717   1.00 163.85 ? 28 SER A C  1 
ATOM 139 O O  . SER A 1 33 ? 4.590   13.098  2.552   1.00 172.37 ? 28 SER A O  1 
ATOM 140 C CB . SER A 1 33 ? 4.061   9.937   1.620   1.00 173.45 ? 28 SER A CB 1 
ATOM 141 N N  . LEU A 1 34 ? 2.484   12.326  2.734   1.00 162.34 ? 29 LEU A N  1 
ATOM 142 C CA . LEU A 1 34 ? 1.884   13.652  2.692   1.00 170.85 ? 29 LEU A CA 1 
ATOM 143 C C  . LEU A 1 34 ? 2.366   14.442  3.901   1.00 166.12 ? 29 LEU A C  1 
ATOM 144 O O  . LEU A 1 34 ? 2.726   15.619  3.794   1.00 171.85 ? 29 LEU A O  1 
ATOM 145 C CB . LEU A 1 34 ? 0.355   13.561  2.675   1.00 184.93 ? 29 LEU A CB 1 
ATOM 146 N N  . LEU A 1 35 ? 2.385   13.779  5.053   1.00 156.40 ? 30 LEU A N  1 
ATOM 147 C CA . LEU A 1 35 ? 2.910   14.392  6.264   1.00 153.18 ? 30 LEU A CA 1 
ATOM 148 C C  . LEU A 1 35 ? 4.385   14.766  6.104   1.00 142.40 ? 30 LEU A C  1 
ATOM 149 O O  . LEU A 1 35 ? 4.852   15.742  6.693   1.00 132.75 ? 30 LEU A O  1 
ATOM 150 C CB . LEU A 1 35 ? 2.728   13.449  7.453   1.00 149.48 ? 30 LEU A CB 1 
ATOM 151 N N  . LEU A 1 36 ? 5.114   13.998  5.298   1.00 146.92 ? 31 LEU A N  1 
ATOM 152 C CA . LEU A 1 36 ? 6.526   14.276  5.045   1.00 139.99 ? 31 LEU A CA 1 
ATOM 153 C C  . LEU A 1 36 ? 6.676   15.458  4.094   1.00 135.89 ? 31 LEU A C  1 
ATOM 154 O O  . LEU A 1 36 ? 7.599   16.262  4.232   1.00 133.03 ? 31 LEU A O  1 
ATOM 155 C CB . LEU A 1 36 ? 7.235   13.042  4.480   1.00 155.73 ? 31 LEU A CB 1 
ATOM 156 N N  . GLU A 1 37 ? 5.768   15.557  3.129   1.00 146.39 ? 32 GLU A N  1 
ATOM 157 C CA . GLU A 1 37 ? 5.690   16.741  2.282   1.00 146.27 ? 32 GLU A CA 1 
ATOM 158 C C  . GLU A 1 37 ? 5.334   17.947  3.142   1.00 142.99 ? 32 GLU A C  1 
ATOM 159 O O  . GLU A 1 37 ? 5.789   19.062  2.883   1.00 146.81 ? 32 GLU A O  1 
ATOM 160 C CB . GLU A 1 37 ? 4.658   16.552  1.167   1.00 153.43 ? 32 GLU A CB 1 
ATOM 161 N N  . ALA A 1 38 ? 4.514   17.712  4.162   1.00 140.85 ? 33 ALA A N  1 
ATOM 162 C CA . ALA A 1 38 ? 4.140   18.758  5.111   1.00 157.27 ? 33 ALA A CA 1 
ATOM 163 C C  . ALA A 1 38 ? 5.143   18.874  6.267   1.00 155.50 ? 33 ALA A C  1 
ATOM 164 O O  . ALA A 1 38 ? 5.125   19.854  7.015   1.00 143.29 ? 33 ALA A O  1 
ATOM 165 C CB . ALA A 1 38 ? 2.741   18.495  5.649   1.00 151.68 ? 33 ALA A CB 1 
ATOM 166 N N  . THR A 1 39 ? 6.013   17.876  6.410   1.00 154.49 ? 34 THR A N  1 
ATOM 167 C CA . THR A 1 39 ? 7.055   17.892  7.441   1.00 148.91 ? 34 THR A CA 1 
ATOM 168 C C  . THR A 1 39 ? 8.142   18.931  7.130   1.00 132.79 ? 34 THR A C  1 
ATOM 169 O O  . THR A 1 39 ? 9.095   19.098  7.888   1.00 126.79 ? 34 THR A O  1 
ATOM 170 C CB . THR A 1 39 ? 7.687   16.482  7.599   1.00 154.13 ? 34 THR A CB 1 
ATOM 171 N N  . SER A 1 40 ? 7.992   19.646  6.021   1.00 127.48 ? 35 SER A N  1 
ATOM 172 C CA . SER A 1 40 ? 8.888   20.753  5.707   1.00 142.58 ? 35 SER A CA 1 
ATOM 173 C C  . SER A 1 40 ? 8.789   21.869  6.753   1.00 151.57 ? 35 SER A C  1 
ATOM 174 O O  . SER A 1 40 ? 9.655   22.741  6.823   1.00 162.83 ? 35 SER A O  1 
ATOM 175 C CB . SER A 1 40 ? 8.575   21.306  4.316   1.00 155.19 ? 35 SER A CB 1 
ATOM 176 N N  . ARG A 1 41 ? 7.730   21.832  7.559   1.00 144.00 ? 36 ARG A N  1 
ATOM 177 C CA . ARG A 1 41 ? 7.513   22.803  8.632   1.00 152.17 ? 36 ARG A CA 1 
ATOM 178 C C  . ARG A 1 41 ? 7.386   24.229  8.105   1.00 156.02 ? 36 ARG A C  1 
ATOM 179 O O  . ARG A 1 41 ? 8.128   25.125  8.510   1.00 138.95 ? 36 ARG A O  1 
ATOM 180 C CB . ARG A 1 41 ? 8.638   22.725  9.670   1.00 141.03 ? 36 ARG A CB 1 
ATOM 181 N N  . GLY A 1 42 ? 6.435   24.415  7.195   1.00 162.00 ? 37 GLY A N  1 
ATOM 182 C CA . GLY A 1 42 ? 6.017   25.734  6.757   1.00 166.87 ? 37 GLY A CA 1 
ATOM 183 C C  . GLY A 1 42 ? 4.577   25.966  7.174   1.00 178.32 ? 37 GLY A C  1 
ATOM 184 O O  . GLY A 1 42 ? 3.975   26.983  6.833   1.00 187.09 ? 37 GLY A O  1 
ATOM 185 N N  . ASP A 1 43 ? 4.029   25.010  7.921   1.00 178.58 ? 38 ASP A N  1 
ATOM 186 C CA . ASP A 1 43 ? 2.648   25.068  8.379   1.00 177.13 ? 38 ASP A CA 1 
ATOM 187 C C  . ASP A 1 43 ? 2.424   24.028  9.471   1.00 163.36 ? 38 ASP A C  1 
ATOM 188 O O  . ASP A 1 43 ? 2.936   22.912  9.382   1.00 162.76 ? 38 ASP A O  1 
ATOM 189 C CB . ASP A 1 43 ? 1.684   24.834  7.214   1.00 180.13 ? 38 ASP A CB 1 
ATOM 190 N N  . THR A 1 44 ? 1.663   24.402  10.497  1.00 153.93 ? 39 THR A N  1 
ATOM 191 C CA . THR A 1 44 ? 1.392   23.517  11.630  1.00 151.21 ? 39 THR A CA 1 
ATOM 192 C C  . THR A 1 44 ? -0.079  23.119  11.710  1.00 159.72 ? 39 THR A C  1 
ATOM 193 O O  . THR A 1 44 ? -0.442  22.220  12.471  1.00 156.40 ? 39 THR A O  1 
ATOM 194 C CB . THR A 1 44 ? 1.789   24.174  12.963  1.00 142.04 ? 39 THR A CB 1 
ATOM 195 N N  . GLU A 1 45 ? -0.924  23.790  10.933  1.00 161.96 ? 40 GLU A N  1 
ATOM 196 C CA . GLU A 1 45 ? -2.340  23.449  10.883  1.00 161.86 ? 40 GLU A CA 1 
ATOM 197 C C  . GLU A 1 45 ? -2.516  22.049  10.305  1.00 155.51 ? 40 GLU A C  1 
ATOM 198 O O  . GLU A 1 45 ? -3.540  21.397  10.528  1.00 147.56 ? 40 GLU A O  1 
ATOM 199 C CB . GLU A 1 45 ? -3.118  24.476  10.056  1.00 166.74 ? 40 GLU A CB 1 
ATOM 200 N N  . ARG A 1 46 ? -1.496  21.587  9.581   1.00 151.61 ? 41 ARG A N  1 
ATOM 201 C CA . ARG A 1 46 ? -1.437  20.218  9.073   1.00 143.87 ? 41 ARG A CA 1 
ATOM 202 C C  . ARG A 1 46 ? -1.732  19.203  10.174  1.00 150.07 ? 41 ARG A C  1 
ATOM 203 O O  . ARG A 1 46 ? -2.049  18.046  9.895   1.00 156.55 ? 41 ARG A O  1 
ATOM 204 C CB . ARG A 1 46 ? -0.060  19.937  8.470   1.00 139.50 ? 41 ARG A CB 1 
ATOM 205 N N  . MET A 1 47 ? -1.595  19.645  11.422  1.00 148.00 ? 42 MET A N  1 
ATOM 206 C CA . MET A 1 47 ? -2.020  18.872  12.579  1.00 160.80 ? 42 MET A CA 1 
ATOM 207 C C  . MET A 1 47 ? -3.423  18.311  12.370  1.00 172.87 ? 42 MET A C  1 
ATOM 208 O O  . MET A 1 47 ? -3.652  17.119  12.558  1.00 175.32 ? 42 MET A O  1 
ATOM 209 C CB . MET A 1 47 ? -1.979  19.744  13.837  1.00 151.59 ? 42 MET A CB 1 
ATOM 210 N N  . ARG A 1 48 ? -4.359  19.168  11.967  1.00 175.22 ? 43 ARG A N  1 
ATOM 211 C CA . ARG A 1 48 ? -5.743  18.739  11.786  1.00 177.17 ? 43 ARG A CA 1 
ATOM 212 C C  . ARG A 1 48 ? -5.860  17.766  10.619  1.00 167.06 ? 43 ARG A C  1 
ATOM 213 O O  . ARG A 1 48 ? -6.611  16.792  10.686  1.00 160.34 ? 43 ARG A O  1 
ATOM 214 C CB . ARG A 1 48 ? -6.665  19.940  11.558  1.00 171.86 ? 43 ARG A CB 1 
ATOM 215 N N  . GLN A 1 49 ? -5.113  18.039  9.553   1.00 163.53 ? 44 GLN A N  1 
ATOM 216 C CA . GLN A 1 49 ? -5.140  17.211  8.352   1.00 160.90 ? 44 GLN A CA 1 
ATOM 217 C C  . GLN A 1 49 ? -4.841  15.754  8.675   1.00 157.25 ? 44 GLN A C  1 
ATOM 218 O O  . GLN A 1 49 ? -5.635  14.863  8.372   1.00 159.30 ? 44 GLN A O  1 
ATOM 219 C CB . GLN A 1 49 ? -4.134  17.736  7.319   1.00 158.35 ? 44 GLN A CB 1 
ATOM 220 N N  . TRP A 1 50 ? -3.692  15.517  9.293   1.00 145.74 ? 45 TRP A N  1 
ATOM 221 C CA . TRP A 1 50 ? -3.258  14.161  9.570   1.00 146.25 ? 45 TRP A CA 1 
ATOM 222 C C  . TRP A 1 50 ? -4.040  13.564  10.733  1.00 147.02 ? 45 TRP A C  1 
ATOM 223 O O  . TRP A 1 50 ? -4.437  12.401  10.689  1.00 145.74 ? 45 TRP A O  1 
ATOM 224 C CB . TRP A 1 50 ? -1.759  14.132  9.870   1.00 151.02 ? 45 TRP A CB 1 
ATOM 225 N N  . ALA A 1 51 ? -4.275  14.369  11.765  1.00 145.05 ? 46 ALA A N  1 
ATOM 226 C CA . ALA A 1 51 ? -4.938  13.892  12.977  1.00 158.75 ? 46 ALA A CA 1 
ATOM 227 C C  . ALA A 1 51 ? -6.314  13.298  12.687  1.00 164.89 ? 46 ALA A C  1 
ATOM 228 O O  . ALA A 1 51 ? -6.848  12.544  13.499  1.00 167.73 ? 46 ALA A O  1 
ATOM 229 C CB . ALA A 1 51 ? -5.065  15.021  13.989  1.00 159.09 ? 46 ALA A CB 1 
ATOM 230 N N  . GLU A 1 52 ? -6.879  13.639  11.532  1.00 169.89 ? 47 GLU A N  1 
ATOM 231 C CA . GLU A 1 52 ? -8.211  13.174  11.160  1.00 171.87 ? 47 GLU A CA 1 
ATOM 232 C C  . GLU A 1 52 ? -8.180  12.262  9.936   1.00 155.64 ? 47 GLU A C  1 
ATOM 233 O O  . GLU A 1 52 ? -8.541  11.091  10.020  1.00 146.86 ? 47 GLU A O  1 
ATOM 234 C CB . GLU A 1 52 ? -9.130  14.368  10.897  1.00 181.05 ? 47 GLU A CB 1 
ATOM 235 N N  . GLU A 1 53 ? -7.746  12.799  8.800   1.00 151.45 ? 48 GLU A N  1 
ATOM 236 C CA . GLU A 1 53 ? -7.819  12.067  7.540   1.00 148.69 ? 48 GLU A CA 1 
ATOM 237 C C  . GLU A 1 53 ? -6.834  10.909  7.481   1.00 148.41 ? 48 GLU A C  1 
ATOM 238 O O  . GLU A 1 53 ? -7.187  9.809   7.056   1.00 160.02 ? 48 GLU A O  1 
ATOM 239 C CB . GLU A 1 53 ? -7.580  13.016  6.367   1.00 149.25 ? 48 GLU A CB 1 
ATOM 240 N N  . ALA A 1 54 ? -5.598  11.152  7.898   1.00 133.74 ? 49 ALA A N  1 
ATOM 241 C CA . ALA A 1 54 ? -4.608  10.088  7.954   1.00 134.25 ? 49 ALA A CA 1 
ATOM 242 C C  . ALA A 1 54 ? -4.948  9.118   9.082   1.00 135.91 ? 49 ALA A C  1 
ATOM 243 O O  . ALA A 1 54 ? -4.576  7.946   9.039   1.00 136.80 ? 49 ALA A O  1 
ATOM 244 C CB . ALA A 1 54 ? -3.225  10.661  8.142   1.00 140.32 ? 49 ALA A CB 1 
ATOM 245 N N  . ARG A 1 55 ? -5.662  9.615   10.088  1.00 140.05 ? 50 ARG A N  1 
ATOM 246 C CA . ARG A 1 55 ? -6.113  8.784   11.198  1.00 152.52 ? 50 ARG A CA 1 
ATOM 247 C C  . ARG A 1 55 ? -7.207  7.823   10.743  1.00 158.58 ? 50 ARG A C  1 
ATOM 248 O O  . ARG A 1 55 ? -7.244  6.666   11.160  1.00 150.36 ? 50 ARG A O  1 
ATOM 249 C CB . ARG A 1 55 ? -6.625  9.658   12.346  1.00 155.87 ? 50 ARG A CB 1 
ATOM 250 N N  . LYS A 1 56 ? -8.101  8.315   9.891   1.00 170.83 ? 51 LYS A N  1 
ATOM 251 C CA . LYS A 1 56 ? -9.222  7.516   9.407   1.00 176.48 ? 51 LYS A CA 1 
ATOM 252 C C  . LYS A 1 56 ? -8.748  6.302   8.613   1.00 164.56 ? 51 LYS A C  1 
ATOM 253 O O  . LYS A 1 56 ? -9.059  5.164   8.969   1.00 153.55 ? 51 LYS A O  1 
ATOM 254 C CB . LYS A 1 56 ? -10.152 8.375   8.548   1.00 188.49 ? 51 LYS A CB 1 
ATOM 255 N N  . ILE A 1 57 ? -7.994  6.545   7.543   1.00 166.52 ? 52 ILE A N  1 
ATOM 256 C CA . ILE A 1 57 ? -7.501  5.458   6.702   1.00 155.52 ? 52 ILE A CA 1 
ATOM 257 C C  . ILE A 1 57 ? -6.575  4.537   7.489   1.00 146.11 ? 52 ILE A C  1 
ATOM 258 O O  . ILE A 1 57 ? -6.387  3.378   7.124   1.00 134.49 ? 52 ILE A O  1 
ATOM 259 C CB . ILE A 1 57 ? -6.748  5.981   5.455   1.00 147.32 ? 52 ILE A CB 1 
ATOM 260 N N  . TYR A 1 58 ? -5.993  5.058   8.565   1.00 151.96 ? 53 TYR A N  1 
ATOM 261 C CA . TYR A 1 58 ? -5.141  4.256   9.432   1.00 153.59 ? 53 TYR A CA 1 
ATOM 262 C C  . TYR A 1 58 ? -5.975  3.260   10.228  1.00 147.64 ? 53 TYR A C  1 
ATOM 263 O O  . TYR A 1 58 ? -5.692  2.062   10.234  1.00 142.98 ? 53 TYR A O  1 
ATOM 264 C CB . TYR A 1 58 ? -4.340  5.147   10.384  1.00 156.32 ? 53 TYR A CB 1 
ATOM 265 N N  . LYS A 1 59 ? -7.003  3.763   10.906  1.00 149.13 ? 54 LYS A N  1 
ATOM 266 C CA . LYS A 1 59 ? -7.914  2.904   11.651  1.00 153.08 ? 54 LYS A CA 1 
ATOM 267 C C  . LYS A 1 59 ? -8.668  1.999   10.688  1.00 142.84 ? 54 LYS A C  1 
ATOM 268 O O  . LYS A 1 59 ? -9.095  0.905   11.053  1.00 138.97 ? 54 LYS A O  1 
ATOM 269 C CB . LYS A 1 59 ? -8.884  3.741   12.483  1.00 155.28 ? 54 LYS A CB 1 
ATOM 270 N N  . GLU A 1 60 ? -8.829  2.468   9.456   1.00 140.80 ? 55 GLU A N  1 
ATOM 271 C CA . GLU A 1 60 ? -9.337  1.633   8.379   1.00 145.11 ? 55 GLU A CA 1 
ATOM 272 C C  . GLU A 1 60 ? -8.286  0.581   8.050   1.00 145.62 ? 55 GLU A C  1 
ATOM 273 O O  . GLU A 1 60 ? -8.584  -0.609  7.953   1.00 140.70 ? 55 GLU A O  1 
ATOM 274 C CB . GLU A 1 60 ? -9.660  2.477   7.146   1.00 148.65 ? 55 GLU A CB 1 
ATOM 275 N N  . ALA A 1 61 ? -7.051  1.043   7.888   1.00 144.93 ? 56 ALA A N  1 
ATOM 276 C CA . ALA A 1 61 ? -5.916  0.165   7.632   1.00 151.01 ? 56 ALA A CA 1 
ATOM 277 C C  . ALA A 1 61 ? -5.641  -0.801  8.776   1.00 148.48 ? 56 ALA A C  1 
ATOM 278 O O  . ALA A 1 61 ? -5.119  -1.896  8.567   1.00 146.46 ? 56 ALA A O  1 
ATOM 279 C CB . ALA A 1 61 ? -4.671  0.989   7.340   1.00 155.31 ? 56 ALA A CB 1 
ATOM 280 N N  . GLU A 1 62 ? -6.000  -0.387  9.985   1.00 144.90 ? 57 GLU A N  1 
ATOM 281 C CA . GLU A 1 62 ? -5.765  -1.191  11.176  1.00 149.24 ? 57 GLU A CA 1 
ATOM 282 C C  . GLU A 1 62 ? -6.681  -2.409  11.251  1.00 158.16 ? 57 GLU A C  1 
ATOM 283 O O  . GLU A 1 62 ? -6.220  -3.536  11.433  1.00 154.97 ? 57 GLU A O  1 
ATOM 284 C CB . GLU A 1 62 ? -5.970  -0.350  12.437  1.00 20.00  ? 57 GLU A CB 1 
ATOM 285 N N  . LYS A 1 63 ? -7.979  -2.177  11.094  1.00 166.61 ? 58 LYS A N  1 
ATOM 286 C CA . LYS A 1 63 ? -8.969  -3.230  11.276  1.00 172.44 ? 58 LYS A CA 1 
ATOM 287 C C  . LYS A 1 63 ? -9.019  -4.136  10.050  1.00 153.69 ? 58 LYS A C  1 
ATOM 288 O O  . LYS A 1 63 ? -9.326  -5.323  10.170  1.00 147.72 ? 58 LYS A O  1 
ATOM 289 C CB . LYS A 1 63 ? -10.365 -2.684  11.585  1.00 192.18 ? 58 LYS A CB 1 
ATOM 290 N N  . ILE A 1 64 ? -8.725  -3.584  8.876   1.00 143.42 ? 59 ILE A N  1 
ATOM 291 C CA . ILE A 1 64 ? -8.647  -4.394  7.666   1.00 151.34 ? 59 ILE A CA 1 
ATOM 292 C C  . ILE A 1 64 ? -7.638  -5.513  7.877   1.00 143.20 ? 59 ILE A C  1 
ATOM 293 O O  . ILE A 1 64 ? -7.894  -6.663  7.532   1.00 139.91 ? 59 ILE A O  1 
ATOM 294 C CB . ILE A 1 64 ? -8.245  -3.561  6.436   1.00 167.92 ? 59 ILE A CB 1 
ATOM 295 N N  . ILE A 1 65 ? -6.495  -5.162  8.456   1.00 137.59 ? 60 ILE A N  1 
ATOM 296 C CA . ILE A 1 65 ? -5.468  -6.140  8.782   1.00 134.46 ? 60 ILE A CA 1 
ATOM 297 C C  . ILE A 1 65 ? -6.000  -7.155  9.787   1.00 139.55 ? 60 ILE A C  1 
ATOM 298 O O  . ILE A 1 65 ? -5.772  -8.358  9.652   1.00 145.12 ? 60 ILE A O  1 
ATOM 299 C CB . ILE A 1 65 ? -4.210  -5.461  9.357   1.00 133.06 ? 60 ILE A CB 1 
ATOM 300 N N  . ASP A 1 66 ? -6.714  -6.661  10.793  1.00 141.88 ? 61 ASP A N  1 
ATOM 301 C CA . ASP A 1 66 ? -7.263  -7.515  11.841  1.00 150.33 ? 61 ASP A CA 1 
ATOM 302 C C  . ASP A 1 66 ? -8.267  -8.510  11.270  1.00 149.14 ? 61 ASP A C  1 
ATOM 303 O O  . ASP A 1 66 ? -8.219  -9.700  11.577  1.00 149.51 ? 61 ASP A O  1 
ATOM 304 C CB . ASP A 1 66 ? -7.925  -6.666  12.930  1.00 153.80 ? 61 ASP A CB 1 
ATOM 305 N N  . ARG A 1 67 ? -9.172  -8.015  10.434  1.00 146.53 ? 62 ARG A N  1 
ATOM 306 C CA . ARG A 1 67 ? -10.187 -8.862  9.825   1.00 152.12 ? 62 ARG A CA 1 
ATOM 307 C C  . ARG A 1 67 ? -9.607  -9.645  8.653   1.00 144.38 ? 62 ARG A C  1 
ATOM 308 O O  . ARG A 1 67 ? -10.160 -10.667 8.245   1.00 133.31 ? 62 ARG A O  1 
ATOM 309 C CB . ARG A 1 67 ? -11.376 -8.019  9.367   1.00 162.64 ? 62 ARG A CB 1 
ATOM 310 N N  . ALA A 1 68 ? -8.495  -9.163  8.109   1.00 143.68 ? 63 ALA A N  1 
ATOM 311 C CA . ALA A 1 68 ? -7.772  -9.915  7.093   1.00 139.02 ? 63 ALA A CA 1 
ATOM 312 C C  . ALA A 1 68 ? -7.188  -11.164 7.732   1.00 139.51 ? 63 ALA A C  1 
ATOM 313 O O  . ALA A 1 68 ? -7.188  -12.238 7.135   1.00 141.24 ? 63 ALA A O  1 
ATOM 314 C CB . ALA A 1 68 ? -6.676  -9.071  6.465   1.00 132.26 ? 63 ALA A CB 1 
ATOM 315 N N  . ASP A 1 69 ? -6.693  -11.011 8.956   1.00 141.06 ? 64 ASP A N  1 
ATOM 316 C CA . ASP A 1 69 ? -6.153  -12.136 9.705   1.00 149.64 ? 64 ASP A CA 1 
ATOM 317 C C  . ASP A 1 69 ? -7.278  -13.054 10.166  1.00 156.47 ? 64 ASP A C  1 
ATOM 318 O O  . ASP A 1 69 ? -7.091  -14.264 10.297  1.00 159.79 ? 64 ASP A O  1 
ATOM 319 C CB . ASP A 1 69 ? -5.346  -11.645 10.909  1.00 152.90 ? 64 ASP A CB 1 
ATOM 320 N N  . GLU A 1 70 ? -8.448  -12.471 10.406  1.00 150.73 ? 65 GLU A N  1 
ATOM 321 C CA . GLU A 1 70 ? -9.596  -13.230 10.882  1.00 149.42 ? 65 GLU A CA 1 
ATOM 322 C C  . GLU A 1 70 ? -9.889  -14.410 9.963   1.00 148.57 ? 65 GLU A C  1 
ATOM 323 O O  . GLU A 1 70 ? -10.239 -15.493 10.429  1.00 143.56 ? 65 GLU A O  1 
ATOM 324 C CB . GLU A 1 70 ? -10.827 -12.330 10.988  1.00 134.45 ? 65 GLU A CB 1 
ATOM 325 N N  . ILE A 1 71 ? -9.727  -14.201 8.659   1.00 149.20 ? 66 ILE A N  1 
ATOM 326 C CA . ILE A 1 71 ? -9.959  -15.260 7.684   1.00 143.14 ? 66 ILE A CA 1 
ATOM 327 C C  . ILE A 1 71 ? -8.712  -16.110 7.462   1.00 143.99 ? 66 ILE A C  1 
ATOM 328 O O  . ILE A 1 71 ? -8.774  -17.144 6.796   1.00 144.57 ? 66 ILE A O  1 
ATOM 329 C CB . ILE A 1 71 ? -10.421 -14.695 6.324   1.00 143.41 ? 66 ILE A CB 1 
ATOM 330 N N  . VAL A 1 72 ? -7.580  -15.680 8.014   1.00 149.61 ? 67 VAL A N  1 
ATOM 331 C CA . VAL A 1 72 ? -6.351  -16.454 7.890   1.00 153.29 ? 67 VAL A CA 1 
ATOM 332 C C  . VAL A 1 72 ? -6.502  -17.656 8.811   1.00 150.28 ? 67 VAL A C  1 
ATOM 333 O O  . VAL A 1 72 ? -6.229  -18.792 8.420   1.00 139.78 ? 67 VAL A O  1 
ATOM 334 C CB . VAL A 1 72 ? -5.104  -15.643 8.314   1.00 155.82 ? 67 VAL A CB 1 
ATOM 335 N N  . GLU A 1 73 ? -6.949  -17.394 10.035  1.00 158.77 ? 68 GLU A N  1 
ATOM 336 C CA . GLU A 1 73 ? -7.174  -18.453 11.010  1.00 174.08 ? 68 GLU A CA 1 
ATOM 337 C C  . GLU A 1 73 ? -8.253  -19.430 10.526  1.00 175.33 ? 68 GLU A C  1 
ATOM 338 O O  . GLU A 1 73 ? -8.099  -20.648 10.608  1.00 167.27 ? 68 GLU A O  1 
ATOM 339 C CB . GLU A 1 73 ? -7.513  -17.852 12.376  1.00 20.00  ? 68 GLU A CB 1 
ATOM 340 N N  . GLU A 1 74 ? -9.339  -18.870 9.999   1.00 176.04 ? 69 GLU A N  1 
ATOM 341 C CA . GLU A 1 74 ? -10.454 -19.666 9.493   1.00 166.53 ? 69 GLU A CA 1 
ATOM 342 C C  . GLU A 1 74 ? -10.122 -20.634 8.361   1.00 150.23 ? 69 GLU A C  1 
ATOM 343 O O  . GLU A 1 74 ? -10.591 -21.773 8.350   1.00 138.95 ? 69 GLU A O  1 
ATOM 344 C CB . GLU A 1 74 ? -11.542 -18.687 9.045   1.00 168.62 ? 69 GLU A CB 1 
ATOM 345 N N  . ALA A 1 75 ? -9.312  -20.177 7.412   1.00 151.00 ? 70 ALA A N  1 
ATOM 346 C CA . ALA A 1 75 ? -8.898  -21.011 6.290   1.00 138.22 ? 70 ALA A CA 1 
ATOM 347 C C  . ALA A 1 75 ? -8.157  -22.246 6.782   1.00 132.22 ? 70 ALA A C  1 
ATOM 348 O O  . ALA A 1 75 ? -8.619  -23.373 6.601   1.00 134.31 ? 70 ALA A O  1 
ATOM 349 C CB . ALA A 1 75 ? -8.023  -20.217 5.338   1.00 143.40 ? 70 ALA A CB 1 
ATOM 350 N N  . LYS A 1 76 ? -7.010  -22.014 7.412   1.00 128.91 ? 71 LYS A N  1 
ATOM 351 C CA . LYS A 1 76 ? -6.140  -23.084 7.890   1.00 129.49 ? 71 LYS A CA 1 
ATOM 352 C C  . LYS A 1 76 ? -6.889  -24.163 8.669   1.00 140.98 ? 71 LYS A C  1 
ATOM 353 O O  . LYS A 1 76 ? -6.616  -25.353 8.507   1.00 146.72 ? 71 LYS A O  1 
ATOM 354 C CB . LYS A 1 76 ? -5.035  -22.503 8.774   1.00 136.79 ? 71 LYS A CB 1 
ATOM 355 N N  . LYS A 1 77 ? -7.834  -23.745 9.506   1.00 145.13 ? 72 LYS A N  1 
ATOM 356 C CA . LYS A 1 77 ? -8.525  -24.675 10.397  1.00 153.27 ? 72 LYS A CA 1 
ATOM 357 C C  . LYS A 1 77 ? -9.728  -25.343 9.738   1.00 163.24 ? 72 LYS A C  1 
ATOM 358 O O  . LYS A 1 77 ? -10.440 -26.109 10.388  1.00 162.87 ? 72 LYS A O  1 
ATOM 359 C CB . LYS A 1 77 ? -8.982  -23.954 11.669  1.00 142.58 ? 72 LYS A CB 1 
ATOM 360 N N  . ARG A 1 78 ? -9.963  -25.059 8.460   1.00 164.03 ? 73 ARG A N  1 
ATOM 361 C CA . ARG A 1 78 ? -11.132 -25.610 7.782   1.00 166.05 ? 73 ARG A CA 1 
ATOM 362 C C  . ARG A 1 78 ? -11.003 -27.121 7.599   1.00 167.38 ? 73 ARG A C  1 
ATOM 363 O O  . ARG A 1 78 ? -11.997 -27.811 7.375   1.00 172.34 ? 73 ARG A O  1 
ATOM 364 C CB . ARG A 1 78 ? -11.347 -24.929 6.425   1.00 167.27 ? 73 ARG A CB 1 
ATOM 365 N N  . HIS A 1 79 ? -9.777  -27.627 7.698   1.00 159.86 ? 74 HIS A N  1 
ATOM 366 C CA . HIS A 1 79 ? -9.513  -29.051 7.510   1.00 154.78 ? 74 HIS A CA 1 
ATOM 367 C C  . HIS A 1 79 ? -9.575  -29.825 8.826   1.00 149.34 ? 74 HIS A C  1 
ATOM 368 O O  . HIS A 1 79 ? -9.142  -30.976 8.895   1.00 136.31 ? 74 HIS A O  1 
ATOM 369 C CB . HIS A 1 79 ? -8.146  -29.251 6.855   1.00 152.14 ? 74 HIS A CB 1 
ATOM 370 N N  . ASP A 1 80 ? -10.112 -29.193 9.866   1.00 159.96 ? 75 ASP A N  1 
ATOM 371 C CA . ASP A 1 80 ? -10.232 -29.839 11.168  1.00 169.07 ? 75 ASP A CA 1 
ATOM 372 C C  . ASP A 1 80 ? -11.158 -31.046 11.094  1.00 168.20 ? 75 ASP A C  1 
ATOM 373 O O  . ASP A 1 80 ? -10.743 -32.179 11.332  1.00 174.43 ? 75 ASP A O  1 
ATOM 374 C CB . ASP A 1 80 ? -10.748 -28.850 12.215  1.00 173.94 ? 75 ASP A CB 1 
ATOM 375 N N  . THR B 1 6  ? -7.719  -22.225 -11.752 1.00 152.56 ? 1  THR B N  1 
ATOM 376 C CA . THR B 1 6  ? -8.008  -21.318 -12.856 1.00 163.30 ? 1  THR B CA 1 
ATOM 377 C C  . THR B 1 6  ? -7.674  -19.881 -12.482 1.00 174.30 ? 1  THR B C  1 
ATOM 378 O O  . THR B 1 6  ? -7.052  -19.155 -13.257 1.00 186.33 ? 1  THR B O  1 
ATOM 379 C CB . THR B 1 6  ? -9.487  -21.393 -13.278 1.00 186.46 ? 1  THR B CB 1 
ATOM 380 N N  . ALA B 1 7  ? -8.093  -19.477 -11.287 1.00 173.63 ? 2  ALA B N  1 
ATOM 381 C CA . ALA B 1 7  ? -7.846  -18.124 -10.800 1.00 180.44 ? 2  ALA B CA 1 
ATOM 382 C C  . ALA B 1 7  ? -6.426  -17.981 -10.253 1.00 177.91 ? 2  ALA B C  1 
ATOM 383 O O  . ALA B 1 7  ? -5.997  -16.880 -9.902  1.00 160.28 ? 2  ALA B O  1 
ATOM 384 C CB . ALA B 1 7  ? -8.862  -17.758 -9.730  1.00 172.56 ? 2  ALA B CB 1 
ATOM 385 N N  . ILE B 1 8  ? -5.703  -19.095 -10.183 1.00 184.70 ? 3  ILE B N  1 
ATOM 386 C CA . ILE B 1 8  ? -4.346  -19.096 -9.650  1.00 181.79 ? 3  ILE B CA 1 
ATOM 387 C C  . ILE B 1 8  ? -3.392  -18.371 -10.599 1.00 166.50 ? 3  ILE B C  1 
ATOM 388 O O  . ILE B 1 8  ? -2.364  -17.827 -10.183 1.00 147.34 ? 3  ILE B O  1 
ATOM 389 C CB . ILE B 1 8  ? -3.847  -20.534 -9.399  1.00 189.66 ? 3  ILE B CB 1 
ATOM 390 N N  . GLU B 1 9  ? -3.740  -18.367 -11.880 1.00 173.19 ? 4  GLU B N  1 
ATOM 391 C CA . GLU B 1 9  ? -3.011  -17.575 -12.858 1.00 175.51 ? 4  GLU B CA 1 
ATOM 392 C C  . GLU B 1 9  ? -3.098  -16.110 -12.440 1.00 174.81 ? 4  GLU B C  1 
ATOM 393 O O  . GLU B 1 9  ? -2.085  -15.411 -12.326 1.00 174.19 ? 4  GLU B O  1 
ATOM 394 C CB . GLU B 1 9  ? -3.588  -17.781 -14.261 1.00 186.27 ? 4  GLU B CB 1 
ATOM 395 N N  . ALA B 1 10 ? -4.323  -15.666 -12.185 1.00 172.30 ? 5  ALA B N  1 
ATOM 396 C CA . ALA B 1 10 ? -4.565  -14.314 -11.706 1.00 168.82 ? 5  ALA B CA 1 
ATOM 397 C C  . ALA B 1 10 ? -3.975  -14.122 -10.310 1.00 163.22 ? 5  ALA B C  1 
ATOM 398 O O  . ALA B 1 10 ? -3.727  -12.994 -9.893  1.00 154.55 ? 5  ALA B O  1 
ATOM 399 C CB . ALA B 1 10 ? -6.054  -14.011 -11.701 1.00 161.88 ? 5  ALA B CB 1 
ATOM 400 N N  . ASN B 1 11 ? -3.752  -15.216 -9.587  1.00 159.10 ? 6  ASN B N  1 
ATOM 401 C CA . ASN B 1 11 ? -3.088  -15.128 -8.290  1.00 154.73 ? 6  ASN B CA 1 
ATOM 402 C C  . ASN B 1 11 ? -1.615  -14.779 -8.485  1.00 148.08 ? 6  ASN B C  1 
ATOM 403 O O  . ASN B 1 11 ? -1.083  -13.878 -7.830  1.00 138.98 ? 6  ASN B O  1 
ATOM 404 C CB . ASN B 1 11 ? -3.229  -16.432 -7.501  1.00 150.83 ? 6  ASN B CB 1 
ATOM 405 N N  . SER B 1 12 ? -0.961  -15.491 -9.395  1.00 148.06 ? 7  SER B N  1 
ATOM 406 C CA . SER B 1 12 ? 0.421   -15.181 -9.746  1.00 157.54 ? 7  SER B CA 1 
ATOM 407 C C  . SER B 1 12 ? 0.530   -13.760 -10.300 1.00 158.52 ? 7  SER B C  1 
ATOM 408 O O  . SER B 1 12 ? 1.429   -12.994 -9.931  1.00 158.19 ? 7  SER B O  1 
ATOM 409 C CB . SER B 1 12 ? 0.956   -16.187 -10.767 1.00 159.02 ? 7  SER B CB 1 
ATOM 410 N N  . ARG B 1 13 ? -0.393  -13.408 -11.188 1.00 160.00 ? 8  ARG B N  1 
ATOM 411 C CA . ARG B 1 13 ? -0.370  -12.089 -11.809 1.00 159.26 ? 8  ARG B CA 1 
ATOM 412 C C  . ARG B 1 13 ? -0.658  -10.973 -10.799 1.00 149.01 ? 8  ARG B C  1 
ATOM 413 O O  . ARG B 1 13 ? 0.002   -9.928  -10.819 1.00 156.06 ? 8  ARG B O  1 
ATOM 414 C CB . ARG B 1 13 ? -1.365  -12.044 -12.971 1.00 168.53 ? 8  ARG B CB 1 
ATOM 415 N N  . MET B 1 14 ? -1.620  -11.191 -9.905  1.00 139.09 ? 9  MET B N  1 
ATOM 416 C CA . MET B 1 14 ? -1.906  -10.197 -8.874  1.00 132.90 ? 9  MET B CA 1 
ATOM 417 C C  . MET B 1 14 ? -0.733  -10.147 -7.907  1.00 122.92 ? 9  MET B C  1 
ATOM 418 O O  . MET B 1 14 ? -0.454  -9.104  -7.319  1.00 118.38 ? 9  MET B O  1 
ATOM 419 C CB . MET B 1 14 ? -3.208  -10.504 -8.123  1.00 136.22 ? 9  MET B CB 1 
ATOM 420 N N  . LEU B 1 15 ? -0.056  -11.279 -7.733  1.00 121.94 ? 10 LEU B N  1 
ATOM 421 C CA . LEU B 1 15 ? 1.169   -11.302 -6.941  1.00 121.28 ? 10 LEU B CA 1 
ATOM 422 C C  . LEU B 1 15 ? 2.226   -10.407 -7.576  1.00 120.65 ? 10 LEU B C  1 
ATOM 423 O O  . LEU B 1 15 ? 2.852   -9.599  -6.890  1.00 124.51 ? 10 LEU B O  1 
ATOM 424 C CB . LEU B 1 15 ? 1.699   -12.730 -6.792  1.00 148.70 ? 10 LEU B CB 1 
ATOM 425 N N  . LYS B 1 16 ? 2.428   -10.545 -8.884  1.00 126.05 ? 11 LYS B N  1 
ATOM 426 C CA . LYS B 1 16 ? 3.338   -9.647  -9.590  1.00 128.28 ? 11 LYS B CA 1 
ATOM 427 C C  . LYS B 1 16 ? 2.905   -8.194  -9.399  1.00 130.49 ? 11 LYS B C  1 
ATOM 428 O O  . LYS B 1 16 ? 3.729   -7.320  -9.111  1.00 135.81 ? 11 LYS B O  1 
ATOM 429 C CB . LYS B 1 16 ? 3.397   -9.983  -11.080 1.00 135.08 ? 11 LYS B CB 1 
ATOM 430 N N  . ALA B 1 17 ? 1.612   -7.939  -9.560  1.00 128.67 ? 12 ALA B N  1 
ATOM 431 C CA . ALA B 1 17 ? 1.072   -6.599  -9.341  1.00 140.49 ? 12 ALA B CA 1 
ATOM 432 C C  . ALA B 1 17 ? 1.381   -6.124  -7.921  1.00 133.25 ? 12 ALA B C  1 
ATOM 433 O O  . ALA B 1 17 ? 1.712   -4.957  -7.695  1.00 137.71 ? 12 ALA B O  1 
ATOM 434 C CB . ALA B 1 17 ? -0.425  -6.582  -9.595  1.00 144.64 ? 12 ALA B CB 1 
ATOM 435 N N  . LEU B 1 18 ? 1.281   -7.043  -6.968  1.00 122.65 ? 13 LEU B N  1 
ATOM 436 C CA . LEU B 1 18 ? 1.583   -6.734  -5.580  1.00 122.37 ? 13 LEU B CA 1 
ATOM 437 C C  . LEU B 1 18 ? 3.070   -6.441  -5.437  1.00 119.71 ? 13 LEU B C  1 
ATOM 438 O O  . LEU B 1 18 ? 3.472   -5.598  -4.636  1.00 111.49 ? 13 LEU B O  1 
ATOM 439 C CB . LEU B 1 18 ? 1.172   -7.890  -4.664  1.00 130.51 ? 13 LEU B CB 1 
ATOM 440 N N  . ILE B 1 19 ? 3.885   -7.142  -6.219  1.00 124.12 ? 14 ILE B N  1 
ATOM 441 C CA . ILE B 1 19 ? 5.317   -6.879  -6.236  1.00 129.18 ? 14 ILE B CA 1 
ATOM 442 C C  . ILE B 1 19 ? 5.577   -5.502  -6.835  1.00 130.29 ? 14 ILE B C  1 
ATOM 443 O O  . ILE B 1 19 ? 6.506   -4.807  -6.427  1.00 130.05 ? 14 ILE B O  1 
ATOM 444 C CB . ILE B 1 19 ? 6.093   -7.953  -7.029  1.00 148.20 ? 14 ILE B CB 1 
ATOM 445 N N  . GLU B 1 20 ? 4.759   -5.104  -7.806  1.00 137.55 ? 15 GLU B N  1 
ATOM 446 C CA . GLU B 1 20 ? 4.857   -3.751  -8.344  1.00 150.32 ? 15 GLU B CA 1 
ATOM 447 C C  . GLU B 1 20 ? 4.467   -2.731  -7.271  1.00 147.03 ? 15 GLU B C  1 
ATOM 448 O O  . GLU B 1 20 ? 5.110   -1.685  -7.128  1.00 164.25 ? 15 GLU B O  1 
ATOM 449 C CB . GLU B 1 20 ? 3.980   -3.587  -9.588  1.00 165.24 ? 15 GLU B CB 1 
ATOM 450 N N  . ILE B 1 21 ? 3.415   -3.037  -6.516  1.00 132.41 ? 16 ILE B N  1 
ATOM 451 C CA . ILE B 1 21 ? 3.062   -2.216  -5.361  1.00 140.98 ? 16 ILE B CA 1 
ATOM 452 C C  . ILE B 1 21 ? 4.234   -2.184  -4.382  1.00 135.36 ? 16 ILE B C  1 
ATOM 453 O O  . ILE B 1 21 ? 4.544   -1.145  -3.790  1.00 132.92 ? 16 ILE B O  1 
ATOM 454 C CB . ILE B 1 21 ? 1.798   -2.740  -4.646  1.00 138.29 ? 16 ILE B CB 1 
ATOM 455 N N  . ALA B 1 22 ? 4.897   -3.326  -4.232  1.00 122.30 ? 17 ALA B N  1 
ATOM 456 C CA . ALA B 1 22 ? 6.051   -3.430  -3.348  1.00 128.22 ? 17 ALA B CA 1 
ATOM 457 C C  . ALA B 1 22 ? 7.206   -2.587  -3.881  1.00 134.28 ? 17 ALA B C  1 
ATOM 458 O O  . ALA B 1 22 ? 7.953   -1.988  -3.110  1.00 130.59 ? 17 ALA B O  1 
ATOM 459 C CB . ALA B 1 22 ? 6.474   -4.882  -3.193  1.00 126.34 ? 17 ALA B CB 1 
ATOM 460 N N  . LYS B 1 23 ? 7.345   -2.546  -5.203  1.00 143.54 ? 18 LYS B N  1 
ATOM 461 C CA . LYS B 1 23 ? 8.351   -1.702  -5.836  1.00 146.03 ? 18 LYS B CA 1 
ATOM 462 C C  . LYS B 1 23 ? 8.047   -0.244  -5.531  1.00 136.03 ? 18 LYS B C  1 
ATOM 463 O O  . LYS B 1 23 ? 8.940   0.520   -5.164  1.00 139.05 ? 18 LYS B O  1 
ATOM 464 C CB . LYS B 1 23 ? 8.390   -1.934  -7.351  1.00 161.84 ? 18 LYS B CB 1 
ATOM 465 N N  . ALA B 1 24 ? 6.782   0.134   -5.693  1.00 138.00 ? 19 ALA B N  1 
ATOM 466 C CA . ALA B 1 24 ? 6.345   1.487   -5.363  1.00 155.06 ? 19 ALA B CA 1 
ATOM 467 C C  . ALA B 1 24 ? 6.699   1.825   -3.916  1.00 145.31 ? 19 ALA B C  1 
ATOM 468 O O  . ALA B 1 24 ? 7.289   2.875   -3.637  1.00 144.82 ? 19 ALA B O  1 
ATOM 469 C CB . ALA B 1 24 ? 4.849   1.635   -5.595  1.00 162.38 ? 19 ALA B CB 1 
ATOM 470 N N  . ILE B 1 25 ? 6.344   0.928   -3.001  1.00 131.58 ? 20 ILE B N  1 
ATOM 471 C CA . ILE B 1 25 ? 6.693   1.100   -1.594  1.00 142.71 ? 20 ILE B CA 1 
ATOM 472 C C  . ILE B 1 25 ? 8.210   1.209   -1.418  1.00 150.06 ? 20 ILE B C  1 
ATOM 473 O O  . ILE B 1 25 ? 8.699   2.020   -0.625  1.00 154.21 ? 20 ILE B O  1 
ATOM 474 C CB . ILE B 1 25 ? 6.158   -0.065  -0.736  1.00 143.60 ? 20 ILE B CB 1 
ATOM 475 N N  . TRP B 1 26 ? 8.946   0.397   -2.170  1.00 149.61 ? 21 TRP B N  1 
ATOM 476 C CA . TRP B 1 26 ? 10.403  0.401   -2.105  1.00 154.53 ? 21 TRP B CA 1 
ATOM 477 C C  . TRP B 1 26 ? 10.949  1.773   -2.505  1.00 146.26 ? 21 TRP B C  1 
ATOM 478 O O  . TRP B 1 26 ? 11.805  2.342   -1.817  1.00 150.41 ? 21 TRP B O  1 
ATOM 479 C CB . TRP B 1 26 ? 10.978  -0.695  -3.009  1.00 154.43 ? 21 TRP B CB 1 
ATOM 480 N N  . LYS B 1 27 ? 10.439  2.310   -3.609  1.00 139.88 ? 22 LYS B N  1 
ATOM 481 C CA . LYS B 1 27 ? 10.860  3.627   -4.075  1.00 144.48 ? 22 LYS B CA 1 
ATOM 482 C C  . LYS B 1 27 ? 10.419  4.718   -3.104  1.00 137.90 ? 22 LYS B C  1 
ATOM 483 O O  . LYS B 1 27 ? 11.114  5.722   -2.932  1.00 130.62 ? 22 LYS B O  1 
ATOM 484 C CB . LYS B 1 27 ? 10.309  3.910   -5.473  1.00 146.81 ? 22 LYS B CB 1 
ATOM 485 N N  . ALA B 1 28 ? 9.262   4.527   -2.477  1.00 135.33 ? 23 ALA B N  1 
ATOM 486 C CA . ALA B 1 28 ? 8.819   5.442   -1.431  1.00 135.69 ? 23 ALA B CA 1 
ATOM 487 C C  . ALA B 1 28 ? 9.825   5.448   -0.280  1.00 144.04 ? 23 ALA B C  1 
ATOM 488 O O  . ALA B 1 28 ? 10.194  6.510   0.229   1.00 145.52 ? 23 ALA B O  1 
ATOM 489 C CB . ALA B 1 28 ? 7.438   5.058   -0.932  1.00 135.60 ? 23 ALA B CB 1 
ATOM 490 N N  . LEU B 1 29 ? 10.268  4.263   0.131   1.00 150.91 ? 24 LEU B N  1 
ATOM 491 C CA . LEU B 1 29 ? 11.300  4.162   1.161   1.00 156.46 ? 24 LEU B CA 1 
ATOM 492 C C  . LEU B 1 29 ? 12.591  4.842   0.708   1.00 149.40 ? 24 LEU B C  1 
ATOM 493 O O  . LEU B 1 29 ? 13.225  5.572   1.478   1.00 143.73 ? 24 LEU B O  1 
ATOM 494 C CB . LEU B 1 29 ? 11.575  2.700   1.520   1.00 169.82 ? 24 LEU B CB 1 
ATOM 495 N N  . TRP B 1 30 ? 12.983  4.601   -0.541  1.00 143.49 ? 25 TRP B N  1 
ATOM 496 C CA . TRP B 1 30 ? 14.151  5.278   -1.098  1.00 139.20 ? 25 TRP B CA 1 
ATOM 497 C C  . TRP B 1 30 ? 13.947  6.790   -1.095  1.00 151.81 ? 25 TRP B C  1 
ATOM 498 O O  . TRP B 1 30 ? 14.896  7.554   -0.904  1.00 161.70 ? 25 TRP B O  1 
ATOM 499 C CB . TRP B 1 30 ? 14.440  4.789   -2.516  1.00 136.29 ? 25 TRP B CB 1 
ATOM 500 N N  . ALA B 1 31 ? 12.705  7.220   -1.304  1.00 146.25 ? 26 ALA B N  1 
ATOM 501 C CA . ALA B 1 31 ? 12.380  8.639   -1.232  1.00 152.72 ? 26 ALA B CA 1 
ATOM 502 C C  . ALA B 1 31 ? 12.557  9.143   0.201   1.00 154.98 ? 26 ALA B C  1 
ATOM 503 O O  . ALA B 1 31 ? 13.098  10.230  0.423   1.00 157.58 ? 26 ALA B O  1 
ATOM 504 C CB . ALA B 1 31 ? 10.963  8.891   -1.718  1.00 141.43 ? 26 ALA B CB 1 
ATOM 505 N N  . ASN B 1 32 ? 12.105  8.349   1.170   1.00 151.12 ? 27 ASN B N  1 
ATOM 506 C CA . ASN B 1 32 ? 12.340  8.672   2.576   1.00 160.79 ? 27 ASN B CA 1 
ATOM 507 C C  . ASN B 1 32 ? 13.833  8.783   2.869   1.00 165.85 ? 27 ASN B C  1 
ATOM 508 O O  . ASN B 1 32 ? 14.265  9.671   3.608   1.00 160.89 ? 27 ASN B O  1 
ATOM 509 C CB . ASN B 1 32 ? 11.709  7.622   3.494   1.00 144.90 ? 27 ASN B CB 1 
ATOM 510 N N  . SER B 1 33 ? 14.618  7.880   2.289   1.00 164.83 ? 28 SER B N  1 
ATOM 511 C CA . SER B 1 33 ? 16.072  7.930   2.433   1.00 167.81 ? 28 SER B CA 1 
ATOM 512 C C  . SER B 1 33 ? 16.640  9.229   1.859   1.00 153.37 ? 28 SER B C  1 
ATOM 513 O O  . SER B 1 33 ? 17.380  9.944   2.536   1.00 138.61 ? 28 SER B O  1 
ATOM 514 C CB . SER B 1 33 ? 16.725  6.729   1.745   1.00 173.15 ? 28 SER B CB 1 
ATOM 515 N N  . LEU B 1 34 ? 16.291  9.525   0.608   1.00 152.12 ? 29 LEU B N  1 
ATOM 516 C CA . LEU B 1 34 ? 16.740  10.757  -0.037  1.00 154.73 ? 29 LEU B CA 1 
ATOM 517 C C  . LEU B 1 34 ? 16.276  11.985  0.736   1.00 158.17 ? 29 LEU B C  1 
ATOM 518 O O  . LEU B 1 34 ? 16.948  13.018  0.735   1.00 159.56 ? 29 LEU B O  1 
ATOM 519 C CB . LEU B 1 34 ? 16.229  10.833  -1.477  1.00 172.76 ? 29 LEU B CB 1 
ATOM 520 N N  . LEU B 1 35 ? 15.119  11.879  1.382   1.00 156.52 ? 30 LEU B N  1 
ATOM 521 C CA . LEU B 1 35 ? 14.634  12.967  2.224   1.00 161.19 ? 30 LEU B CA 1 
ATOM 522 C C  . LEU B 1 35 ? 15.490  13.087  3.481   1.00 154.04 ? 30 LEU B C  1 
ATOM 523 O O  . LEU B 1 35 ? 15.847  14.190  3.885   1.00 151.78 ? 30 LEU B O  1 
ATOM 524 C CB . LEU B 1 35 ? 13.166  12.758  2.601   1.00 161.56 ? 30 LEU B CB 1 
ATOM 525 N N  . LEU B 1 36 ? 15.815  11.954  4.097   1.00 144.10 ? 31 LEU B N  1 
ATOM 526 C CA . LEU B 1 36 ? 16.703  11.950  5.255   1.00 147.03 ? 31 LEU B CA 1 
ATOM 527 C C  . LEU B 1 36 ? 18.069  12.499  4.863   1.00 145.30 ? 31 LEU B C  1 
ATOM 528 O O  . LEU B 1 36 ? 18.758  13.121  5.669   1.00 153.21 ? 31 LEU B O  1 
ATOM 529 C CB . LEU B 1 36 ? 16.842  10.541  5.826   1.00 143.02 ? 31 LEU B CB 1 
ATOM 530 N N  . GLU B 1 37 ? 18.446  12.256  3.613   1.00 141.66 ? 32 GLU B N  1 
ATOM 531 C CA . GLU B 1 37 ? 19.645  12.840  3.031   1.00 145.03 ? 32 GLU B CA 1 
ATOM 532 C C  . GLU B 1 37 ? 19.490  14.358  2.911   1.00 146.49 ? 32 GLU B C  1 
ATOM 533 O O  . GLU B 1 37 ? 20.349  15.127  3.364   1.00 154.60 ? 32 GLU B O  1 
ATOM 534 C CB . GLU B 1 37 ? 19.918  12.196  1.663   1.00 143.90 ? 32 GLU B CB 1 
ATOM 535 N N  . ALA B 1 38 ? 18.376  14.779  2.317   1.00 140.56 ? 33 ALA B N  1 
ATOM 536 C CA . ALA B 1 38 ? 18.132  16.193  2.049   1.00 158.50 ? 33 ALA B CA 1 
ATOM 537 C C  . ALA B 1 38 ? 18.017  17.022  3.331   1.00 164.73 ? 33 ALA B C  1 
ATOM 538 O O  . ALA B 1 38 ? 18.502  18.152  3.389   1.00 165.03 ? 33 ALA B O  1 
ATOM 539 C CB . ALA B 1 38 ? 16.877  16.355  1.214   1.00 152.97 ? 33 ALA B CB 1 
ATOM 540 N N  . THR B 1 39 ? 17.373  16.462  4.352   1.00 155.30 ? 34 THR B N  1 
ATOM 541 C CA . THR B 1 39 ? 17.193  17.164  5.619   1.00 150.76 ? 34 THR B CA 1 
ATOM 542 C C  . THR B 1 39 ? 18.487  17.164  6.426   1.00 151.61 ? 34 THR B C  1 
ATOM 543 O O  . THR B 1 39 ? 18.770  18.113  7.159   1.00 151.71 ? 34 THR B O  1 
ATOM 544 C CB . THR B 1 39 ? 16.072  16.531  6.465   1.00 144.42 ? 34 THR B CB 1 
ATOM 545 N N  . SER B 1 40 ? 19.267  16.095  6.290   1.00 149.00 ? 35 SER B N  1 
ATOM 546 C CA . SER B 1 40 ? 20.580  16.029  6.917   1.00 147.66 ? 35 SER B CA 1 
ATOM 547 C C  . SER B 1 40 ? 21.477  17.114  6.338   1.00 158.43 ? 35 SER B C  1 
ATOM 548 O O  . SER B 1 40 ? 22.101  17.871  7.083   1.00 161.42 ? 35 SER B O  1 
ATOM 549 C CB . SER B 1 40 ? 21.211  14.649  6.722   1.00 151.54 ? 35 SER B CB 1 
ATOM 550 N N  . ARG B 1 41 ? 21.538  17.195  5.009   1.00 166.07 ? 36 ARG B N  1 
ATOM 551 C CA . ARG B 1 41 ? 22.277  18.279  4.361   1.00 178.14 ? 36 ARG B CA 1 
ATOM 552 C C  . ARG B 1 41 ? 21.459  19.573  4.354   1.00 185.06 ? 36 ARG B C  1 
ATOM 553 O O  . ARG B 1 41 ? 21.978  20.643  4.037   1.00 200.46 ? 36 ARG B O  1 
ATOM 554 C CB . ARG B 1 41 ? 22.675  17.895  2.934   1.00 163.57 ? 36 ARG B CB 1 
ATOM 555 N N  . GLY B 1 42 ? 20.179  19.468  4.704   1.00 176.00 ? 37 GLY B N  1 
ATOM 556 C CA . GLY B 1 42 ? 19.331  20.634  4.868   1.00 178.37 ? 37 GLY B CA 1 
ATOM 557 C C  . GLY B 1 42 ? 18.968  21.331  3.570   1.00 184.39 ? 37 GLY B C  1 
ATOM 558 O O  . GLY B 1 42 ? 18.483  22.463  3.585   1.00 183.55 ? 37 GLY B O  1 
ATOM 559 N N  . ASP B 1 43 ? 19.200  20.662  2.445   1.00 178.67 ? 38 ASP B N  1 
ATOM 560 C CA . ASP B 1 43 ? 18.883  21.234  1.141   1.00 176.93 ? 38 ASP B CA 1 
ATOM 561 C C  . ASP B 1 43 ? 17.405  21.042  0.818   1.00 159.40 ? 38 ASP B C  1 
ATOM 562 O O  . ASP B 1 43 ? 16.611  20.700  1.696   1.00 153.32 ? 38 ASP B O  1 
ATOM 563 C CB . ASP B 1 43 ? 19.753  20.605  0.051   1.00 176.84 ? 38 ASP B CB 1 
ATOM 564 N N  . THR B 1 44 ? 17.040  21.273  -0.439  1.00 153.46 ? 39 THR B N  1 
ATOM 565 C CA . THR B 1 44 ? 15.664  21.098  -0.892  1.00 152.11 ? 39 THR B CA 1 
ATOM 566 C C  . THR B 1 44 ? 15.609  20.648  -2.354  1.00 158.15 ? 39 THR B C  1 
ATOM 567 O O  . THR B 1 44 ? 14.556  20.704  -2.987  1.00 159.27 ? 39 THR B O  1 
ATOM 568 C CB . THR B 1 44 ? 14.852  22.401  -0.737  1.00 160.19 ? 39 THR B CB 1 
ATOM 569 N N  . GLU B 1 45 ? 16.744  20.200  -2.881  1.00 164.41 ? 40 GLU B N  1 
ATOM 570 C CA . GLU B 1 45 ? 16.831  19.744  -4.267  1.00 179.04 ? 40 GLU B CA 1 
ATOM 571 C C  . GLU B 1 45 ? 16.332  18.309  -4.408  1.00 174.90 ? 40 GLU B C  1 
ATOM 572 O O  . GLU B 1 45 ? 15.317  18.044  -5.062  1.00 168.25 ? 40 GLU B O  1 
ATOM 573 C CB . GLU B 1 45 ? 18.275  19.848  -4.766  1.00 182.02 ? 40 GLU B CB 1 
ATOM 574 N N  . ARG B 1 46 ? 17.065  17.387  -3.794  1.00 179.09 ? 41 ARG B N  1 
ATOM 575 C CA . ARG B 1 46 ? 16.705  15.977  -3.816  1.00 176.14 ? 41 ARG B CA 1 
ATOM 576 C C  . ARG B 1 46 ? 15.320  15.773  -3.210  1.00 171.81 ? 41 ARG B C  1 
ATOM 577 O O  . ARG B 1 46 ? 14.652  14.770  -3.480  1.00 162.05 ? 41 ARG B O  1 
ATOM 578 C CB . ARG B 1 46 ? 17.759  15.154  -3.075  1.00 184.36 ? 41 ARG B CB 1 
ATOM 579 N N  . MET B 1 47 ? 14.892  16.738  -2.398  1.00 168.27 ? 42 MET B N  1 
ATOM 580 C CA . MET B 1 47 ? 13.527  16.764  -1.892  1.00 161.54 ? 42 MET B CA 1 
ATOM 581 C C  . MET B 1 47 ? 12.550  16.800  -3.064  1.00 163.63 ? 42 MET B C  1 
ATOM 582 O O  . MET B 1 47 ? 11.662  15.952  -3.175  1.00 156.26 ? 42 MET B O  1 
ATOM 583 C CB . MET B 1 47 ? 13.309  17.967  -0.975  1.00 145.15 ? 42 MET B CB 1 
ATOM 584 N N  . ARG B 1 48 ? 12.736  17.776  -3.948  1.00 169.30 ? 43 ARG B N  1 
ATOM 585 C CA . ARG B 1 48 ? 11.885  17.912  -5.122  1.00 171.26 ? 43 ARG B CA 1 
ATOM 586 C C  . ARG B 1 48 ? 12.153  16.787  -6.116  1.00 153.23 ? 43 ARG B C  1 
ATOM 587 O O  . ARG B 1 48 ? 11.261  16.392  -6.871  1.00 143.42 ? 43 ARG B O  1 
ATOM 588 C CB . ARG B 1 48 ? 12.096  19.275  -5.786  1.00 175.05 ? 43 ARG B CB 1 
ATOM 589 N N  . GLN B 1 49 ? 13.382  16.278  -6.114  1.00 146.63 ? 44 GLN B N  1 
ATOM 590 C CA . GLN B 1 49 ? 13.713  15.104  -6.913  1.00 143.53 ? 44 GLN B CA 1 
ATOM 591 C C  . GLN B 1 49 ? 12.788  13.940  -6.551  1.00 142.30 ? 44 GLN B C  1 
ATOM 592 O O  . GLN B 1 49 ? 11.991  13.480  -7.382  1.00 136.36 ? 44 GLN B O  1 
ATOM 593 C CB . GLN B 1 49 ? 15.177  14.703  -6.710  1.00 142.47 ? 44 GLN B CB 1 
ATOM 594 N N  . TRP B 1 50 ? 12.880  13.475  -5.306  1.00 145.51 ? 45 TRP B N  1 
ATOM 595 C CA . TRP B 1 50 ? 12.045  12.359  -4.875  1.00 155.19 ? 45 TRP B CA 1 
ATOM 596 C C  . TRP B 1 50 ? 10.580  12.760  -4.915  1.00 156.13 ? 45 TRP B C  1 
ATOM 597 O O  . TRP B 1 50 ? 9.724   11.917  -5.144  1.00 155.32 ? 45 TRP B O  1 
ATOM 598 C CB . TRP B 1 50 ? 12.418  11.870  -3.468  1.00 176.38 ? 45 TRP B CB 1 
ATOM 599 N N  . ALA B 1 51 ? 10.292  14.038  -4.677  1.00 153.45 ? 46 ALA B N  1 
ATOM 600 C CA . ALA B 1 51 ? 8.917   14.524  -4.747  1.00 159.32 ? 46 ALA B CA 1 
ATOM 601 C C  . ALA B 1 51 ? 8.317   14.219  -6.115  1.00 163.29 ? 46 ALA B C  1 
ATOM 602 O O  . ALA B 1 51 ? 7.319   13.507  -6.217  1.00 168.23 ? 46 ALA B O  1 
ATOM 603 C CB . ALA B 1 51 ? 8.857   16.011  -4.466  1.00 159.10 ? 46 ALA B CB 1 
ATOM 604 N N  . GLU B 1 52 ? 8.938   14.754  -7.162  1.00 160.03 ? 47 GLU B N  1 
ATOM 605 C CA . GLU B 1 52 ? 8.478   14.521  -8.528  1.00 164.26 ? 47 GLU B CA 1 
ATOM 606 C C  . GLU B 1 52 ? 8.469   13.031  -8.855  1.00 148.81 ? 47 GLU B C  1 
ATOM 607 O O  . GLU B 1 52 ? 7.470   12.498  -9.360  1.00 143.00 ? 47 GLU B O  1 
ATOM 608 C CB . GLU B 1 52 ? 9.362   15.279  -9.517  1.00 175.89 ? 47 GLU B CB 1 
ATOM 609 N N  . GLU B 1 53 ? 9.579   12.363  -8.552  1.00 130.54 ? 48 GLU B N  1 
ATOM 610 C CA . GLU B 1 53 ? 9.674   10.921  -8.743  1.00 124.15 ? 48 GLU B CA 1 
ATOM 611 C C  . GLU B 1 53 ? 8.519   10.199  -8.056  1.00 146.76 ? 48 GLU B C  1 
ATOM 612 O O  . GLU B 1 53 ? 7.949   9.253   -8.602  1.00 152.42 ? 48 GLU B O  1 
ATOM 613 C CB . GLU B 1 53 ? 11.002  10.402  -8.200  1.00 112.59 ? 48 GLU B CB 1 
ATOM 614 N N  . ALA B 1 54 ? 8.162   10.672  -6.866  1.00 158.93 ? 49 ALA B N  1 
ATOM 615 C CA . ALA B 1 54 ? 7.156   10.014  -6.040  1.00 167.22 ? 49 ALA B CA 1 
ATOM 616 C C  . ALA B 1 54 ? 5.763   10.283  -6.582  1.00 167.13 ? 49 ALA B C  1 
ATOM 617 O O  . ALA B 1 54 ? 4.911   9.401   -6.573  1.00 163.82 ? 49 ALA B O  1 
ATOM 618 C CB . ALA B 1 54 ? 7.259   10.480  -4.593  1.00 160.40 ? 49 ALA B CB 1 
ATOM 619 N N  . ARG B 1 55 ? 5.536   11.508  -7.042  1.00 167.99 ? 50 ARG B N  1 
ATOM 620 C CA . ARG B 1 55 ? 4.273   11.865  -7.677  1.00 169.80 ? 50 ARG B CA 1 
ATOM 621 C C  . ARG B 1 55 ? 4.052   10.974  -8.893  1.00 156.50 ? 50 ARG B C  1 
ATOM 622 O O  . ARG B 1 55 ? 2.979   10.372  -9.058  1.00 152.33 ? 50 ARG B O  1 
ATOM 623 C CB . ARG B 1 55 ? 4.272   13.340  -8.078  1.00 179.15 ? 50 ARG B CB 1 
ATOM 624 N N  . LYS B 1 56 ? 5.080   10.885  -9.736  1.00 154.24 ? 51 LYS B N  1 
ATOM 625 C CA . LYS B 1 56 ? 5.052   9.968   -10.869 1.00 168.57 ? 51 LYS B CA 1 
ATOM 626 C C  . LYS B 1 56 ? 4.715   8.559   -10.390 1.00 156.25 ? 51 LYS B C  1 
ATOM 627 O O  . LYS B 1 56 ? 3.739   7.950   -10.835 1.00 145.95 ? 51 LYS B O  1 
ATOM 628 C CB . LYS B 1 56 ? 6.397   9.967   -11.599 1.00 179.79 ? 51 LYS B CB 1 
ATOM 629 N N  . ILE B 1 57 ? 5.520   8.057   -9.461  1.00 146.81 ? 52 ILE B N  1 
ATOM 630 C CA . ILE B 1 57 ? 5.339   6.713   -8.927  1.00 142.45 ? 52 ILE B CA 1 
ATOM 631 C C  . ILE B 1 57 ? 3.982   6.542   -8.239  1.00 147.49 ? 52 ILE B C  1 
ATOM 632 O O  . ILE B 1 57 ? 3.460   5.433   -8.180  1.00 148.73 ? 52 ILE B O  1 
ATOM 633 C CB . ILE B 1 57 ? 6.468   6.364   -7.939  1.00 143.54 ? 52 ILE B CB 1 
ATOM 634 N N  . TYR B 1 58 ? 3.403   7.631   -7.739  1.00 145.63 ? 53 TYR B N  1 
ATOM 635 C CA . TYR B 1 58 ? 2.091   7.566   -7.096  1.00 153.32 ? 53 TYR B CA 1 
ATOM 636 C C  . TYR B 1 58 ? 1.015   7.393   -8.151  1.00 158.54 ? 53 TYR B C  1 
ATOM 637 O O  . TYR B 1 58 ? 0.091   6.598   -7.985  1.00 162.44 ? 53 TYR B O  1 
ATOM 638 C CB . TYR B 1 58 ? 1.804   8.821   -6.265  1.00 137.47 ? 53 TYR B CB 1 
ATOM 639 N N  . LYS B 1 59 ? 1.132   8.158   -9.230  1.00 153.40 ? 54 LYS B N  1 
ATOM 640 C CA . LYS B 1 59 ? 0.268   7.970   -10.388 1.00 152.36 ? 54 LYS B CA 1 
ATOM 641 C C  . LYS B 1 59 ? 0.365   6.519   -10.873 1.00 159.27 ? 54 LYS B C  1 
ATOM 642 O O  . LYS B 1 59 ? -0.649  5.804   -10.991 1.00 165.83 ? 54 LYS B O  1 
ATOM 643 C CB . LYS B 1 59 ? 0.663   8.951   -11.495 1.00 154.13 ? 54 LYS B CB 1 
ATOM 644 N N  . GLU B 1 60 ? 1.597   6.082   -11.123 1.00 166.48 ? 55 GLU B N  1 
ATOM 645 C CA . GLU B 1 60 ? 1.846   4.722   -11.581 1.00 178.08 ? 55 GLU B CA 1 
ATOM 646 C C  . GLU B 1 60 ? 1.419   3.695   -10.532 1.00 171.79 ? 55 GLU B C  1 
ATOM 647 O O  . GLU B 1 60 ? 1.011   2.587   -10.875 1.00 171.64 ? 55 GLU B O  1 
ATOM 648 C CB . GLU B 1 60 ? 3.327   4.531   -11.932 1.00 186.38 ? 55 GLU B CB 1 
ATOM 649 N N  . ALA B 1 61 ? 1.500   4.066   -9.257  1.00 166.30 ? 56 ALA B N  1 
ATOM 650 C CA . ALA B 1 61 ? 1.087   3.173   -8.175  1.00 164.84 ? 56 ALA B CA 1 
ATOM 651 C C  . ALA B 1 61 ? -0.430  3.048   -8.188  1.00 167.94 ? 56 ALA B C  1 
ATOM 652 O O  . ALA B 1 61 ? -0.975  1.961   -7.986  1.00 167.91 ? 56 ALA B O  1 
ATOM 653 C CB . ALA B 1 61 ? 1.561   3.697   -6.830  1.00 154.92 ? 56 ALA B CB 1 
ATOM 654 N N  . GLU B 1 62 ? -1.105  4.169   -8.421  1.00 170.75 ? 57 GLU B N  1 
ATOM 655 C CA . GLU B 1 62 ? -2.554  4.175   -8.552  1.00 180.02 ? 57 GLU B CA 1 
ATOM 656 C C  . GLU B 1 62 ? -2.955  3.235   -9.681  1.00 177.95 ? 57 GLU B C  1 
ATOM 657 O O  . GLU B 1 62 ? -3.741  2.309   -9.476  1.00 174.32 ? 57 GLU B O  1 
ATOM 658 C CB . GLU B 1 62 ? -3.077  5.592   -8.797  1.00 20.00  ? 57 GLU B CB 1 
ATOM 659 N N  . LYS B 1 63 ? -2.397  3.467   -10.867 1.00 174.10 ? 58 LYS B N  1 
ATOM 660 C CA . LYS B 1 63 ? -2.671  2.593   -12.010 1.00 163.50 ? 58 LYS B CA 1 
ATOM 661 C C  . LYS B 1 63 ? -2.367  1.115   -11.733 1.00 166.34 ? 58 LYS B C  1 
ATOM 662 O O  . LYS B 1 63 ? -3.187  0.235   -12.016 1.00 162.26 ? 58 LYS B O  1 
ATOM 663 C CB . LYS B 1 63 ? -1.860  3.076   -13.211 1.00 153.68 ? 58 LYS B CB 1 
ATOM 664 N N  . ILE B 1 64 ? -1.188  0.849   -11.178 1.00 169.02 ? 59 ILE B N  1 
ATOM 665 C CA . ILE B 1 64 ? -0.779  -0.515  -10.845 1.00 163.90 ? 59 ILE B CA 1 
ATOM 666 C C  . ILE B 1 64 ? -1.765  -1.180  -9.888  1.00 162.85 ? 59 ILE B C  1 
ATOM 667 O O  . ILE B 1 64 ? -2.108  -2.350  -10.061 1.00 152.72 ? 59 ILE B O  1 
ATOM 668 C CB . ILE B 1 64 ? 0.628   -0.538  -10.214 1.00 163.73 ? 59 ILE B CB 1 
ATOM 669 N N  . ILE B 1 65 ? -2.208  -0.441  -8.875  1.00 167.76 ? 60 ILE B N  1 
ATOM 670 C CA . ILE B 1 65 ? -3.187  -0.965  -7.927  1.00 165.38 ? 60 ILE B CA 1 
ATOM 671 C C  . ILE B 1 65 ? -4.520  -1.210  -8.624  1.00 169.41 ? 60 ILE B C  1 
ATOM 672 O O  . ILE B 1 65 ? -5.211  -2.184  -8.321  1.00 165.98 ? 60 ILE B O  1 
ATOM 673 C CB . ILE B 1 65 ? -3.393  -0.012  -6.732  1.00 150.59 ? 60 ILE B CB 1 
ATOM 674 N N  . ASP B 1 66 ? -4.883  -0.328  -9.553  1.00 176.90 ? 61 ASP B N  1 
ATOM 675 C CA . ASP B 1 66 ? -6.083  -0.539  -10.358 1.00 189.12 ? 61 ASP B CA 1 
ATOM 676 C C  . ASP B 1 66 ? -5.987  -1.871  -11.092 1.00 179.51 ? 61 ASP B C  1 
ATOM 677 O O  . ASP B 1 66 ? -6.873  -2.718  -10.977 1.00 183.59 ? 61 ASP B O  1 
ATOM 678 C CB . ASP B 1 66 ? -6.289  0.596   -11.366 1.00 195.85 ? 61 ASP B CB 1 
ATOM 679 N N  . ARG B 1 67 ? -4.904  -2.054  -11.842 1.00 171.44 ? 62 ARG B N  1 
ATOM 680 C CA . ARG B 1 67 ? -4.698  -3.296  -12.582 1.00 166.76 ? 62 ARG B CA 1 
ATOM 681 C C  . ARG B 1 67 ? -4.579  -4.491  -11.636 1.00 159.54 ? 62 ARG B C  1 
ATOM 682 O O  . ARG B 1 67 ? -4.998  -5.602  -11.968 1.00 141.95 ? 62 ARG B O  1 
ATOM 683 C CB . ARG B 1 67 ? -3.452  -3.194  -13.465 1.00 167.48 ? 62 ARG B CB 1 
ATOM 684 N N  . ALA B 1 68 ? -4.014  -4.260  -10.456 1.00 165.88 ? 63 ALA B N  1 
ATOM 685 C CA . ALA B 1 68 ? -3.900  -5.310  -9.451  1.00 165.19 ? 63 ALA B CA 1 
ATOM 686 C C  . ALA B 1 68 ? -5.291  -5.786  -9.064  1.00 161.48 ? 63 ALA B C  1 
ATOM 687 O O  . ALA B 1 68 ? -5.629  -6.958  -9.235  1.00 148.18 ? 63 ALA B O  1 
ATOM 688 C CB . ALA B 1 68 ? -3.146  -4.808  -8.227  1.00 157.01 ? 63 ALA B CB 1 
ATOM 689 N N  . ASP B 1 69 ? -6.098  -4.860  -8.556  1.00 164.54 ? 64 ASP B N  1 
ATOM 690 C CA . ASP B 1 69 ? -7.471  -5.161  -8.176  1.00 165.90 ? 64 ASP B CA 1 
ATOM 691 C C  . ASP B 1 69 ? -8.267  -5.670  -9.377  1.00 162.91 ? 64 ASP B C  1 
ATOM 692 O O  . ASP B 1 69 ? -9.207  -6.449  -9.220  1.00 153.81 ? 64 ASP B O  1 
ATOM 693 C CB . ASP B 1 69 ? -8.140  -3.924  -7.571  1.00 163.92 ? 64 ASP B CB 1 
ATOM 694 N N  . GLU B 1 70 ? -7.889  -5.235  -10.574 1.00 166.88 ? 65 GLU B N  1 
ATOM 695 C CA . GLU B 1 70 ? -8.490  -5.775  -11.785 1.00 172.70 ? 65 GLU B CA 1 
ATOM 696 C C  . GLU B 1 70 ? -8.162  -7.258  -11.865 1.00 172.27 ? 65 GLU B C  1 
ATOM 697 O O  . GLU B 1 70 ? -9.027  -8.089  -12.154 1.00 178.13 ? 65 GLU B O  1 
ATOM 698 C CB . GLU B 1 70 ? -7.990  -5.038  -13.030 1.00 183.68 ? 65 GLU B CB 1 
ATOM 699 N N  . ILE B 1 71 ? -6.906  -7.593  -11.591 1.00 164.38 ? 66 ILE B N  1 
ATOM 700 C CA . ILE B 1 71 ? -6.488  -8.988  -11.596 1.00 172.50 ? 66 ILE B CA 1 
ATOM 701 C C  . ILE B 1 71 ? -7.130  -9.731  -10.425 1.00 171.84 ? 66 ILE B C  1 
ATOM 702 O O  . ILE B 1 71 ? -7.392  -10.935 -10.509 1.00 166.39 ? 66 ILE B O  1 
ATOM 703 C CB . ILE B 1 71 ? -4.957  -9.121  -11.529 1.00 165.07 ? 66 ILE B CB 1 
ATOM 704 N N  . VAL B 1 72 ? -7.395  -9.016  -9.335  1.00 164.77 ? 67 VAL B N  1 
ATOM 705 C CA . VAL B 1 72 ? -8.103  -9.615  -8.212  1.00 163.76 ? 67 VAL B CA 1 
ATOM 706 C C  . VAL B 1 72 ? -9.520  -9.980  -8.650  1.00 171.85 ? 67 VAL B C  1 
ATOM 707 O O  . VAL B 1 72 ? -10.015 -11.063 -8.340  1.00 172.96 ? 67 VAL B O  1 
ATOM 708 C CB . VAL B 1 72 ? -8.161  -8.680  -6.992  1.00 151.18 ? 67 VAL B CB 1 
ATOM 709 N N  . GLU B 1 73 ? -10.163 -9.072  -9.382  1.00 177.04 ? 68 GLU B N  1 
ATOM 710 C CA . GLU B 1 73 ? -11.478 -9.343  -9.955  1.00 181.60 ? 68 GLU B CA 1 
ATOM 711 C C  . GLU B 1 73 ? -11.382 -10.451 -10.999 1.00 173.93 ? 68 GLU B C  1 
ATOM 712 O O  . GLU B 1 73 ? -12.328 -11.217 -11.194 1.00 168.61 ? 68 GLU B O  1 
ATOM 713 C CB . GLU B 1 73 ? -12.068 -8.075  -10.577 1.00 20.00  ? 68 GLU B CB 1 
ATOM 714 N N  . GLU B 1 74 ? -10.243 -10.513 -11.681 1.00 170.56 ? 69 GLU B N  1 
ATOM 715 C CA . GLU B 1 74 ? -9.975  -11.579 -12.645 1.00 175.70 ? 69 GLU B CA 1 
ATOM 716 C C  . GLU B 1 74 ? -9.845  -12.932 -11.948 1.00 177.79 ? 69 GLU B C  1 
ATOM 717 O O  . GLU B 1 74 ? -10.213 -13.968 -12.503 1.00 178.16 ? 69 GLU B O  1 
ATOM 718 C CB . GLU B 1 74 ? -8.703  -11.270 -13.438 1.00 167.89 ? 69 GLU B CB 1 
ATOM 719 N N  . ALA B 1 75 ? -9.292  -12.918 -10.741 1.00 168.25 ? 70 ALA B N  1 
ATOM 720 C CA . ALA B 1 75 ? -9.225  -14.119 -9.914  1.00 162.49 ? 70 ALA B CA 1 
ATOM 721 C C  . ALA B 1 75 ? -10.553 -14.396 -9.210  1.00 160.34 ? 70 ALA B C  1 
ATOM 722 O O  . ALA B 1 75 ? -10.921 -15.550 -8.994  1.00 167.91 ? 70 ALA B O  1 
ATOM 723 C CB . ALA B 1 75 ? -8.115  -13.986 -8.884  1.00 144.42 ? 70 ALA B CB 1 
ATOM 724 N N  . LYS B 1 76 ? -11.271 -13.335 -8.859  1.00 150.81 ? 71 LYS B N  1 
ATOM 725 C CA . LYS B 1 76 ? -12.441 -13.451 -7.990  1.00 152.67 ? 71 LYS B CA 1 
ATOM 726 C C  . LYS B 1 76 ? -13.667 -14.019 -8.702  1.00 162.60 ? 71 LYS B C  1 
ATOM 727 O O  . LYS B 1 76 ? -14.388 -14.841 -8.131  1.00 154.61 ? 71 LYS B O  1 
ATOM 728 C CB . LYS B 1 76 ? -12.781 -12.082 -7.390  1.00 156.19 ? 71 LYS B CB 1 
ATOM 729 N N  . LYS B 1 77 ? -13.906 -13.581 -9.936  1.00 175.18 ? 72 LYS B N  1 
ATOM 730 C CA . LYS B 1 77 ? -15.122 -13.955 -10.657 1.00 184.96 ? 72 LYS B CA 1 
ATOM 731 C C  . LYS B 1 77 ? -15.279 -15.469 -10.794 1.00 174.83 ? 72 LYS B C  1 
ATOM 732 O O  . LYS B 1 77 ? -16.363 -16.009 -10.571 1.00 169.32 ? 72 LYS B O  1 
ATOM 733 C CB . LYS B 1 77 ? -15.152 -13.295 -12.041 1.00 189.81 ? 72 LYS B CB 1 
ATOM 734 N N  . ARG B 1 78 ? -14.198 -16.155 -11.155 1.00 174.65 ? 73 ARG B N  1 
ATOM 735 C CA . ARG B 1 78 ? -14.218 -17.612 -11.214 1.00 166.33 ? 73 ARG B CA 1 
ATOM 736 C C  . ARG B 1 78 ? -14.386 -18.160 -9.807  1.00 160.96 ? 73 ARG B C  1 
ATOM 737 O O  . ARG B 1 78 ? -13.422 -18.559 -9.154  1.00 161.16 ? 73 ARG B O  1 
ATOM 738 C CB . ARG B 1 78 ? -12.948 -18.149 -11.861 1.00 165.84 ? 73 ARG B CB 1 
ATOM 739 N N  . HIS B 1 79 ? -15.635 -18.177 -9.364  1.00 159.00 ? 74 HIS B N  1 
ATOM 740 C CA . HIS B 1 79 ? -15.968 -18.410 -7.969  1.00 159.89 ? 74 HIS B CA 1 
ATOM 741 C C  . HIS B 1 79 ? -16.363 -19.865 -7.714  1.00 173.86 ? 74 HIS B C  1 
ATOM 742 O O  . HIS B 1 79 ? -16.980 -20.500 -8.568  1.00 180.87 ? 74 HIS B O  1 
ATOM 743 C CB . HIS B 1 79 ? -17.099 -17.462 -7.571  1.00 154.18 ? 74 HIS B CB 1 
ATOM 744 N N  . ASP B 1 80 ? -15.999 -20.385 -6.542  1.00 173.28 ? 75 ASP B N  1 
ATOM 745 C CA . ASP B 1 80 ? -16.348 -21.751 -6.144  1.00 168.67 ? 75 ASP B CA 1 
ATOM 746 C C  . ASP B 1 80 ? -15.891 -22.778 -7.180  1.00 170.80 ? 75 ASP B C  1 
ATOM 747 O O  . ASP B 1 80 ? -16.707 -23.353 -7.899  1.00 175.65 ? 75 ASP B O  1 
ATOM 748 C CB . ASP B 1 80 ? -17.862 -21.878 -5.918  1.00 154.48 ? 75 ASP B CB 1 
# 
